data_2GYY
#
_entry.id   2GYY
#
_cell.length_a   72.479
_cell.length_b   78.686
_cell.length_c   243.410
_cell.angle_alpha   90.000
_cell.angle_beta   90.000
_cell.angle_gamma   90.000
#
_symmetry.space_group_name_H-M   'P 21 21 21'
#
loop_
_entity.id
_entity.type
_entity.pdbx_description
1 polymer 'Aspartate beta-semialdehyde dehydrogenase'
2 water water
#
_entity_poly.entity_id   1
_entity_poly.type   'polypeptide(L)'
_entity_poly.pdbx_seq_one_letter_code
;MGYTVAVVGATGAVGAQMIKMLEESTLPIDKIRYLASARSAGKSLKFKDQDITIEETTETAFEGVDIALFSAGSSTSAKY
APYAVKAGVVVVDNTSYFRQNPDVPLVVPEVNAHALDAHNGIIACPNCSTIQMMVALEPVRQKWGLDRIIVSTYQAVSGA
GMGAILETQRELREVLNDGVKPCDLHAEILPSGGDKKHYPIAFNALPQIDVFTDNDYTYEEMKMTKETKKIMEDDSIAVS
ATCVRIPVLSAHSESVYIETKEVAPIEEVKAAIAAFPGAVLEDDVAHQIYPQAINAVGSRDTFVGRIRKDLDAEKGIHMW
VVSDNLLKGAAWNSVQIAETLHERGLVRPTAELKFELKLEHHHHHH
;
_entity_poly.pdbx_strand_id   A,B,C,D
#
# COMPACT_ATOMS: atom_id res chain seq x y z
N GLY A 2 3.78 37.91 -3.52
CA GLY A 2 3.20 36.86 -4.40
C GLY A 2 3.39 37.21 -5.86
N TYR A 3 2.83 36.36 -6.73
CA TYR A 3 3.08 36.47 -8.16
C TYR A 3 1.87 37.01 -8.89
N THR A 4 2.13 37.68 -10.01
CA THR A 4 1.15 37.85 -11.05
C THR A 4 1.25 36.66 -12.00
N VAL A 5 0.16 35.93 -12.17
CA VAL A 5 0.10 34.76 -13.03
C VAL A 5 -0.90 35.01 -14.14
N ALA A 6 -0.55 34.63 -15.37
CA ALA A 6 -1.47 34.70 -16.49
C ALA A 6 -1.73 33.31 -17.00
N VAL A 7 -2.98 33.05 -17.37
CA VAL A 7 -3.35 31.84 -18.08
C VAL A 7 -3.65 32.28 -19.51
N VAL A 8 -2.86 31.79 -20.47
CA VAL A 8 -3.02 32.12 -21.88
C VAL A 8 -3.78 31.00 -22.58
N GLY A 9 -4.94 31.33 -23.14
CA GLY A 9 -5.88 30.33 -23.61
C GLY A 9 -6.84 29.91 -22.51
N ALA A 10 -7.35 30.90 -21.77
CA ALA A 10 -8.15 30.67 -20.58
C ALA A 10 -9.54 30.10 -20.85
N THR A 11 -10.04 30.29 -22.07
CA THR A 11 -11.41 29.87 -22.42
C THR A 11 -11.52 28.44 -22.93
N GLY A 12 -10.40 27.77 -23.16
CA GLY A 12 -10.47 26.38 -23.59
C GLY A 12 -11.20 25.49 -22.58
N ALA A 13 -11.52 24.26 -22.99
CA ALA A 13 -11.73 23.17 -22.04
C ALA A 13 -10.36 22.86 -21.44
N VAL A 14 -9.31 23.13 -22.22
CA VAL A 14 -7.93 23.05 -21.77
C VAL A 14 -7.65 24.13 -20.70
N GLY A 15 -8.06 25.35 -20.99
CA GLY A 15 -7.93 26.46 -20.05
C GLY A 15 -8.68 26.23 -18.75
N ALA A 16 -9.85 25.60 -18.83
CA ALA A 16 -10.69 25.32 -17.66
C ALA A 16 -9.96 24.43 -16.67
N GLN A 17 -9.28 23.38 -17.17
CA GLN A 17 -8.52 22.49 -16.29
C GLN A 17 -7.31 23.18 -15.67
N MET A 18 -6.67 24.07 -16.43
CA MET A 18 -5.58 24.87 -15.92
C MET A 18 -6.05 25.77 -14.78
N ILE A 19 -7.17 26.43 -14.98
CA ILE A 19 -7.74 27.27 -13.93
C ILE A 19 -8.02 26.45 -12.69
N LYS A 20 -8.61 25.27 -12.87
CA LYS A 20 -8.98 24.42 -11.72
C LYS A 20 -7.75 24.05 -10.88
N MET A 21 -6.67 23.64 -11.53
CA MET A 21 -5.44 23.26 -10.83
C MET A 21 -4.78 24.44 -10.14
N LEU A 22 -4.86 25.62 -10.77
CA LEU A 22 -4.29 26.84 -10.20
C LEU A 22 -5.04 27.27 -8.96
N GLU A 23 -6.37 27.12 -9.01
CA GLU A 23 -7.24 27.48 -7.91
C GLU A 23 -6.92 26.63 -6.68
N GLU A 24 -6.43 25.42 -6.92
CA GLU A 24 -6.14 24.46 -5.85
C GLU A 24 -4.64 24.47 -5.49
N SER A 25 -3.87 25.30 -6.18
CA SER A 25 -2.42 25.41 -5.96
C SER A 25 -2.06 26.12 -4.64
N THR A 26 -0.86 25.82 -4.12
CA THR A 26 -0.26 26.53 -2.98
C THR A 26 0.55 27.76 -3.43
N LEU A 27 0.67 27.96 -4.73
CA LEU A 27 1.41 29.08 -5.30
C LEU A 27 0.84 30.39 -4.74
N PRO A 28 1.68 31.26 -4.18
CA PRO A 28 1.20 32.55 -3.67
C PRO A 28 0.92 33.45 -4.85
N ILE A 29 -0.36 33.67 -5.12
CA ILE A 29 -0.81 34.46 -6.25
C ILE A 29 -1.44 35.74 -5.72
N ASP A 30 -0.86 36.88 -6.08
CA ASP A 30 -1.42 38.19 -5.73
C ASP A 30 -2.38 38.71 -6.79
N LYS A 31 -2.14 38.30 -8.03
CA LYS A 31 -2.91 38.78 -9.18
C LYS A 31 -3.02 37.70 -10.26
N ILE A 32 -4.22 37.54 -10.80
CA ILE A 32 -4.46 36.60 -11.89
C ILE A 32 -4.98 37.38 -13.10
N ARG A 33 -4.49 37.00 -14.28
CA ARG A 33 -4.96 37.53 -15.56
C ARG A 33 -5.29 36.40 -16.51
N TYR A 34 -6.39 36.55 -17.25
CA TYR A 34 -6.82 35.58 -18.24
C TYR A 34 -6.70 36.19 -19.64
N LEU A 35 -5.99 35.50 -20.53
CA LEU A 35 -5.78 35.95 -21.90
C LEU A 35 -6.38 34.92 -22.85
N ALA A 36 -7.04 35.41 -23.90
CA ALA A 36 -7.66 34.55 -24.91
C ALA A 36 -7.82 35.36 -26.21
N SER A 37 -8.72 34.93 -27.10
CA SER A 37 -8.96 35.64 -28.36
C SER A 37 -9.65 36.99 -28.13
N GLY A 42 -13.27 40.75 -22.77
CA GLY A 42 -14.44 41.45 -22.24
C GLY A 42 -15.36 40.54 -21.47
N LYS A 43 -15.43 39.27 -21.87
CA LYS A 43 -16.16 38.23 -21.15
C LYS A 43 -15.51 37.96 -19.77
N SER A 44 -16.15 37.11 -18.98
CA SER A 44 -15.76 36.85 -17.61
C SER A 44 -15.64 35.35 -17.28
N LEU A 45 -14.57 34.99 -16.58
CA LEU A 45 -14.40 33.67 -15.97
C LEU A 45 -13.96 33.83 -14.52
N LYS A 46 -14.36 32.89 -13.67
CA LYS A 46 -13.99 32.90 -12.27
C LYS A 46 -12.54 32.51 -12.02
N PHE A 47 -11.91 33.18 -11.05
CA PHE A 47 -10.80 32.62 -10.30
C PHE A 47 -11.12 32.62 -8.81
N LYS A 48 -11.29 31.43 -8.24
CA LYS A 48 -11.82 31.26 -6.89
C LYS A 48 -13.13 32.05 -6.78
N ASP A 49 -13.22 32.98 -5.83
CA ASP A 49 -14.45 33.77 -5.61
C ASP A 49 -14.59 35.03 -6.49
N GLN A 50 -13.63 35.28 -7.38
CA GLN A 50 -13.58 36.52 -8.16
C GLN A 50 -13.92 36.33 -9.62
N ASP A 51 -14.61 37.31 -10.19
CA ASP A 51 -14.80 37.36 -11.63
C ASP A 51 -13.60 38.06 -12.30
N ILE A 52 -12.92 37.34 -13.17
CA ILE A 52 -11.79 37.90 -13.92
C ILE A 52 -12.20 38.23 -15.36
N THR A 53 -11.95 39.48 -15.78
CA THR A 53 -12.21 39.89 -17.14
C THR A 53 -11.13 39.39 -18.10
N ILE A 54 -11.56 38.67 -19.13
CA ILE A 54 -10.66 38.15 -20.17
C ILE A 54 -10.14 39.30 -21.04
N GLU A 55 -8.82 39.30 -21.26
CA GLU A 55 -8.16 40.23 -22.15
C GLU A 55 -7.63 39.49 -23.37
N GLU A 56 -7.38 40.23 -24.44
CA GLU A 56 -6.87 39.66 -25.67
C GLU A 56 -5.36 39.38 -25.53
N THR A 57 -4.94 38.21 -25.97
CA THR A 57 -3.53 37.85 -26.00
C THR A 57 -2.84 38.72 -27.05
N THR A 58 -1.84 39.51 -26.62
CA THR A 58 -1.04 40.29 -27.56
C THR A 58 0.43 40.32 -27.14
N GLU A 59 1.25 40.95 -27.97
CA GLU A 59 2.69 41.09 -27.75
C GLU A 59 2.97 41.92 -26.50
N THR A 60 2.03 42.79 -26.14
CA THR A 60 2.21 43.74 -25.03
C THR A 60 1.36 43.41 -23.80
N ALA A 61 0.75 42.23 -23.77
CA ALA A 61 -0.16 41.87 -22.69
C ALA A 61 0.51 41.18 -21.51
N PHE A 62 1.84 41.12 -21.49
CA PHE A 62 2.57 40.33 -20.48
C PHE A 62 3.36 41.18 -19.49
N GLU A 63 3.21 42.49 -19.57
CA GLU A 63 3.94 43.42 -18.70
C GLU A 63 3.56 43.18 -17.23
N GLY A 64 4.57 43.03 -16.38
CA GLY A 64 4.36 42.81 -14.95
C GLY A 64 3.95 41.39 -14.57
N VAL A 65 3.94 40.48 -15.54
CA VAL A 65 3.59 39.09 -15.30
C VAL A 65 4.86 38.31 -14.89
N ASP A 66 4.77 37.52 -13.82
CA ASP A 66 5.88 36.69 -13.37
C ASP A 66 5.86 35.30 -13.98
N ILE A 67 4.68 34.71 -14.05
CA ILE A 67 4.51 33.37 -14.59
C ILE A 67 3.33 33.36 -15.56
N ALA A 68 3.52 32.71 -16.70
CA ALA A 68 2.46 32.50 -17.68
C ALA A 68 2.32 31.02 -17.98
N LEU A 69 1.14 30.47 -17.72
CA LEU A 69 0.80 29.11 -18.10
C LEU A 69 0.01 29.16 -19.40
N PHE A 70 0.61 28.69 -20.48
CA PHE A 70 -0.07 28.60 -21.77
C PHE A 70 -0.94 27.34 -21.80
N SER A 71 -2.12 27.45 -22.39
CA SER A 71 -3.07 26.35 -22.48
C SER A 71 -3.85 26.41 -23.80
N ALA A 72 -3.22 26.99 -24.83
CA ALA A 72 -3.85 27.11 -26.14
C ALA A 72 -3.16 26.13 -27.10
N GLY A 73 -2.94 26.54 -28.34
CA GLY A 73 -2.27 25.70 -29.33
C GLY A 73 -0.88 26.19 -29.65
N SER A 74 -0.21 25.42 -30.50
CA SER A 74 1.17 25.69 -30.95
C SER A 74 1.38 27.08 -31.52
N SER A 75 0.42 27.55 -32.32
CA SER A 75 0.56 28.85 -32.98
C SER A 75 0.60 29.97 -31.93
N THR A 76 -0.25 29.87 -30.91
CA THR A 76 -0.26 30.84 -29.81
C THR A 76 1.04 30.84 -28.99
N SER A 77 1.64 29.67 -28.78
CA SER A 77 2.91 29.57 -28.05
C SER A 77 4.08 30.11 -28.87
N ALA A 78 4.13 29.73 -30.14
CA ALA A 78 5.19 30.15 -31.05
C ALA A 78 5.21 31.67 -31.19
N LYS A 79 4.01 32.25 -31.25
CA LYS A 79 3.86 33.68 -31.48
C LYS A 79 4.05 34.52 -30.22
N TYR A 80 3.54 34.07 -29.08
CA TYR A 80 3.48 34.95 -27.91
C TYR A 80 4.40 34.61 -26.74
N ALA A 81 4.83 33.35 -26.63
CA ALA A 81 5.75 32.96 -25.55
C ALA A 81 7.07 33.72 -25.59
N PRO A 82 7.67 33.94 -26.76
CA PRO A 82 8.90 34.74 -26.85
C PRO A 82 8.75 36.18 -26.36
N TYR A 83 7.60 36.80 -26.64
CA TYR A 83 7.32 38.14 -26.14
C TYR A 83 7.10 38.17 -24.62
N ALA A 84 6.56 37.08 -24.06
CA ALA A 84 6.44 36.98 -22.60
C ALA A 84 7.82 36.93 -21.96
N VAL A 85 8.73 36.16 -22.56
CA VAL A 85 10.11 36.04 -22.05
C VAL A 85 10.82 37.41 -22.09
N LYS A 86 10.59 38.16 -23.16
CA LYS A 86 11.18 39.48 -23.33
C LYS A 86 10.64 40.48 -22.29
N ALA A 87 9.40 40.26 -21.86
CA ALA A 87 8.76 41.10 -20.84
C ALA A 87 9.12 40.73 -19.39
N GLY A 88 9.92 39.68 -19.21
CA GLY A 88 10.38 39.28 -17.89
C GLY A 88 9.67 38.08 -17.28
N VAL A 89 8.83 37.41 -18.07
CA VAL A 89 8.00 36.29 -17.62
C VAL A 89 8.77 34.97 -17.65
N VAL A 90 8.38 34.03 -16.79
CA VAL A 90 8.73 32.63 -16.97
C VAL A 90 7.49 31.92 -17.49
N VAL A 91 7.62 31.28 -18.65
CA VAL A 91 6.53 30.61 -19.34
C VAL A 91 6.60 29.11 -19.08
N VAL A 92 5.46 28.54 -18.72
CA VAL A 92 5.28 27.09 -18.73
C VAL A 92 4.39 26.80 -19.92
N ASP A 93 4.92 26.13 -20.95
CA ASP A 93 4.17 25.91 -22.18
C ASP A 93 3.60 24.51 -22.22
N ASN A 94 2.36 24.42 -22.69
CA ASN A 94 1.62 23.17 -22.73
C ASN A 94 1.82 22.38 -24.01
N THR A 95 2.20 23.06 -25.09
CA THR A 95 2.22 22.45 -26.42
C THR A 95 3.53 21.73 -26.68
N SER A 96 3.59 21.07 -27.82
CA SER A 96 4.81 20.40 -28.27
C SER A 96 5.84 21.34 -28.88
N TYR A 97 5.47 22.61 -29.09
CA TYR A 97 6.27 23.53 -29.89
C TYR A 97 7.73 23.69 -29.45
N PHE A 98 7.94 23.85 -28.15
CA PHE A 98 9.27 24.11 -27.60
C PHE A 98 9.94 22.89 -26.99
N ARG A 99 9.26 21.75 -26.95
CA ARG A 99 9.74 20.57 -26.20
C ARG A 99 11.14 20.07 -26.60
N GLN A 100 11.49 20.17 -27.88
CA GLN A 100 12.76 19.64 -28.39
C GLN A 100 13.81 20.72 -28.63
N ASN A 101 13.52 21.94 -28.17
CA ASN A 101 14.48 23.04 -28.22
C ASN A 101 15.54 22.84 -27.13
N PRO A 102 16.83 22.81 -27.47
CA PRO A 102 17.89 22.58 -26.47
C PRO A 102 18.00 23.63 -25.36
N ASP A 103 17.42 24.82 -25.57
CA ASP A 103 17.38 25.89 -24.56
C ASP A 103 16.18 25.77 -23.62
N VAL A 104 15.39 24.72 -23.79
CA VAL A 104 14.13 24.59 -23.07
C VAL A 104 14.12 23.29 -22.29
N PRO A 105 14.07 23.39 -20.97
CA PRO A 105 13.81 22.21 -20.12
C PRO A 105 12.43 21.60 -20.37
N LEU A 106 12.40 20.28 -20.52
CA LEU A 106 11.20 19.48 -20.69
C LEU A 106 11.03 18.66 -19.42
N VAL A 107 10.05 19.03 -18.59
CA VAL A 107 10.08 18.65 -17.18
C VAL A 107 8.86 17.89 -16.69
N VAL A 108 9.11 16.80 -15.98
CA VAL A 108 8.15 16.16 -15.09
C VAL A 108 8.76 16.34 -13.71
N PRO A 109 8.18 17.20 -12.86
CA PRO A 109 8.84 17.60 -11.60
C PRO A 109 9.38 16.48 -10.70
N GLU A 110 8.77 15.31 -10.71
CA GLU A 110 9.23 14.21 -9.87
C GLU A 110 10.48 13.56 -10.45
N VAL A 111 10.74 13.79 -11.72
CA VAL A 111 11.80 13.09 -12.44
C VAL A 111 13.05 13.94 -12.65
N ASN A 112 12.89 15.13 -13.25
CA ASN A 112 14.01 15.98 -13.64
C ASN A 112 13.82 17.46 -13.27
N ALA A 113 13.38 17.71 -12.05
CA ALA A 113 13.27 19.07 -11.52
C ALA A 113 14.59 19.85 -11.64
N HIS A 114 15.72 19.16 -11.51
CA HIS A 114 17.05 19.81 -11.61
C HIS A 114 17.26 20.52 -12.96
N ALA A 115 16.61 20.03 -14.02
CA ALA A 115 16.69 20.63 -15.35
C ALA A 115 16.06 22.04 -15.43
N LEU A 116 15.20 22.36 -14.47
CA LEU A 116 14.63 23.71 -14.35
C LEU A 116 15.67 24.79 -14.07
N ASP A 117 16.75 24.44 -13.38
CA ASP A 117 17.72 25.43 -12.88
C ASP A 117 18.37 26.28 -13.97
N ALA A 118 18.61 25.68 -15.13
CA ALA A 118 19.25 26.39 -16.24
C ALA A 118 18.25 26.95 -17.25
N HIS A 119 16.97 27.09 -16.88
CA HIS A 119 15.97 27.58 -17.84
C HIS A 119 16.26 28.99 -18.37
N ASN A 120 15.77 29.22 -19.59
CA ASN A 120 15.91 30.49 -20.32
C ASN A 120 14.56 31.19 -20.54
N GLY A 121 13.59 30.89 -19.67
CA GLY A 121 12.33 31.61 -19.63
C GLY A 121 11.15 30.79 -20.14
N ILE A 122 11.42 29.63 -20.73
CA ILE A 122 10.39 28.69 -21.17
C ILE A 122 10.70 27.29 -20.65
N ILE A 123 9.74 26.70 -19.95
CA ILE A 123 9.78 25.30 -19.60
C ILE A 123 8.61 24.66 -20.33
N ALA A 124 8.86 23.54 -21.00
CA ALA A 124 7.81 22.81 -21.71
C ALA A 124 7.25 21.66 -20.87
N CYS A 125 5.93 21.58 -20.81
CA CYS A 125 5.22 20.43 -20.30
C CYS A 125 5.27 19.34 -21.36
N PRO A 126 5.65 18.12 -21.01
CA PRO A 126 5.66 17.03 -21.99
C PRO A 126 4.28 16.55 -22.41
N ASN A 127 4.28 15.71 -23.44
CA ASN A 127 3.14 14.96 -23.92
C ASN A 127 2.52 14.11 -22.79
N CYS A 128 1.19 14.08 -22.74
CA CYS A 128 0.47 13.39 -21.67
C CYS A 128 0.83 11.91 -21.52
N SER A 129 0.85 11.18 -22.62
CA SER A 129 1.18 9.76 -22.57
C SER A 129 2.61 9.54 -22.04
N THR A 130 3.51 10.46 -22.35
CA THR A 130 4.90 10.39 -21.90
C THR A 130 5.04 10.65 -20.39
N ILE A 131 4.33 11.65 -19.89
CA ILE A 131 4.42 12.03 -18.48
C ILE A 131 4.16 10.88 -17.52
N GLN A 132 3.04 10.19 -17.72
CA GLN A 132 2.64 9.10 -16.82
C GLN A 132 3.61 7.92 -16.91
N MET A 133 4.17 7.70 -18.09
CA MET A 133 5.17 6.66 -18.23
C MET A 133 6.44 7.02 -17.44
N MET A 134 6.81 8.29 -17.44
CA MET A 134 8.03 8.74 -16.73
C MET A 134 7.87 8.67 -15.20
N VAL A 135 6.66 8.94 -14.70
CA VAL A 135 6.38 8.85 -13.26
C VAL A 135 6.50 7.39 -12.79
N ALA A 136 5.99 6.47 -13.59
CA ALA A 136 6.02 5.05 -13.24
C ALA A 136 7.42 4.45 -13.34
N LEU A 137 8.21 4.93 -14.30
CA LEU A 137 9.49 4.28 -14.62
C LEU A 137 10.70 4.88 -13.92
N GLU A 138 10.63 6.15 -13.52
CA GLU A 138 11.78 6.78 -12.88
C GLU A 138 12.23 6.08 -11.58
N PRO A 139 11.32 5.68 -10.68
CA PRO A 139 11.73 4.95 -9.47
C PRO A 139 12.46 3.64 -9.76
N VAL A 140 12.09 2.99 -10.86
CA VAL A 140 12.76 1.78 -11.34
C VAL A 140 14.16 2.11 -11.90
N ARG A 141 14.24 3.13 -12.75
CA ARG A 141 15.48 3.56 -13.40
C ARG A 141 16.58 3.97 -12.40
N GLN A 142 16.21 4.65 -11.32
CA GLN A 142 17.20 5.18 -10.40
C GLN A 142 17.82 4.07 -9.51
N LYS A 143 17.14 2.93 -9.37
CA LYS A 143 17.66 1.79 -8.61
C LYS A 143 18.27 0.69 -9.48
N TRP A 144 17.67 0.42 -10.64
CA TRP A 144 18.11 -0.69 -11.48
C TRP A 144 18.47 -0.33 -12.93
N GLY A 145 18.23 0.92 -13.32
CA GLY A 145 18.54 1.39 -14.66
C GLY A 145 17.48 1.01 -15.69
N LEU A 146 17.60 1.60 -16.88
CA LEU A 146 16.66 1.35 -17.98
C LEU A 146 17.44 1.23 -19.29
N ASP A 147 17.27 0.09 -19.96
CA ASP A 147 17.92 -0.17 -21.24
C ASP A 147 16.96 0.07 -22.39
N ARG A 148 15.73 -0.40 -22.25
CA ARG A 148 14.72 -0.23 -23.30
C ARG A 148 13.30 -0.19 -22.78
N ILE A 149 12.41 0.27 -23.64
CA ILE A 149 10.98 0.40 -23.39
C ILE A 149 10.22 0.07 -24.67
N ILE A 150 9.19 -0.75 -24.54
CA ILE A 150 8.18 -0.92 -25.58
C ILE A 150 6.84 -0.60 -24.94
N VAL A 151 6.06 0.28 -25.57
CA VAL A 151 4.78 0.70 -25.01
C VAL A 151 3.67 0.62 -26.05
N SER A 152 2.53 0.15 -25.59
CA SER A 152 1.30 0.17 -26.36
C SER A 152 0.27 0.92 -25.51
N THR A 153 -0.29 2.00 -26.06
CA THR A 153 -1.19 2.86 -25.32
C THR A 153 -2.66 2.63 -25.68
N TYR A 154 -3.51 3.04 -24.75
CA TYR A 154 -4.95 2.91 -24.83
C TYR A 154 -5.48 4.29 -24.45
N GLN A 155 -5.54 5.19 -25.41
CA GLN A 155 -5.73 6.62 -25.13
C GLN A 155 -7.18 7.10 -25.28
N ALA A 156 -7.60 7.88 -24.28
CA ALA A 156 -8.88 8.58 -24.25
C ALA A 156 -8.99 9.70 -25.27
N VAL A 157 -10.21 10.03 -25.64
CA VAL A 157 -10.47 11.01 -26.70
C VAL A 157 -10.39 12.47 -26.22
N SER A 158 -10.45 12.71 -24.91
CA SER A 158 -10.35 14.08 -24.39
C SER A 158 -9.00 14.74 -24.70
N GLY A 159 -8.00 13.93 -25.02
CA GLY A 159 -6.71 14.43 -25.46
C GLY A 159 -6.75 15.10 -26.83
N ALA A 160 -7.75 14.75 -27.64
CA ALA A 160 -7.98 15.40 -28.93
C ALA A 160 -8.92 16.59 -28.81
N GLY A 161 -9.46 16.84 -27.62
CA GLY A 161 -10.23 18.05 -27.35
C GLY A 161 -11.72 17.82 -27.17
N MET A 162 -12.43 18.89 -26.86
CA MET A 162 -13.87 18.85 -26.59
C MET A 162 -14.68 18.34 -27.77
N GLY A 163 -14.31 18.74 -28.98
CA GLY A 163 -14.96 18.26 -30.19
C GLY A 163 -14.90 16.75 -30.34
N ALA A 164 -13.75 16.18 -30.00
CA ALA A 164 -13.56 14.73 -30.07
C ALA A 164 -14.43 13.98 -29.04
N ILE A 165 -14.59 14.57 -27.86
CA ILE A 165 -15.49 14.04 -26.83
C ILE A 165 -16.93 14.04 -27.32
N LEU A 166 -17.38 15.15 -27.90
CA LEU A 166 -18.77 15.28 -28.33
C LEU A 166 -19.07 14.34 -29.48
N GLU A 167 -18.07 14.12 -30.33
CA GLU A 167 -18.19 13.22 -31.46
C GLU A 167 -18.34 11.78 -31.00
N THR A 168 -17.64 11.44 -29.90
CA THR A 168 -17.64 10.08 -29.37
C THR A 168 -18.97 9.77 -28.74
N GLN A 169 -19.50 10.72 -27.97
CA GLN A 169 -20.80 10.60 -27.34
C GLN A 169 -21.94 10.53 -28.37
N ARG A 170 -21.84 11.33 -29.42
CA ARG A 170 -22.83 11.35 -30.50
C ARG A 170 -22.87 10.02 -31.23
N GLU A 171 -21.69 9.50 -31.59
CA GLU A 171 -21.59 8.25 -32.33
C GLU A 171 -22.16 7.12 -31.48
N LEU A 172 -21.82 7.08 -30.21
CA LEU A 172 -22.30 6.03 -29.32
C LEU A 172 -23.81 6.09 -29.14
N ARG A 173 -24.37 7.30 -29.06
CA ARG A 173 -25.82 7.47 -28.95
C ARG A 173 -26.54 7.06 -30.24
N GLU A 174 -25.94 7.36 -31.39
CA GLU A 174 -26.52 6.95 -32.66
C GLU A 174 -26.57 5.43 -32.77
N VAL A 175 -25.55 4.74 -32.27
CA VAL A 175 -25.56 3.27 -32.29
C VAL A 175 -26.58 2.70 -31.30
N LEU A 176 -26.50 3.14 -30.05
CA LEU A 176 -27.32 2.57 -28.97
C LEU A 176 -28.77 3.06 -28.91
N ASN A 177 -29.01 4.31 -29.33
CA ASN A 177 -30.36 4.89 -29.26
C ASN A 177 -31.12 4.81 -30.59
N ASP A 178 -30.40 4.95 -31.71
CA ASP A 178 -31.01 4.96 -33.05
C ASP A 178 -30.71 3.72 -33.89
N GLY A 179 -29.92 2.79 -33.35
CA GLY A 179 -29.63 1.54 -34.02
C GLY A 179 -28.73 1.62 -35.24
N VAL A 180 -27.95 2.69 -35.36
CA VAL A 180 -27.00 2.83 -36.47
C VAL A 180 -25.83 1.86 -36.29
N LYS A 181 -25.39 1.24 -37.38
CA LYS A 181 -24.21 0.36 -37.35
C LYS A 181 -22.93 1.20 -37.27
N PRO A 182 -21.93 0.73 -36.52
CA PRO A 182 -20.68 1.48 -36.37
C PRO A 182 -19.99 1.89 -37.67
N CYS A 183 -19.99 1.01 -38.67
CA CYS A 183 -19.35 1.32 -39.96
C CYS A 183 -20.15 2.32 -40.82
N ASP A 184 -21.42 2.53 -40.49
CA ASP A 184 -22.25 3.56 -41.14
C ASP A 184 -22.14 4.94 -40.47
N LEU A 185 -21.39 5.05 -39.38
CA LEU A 185 -21.21 6.33 -38.69
C LEU A 185 -20.39 7.32 -39.50
N HIS A 186 -20.73 8.60 -39.33
CA HIS A 186 -20.03 9.72 -39.95
C HIS A 186 -19.12 10.33 -38.89
N ALA A 187 -17.85 10.49 -39.21
CA ALA A 187 -16.87 11.07 -38.30
C ALA A 187 -16.24 12.28 -38.95
N GLU A 188 -15.93 13.30 -38.14
CA GLU A 188 -15.34 14.55 -38.63
C GLU A 188 -13.98 14.90 -38.03
N ILE A 189 -13.61 14.29 -36.90
CA ILE A 189 -12.42 14.69 -36.13
C ILE A 189 -11.41 13.55 -35.96
N LEU A 190 -11.83 12.48 -35.30
CA LEU A 190 -10.91 11.38 -35.00
C LEU A 190 -10.61 10.64 -36.31
N PRO A 191 -9.44 10.00 -36.43
CA PRO A 191 -8.39 9.97 -35.41
C PRO A 191 -7.63 11.28 -35.20
N SER A 192 -7.54 12.13 -36.22
CA SER A 192 -6.79 13.39 -36.15
C SER A 192 -7.45 14.50 -36.96
N GLY A 193 -7.83 15.57 -36.28
CA GLY A 193 -8.53 16.70 -36.89
C GLY A 193 -7.82 17.31 -38.08
N GLY A 194 -6.49 17.31 -38.06
CA GLY A 194 -5.69 17.88 -39.14
C GLY A 194 -5.29 16.95 -40.26
N ASP A 195 -5.77 15.70 -40.23
CA ASP A 195 -5.51 14.72 -41.29
C ASP A 195 -6.73 14.63 -42.22
N LYS A 196 -6.56 13.95 -43.35
CA LYS A 196 -7.52 13.99 -44.46
C LYS A 196 -8.79 13.16 -44.24
N LYS A 197 -8.63 11.97 -43.67
CA LYS A 197 -9.71 11.02 -43.52
C LYS A 197 -10.06 10.86 -42.06
N HIS A 198 -11.34 10.59 -41.81
CA HIS A 198 -11.86 10.47 -40.46
C HIS A 198 -12.69 9.19 -40.35
N TYR A 199 -12.57 8.56 -39.19
CA TYR A 199 -13.15 7.25 -38.91
C TYR A 199 -13.90 7.25 -37.59
N PRO A 200 -14.93 6.42 -37.47
CA PRO A 200 -15.64 6.27 -36.19
C PRO A 200 -14.75 5.71 -35.10
N ILE A 201 -14.89 6.23 -33.88
CA ILE A 201 -14.22 5.67 -32.70
C ILE A 201 -15.14 4.73 -31.90
N ALA A 202 -16.46 4.90 -32.04
CA ALA A 202 -17.42 4.11 -31.26
C ALA A 202 -17.28 2.63 -31.59
N PHE A 203 -17.15 1.81 -30.54
CA PHE A 203 -16.91 0.38 -30.66
C PHE A 203 -15.75 0.03 -31.60
N ASN A 204 -14.71 0.86 -31.57
CA ASN A 204 -13.55 0.74 -32.45
C ASN A 204 -12.25 0.95 -31.67
N ALA A 205 -11.14 0.58 -32.29
CA ALA A 205 -9.81 0.95 -31.80
C ALA A 205 -9.00 1.41 -32.99
N LEU A 206 -8.52 2.65 -32.92
CA LEU A 206 -7.88 3.34 -34.03
C LEU A 206 -6.38 3.49 -33.75
N PRO A 207 -5.53 2.76 -34.46
CA PRO A 207 -4.09 2.83 -34.23
C PRO A 207 -3.45 4.03 -34.94
N GLN A 208 -4.01 5.22 -34.73
CA GLN A 208 -3.42 6.46 -35.16
C GLN A 208 -3.77 7.59 -34.19
N ILE A 209 -2.73 8.19 -33.63
CA ILE A 209 -2.85 9.43 -32.88
C ILE A 209 -1.84 10.40 -33.49
N ASP A 210 -2.33 11.61 -33.81
CA ASP A 210 -1.58 12.58 -34.58
C ASP A 210 -1.41 12.02 -36.01
N VAL A 211 -0.51 12.62 -36.79
CA VAL A 211 -0.32 12.26 -38.20
C VAL A 211 0.92 11.40 -38.37
N PHE A 212 1.07 10.76 -39.53
CA PHE A 212 2.19 9.87 -39.77
C PHE A 212 3.47 10.63 -40.11
N THR A 213 4.60 10.15 -39.58
CA THR A 213 5.92 10.67 -39.93
C THR A 213 6.53 9.76 -40.97
N ASP A 214 7.63 10.20 -41.58
CA ASP A 214 8.29 9.47 -42.64
C ASP A 214 8.75 8.05 -42.34
N ASN A 215 8.90 7.70 -41.06
CA ASN A 215 9.33 6.34 -40.66
C ASN A 215 8.18 5.39 -40.33
N ASP A 216 6.96 5.82 -40.64
CA ASP A 216 5.73 5.06 -40.46
C ASP A 216 5.23 4.90 -39.02
N TYR A 217 5.95 5.49 -38.06
CA TYR A 217 5.41 5.79 -36.74
C TYR A 217 4.71 7.13 -36.84
N THR A 218 3.72 7.38 -35.97
CA THR A 218 3.06 8.68 -35.91
C THR A 218 3.86 9.61 -35.02
N TYR A 219 3.46 10.88 -35.02
CA TYR A 219 4.10 11.89 -34.20
C TYR A 219 3.91 11.61 -32.72
N GLU A 220 2.74 11.11 -32.36
CA GLU A 220 2.48 10.75 -30.97
C GLU A 220 3.49 9.72 -30.48
N GLU A 221 3.69 8.69 -31.30
CA GLU A 221 4.64 7.62 -30.98
C GLU A 221 6.09 8.16 -30.88
N MET A 222 6.47 8.99 -31.84
CA MET A 222 7.82 9.57 -31.86
C MET A 222 8.03 10.54 -30.71
N LYS A 223 6.98 11.21 -30.27
CA LYS A 223 7.06 12.10 -29.11
C LYS A 223 7.40 11.30 -27.86
N MET A 224 6.74 10.16 -27.67
CA MET A 224 7.07 9.28 -26.55
C MET A 224 8.56 8.89 -26.55
N THR A 225 9.10 8.64 -27.74
CA THR A 225 10.50 8.23 -27.90
C THR A 225 11.46 9.37 -27.54
N LYS A 226 11.25 10.51 -28.18
CA LYS A 226 12.16 11.64 -28.08
C LYS A 226 12.03 12.36 -26.75
N GLU A 227 10.82 12.43 -26.22
CA GLU A 227 10.60 13.13 -24.97
C GLU A 227 11.16 12.32 -23.81
N THR A 228 11.02 10.99 -23.89
CA THR A 228 11.59 10.12 -22.87
C THR A 228 13.10 10.31 -22.79
N LYS A 229 13.77 10.25 -23.94
CA LYS A 229 15.21 10.48 -24.02
C LYS A 229 15.65 11.81 -23.38
N LYS A 230 14.91 12.89 -23.62
CA LYS A 230 15.24 14.22 -23.08
C LYS A 230 14.99 14.33 -21.57
N ILE A 231 13.86 13.81 -21.10
CA ILE A 231 13.46 13.91 -19.71
C ILE A 231 14.43 13.14 -18.82
N MET A 232 14.75 11.92 -19.23
CA MET A 232 15.68 11.07 -18.48
C MET A 232 17.14 11.32 -18.83
N GLU A 233 17.39 12.24 -19.76
CA GLU A 233 18.72 12.68 -20.15
C GLU A 233 19.62 11.50 -20.51
N ASP A 234 19.14 10.69 -21.45
CA ASP A 234 19.86 9.51 -21.88
C ASP A 234 19.34 9.09 -23.23
N ASP A 235 20.08 9.44 -24.28
CA ASP A 235 19.70 9.09 -25.64
C ASP A 235 19.89 7.60 -25.95
N SER A 236 20.58 6.87 -25.07
CA SER A 236 20.78 5.42 -25.25
C SER A 236 19.58 4.56 -24.82
N ILE A 237 18.55 5.16 -24.23
CA ILE A 237 17.34 4.41 -23.89
C ILE A 237 16.57 4.15 -25.19
N ALA A 238 16.44 2.87 -25.54
CA ALA A 238 15.68 2.48 -26.71
C ALA A 238 14.19 2.53 -26.36
N VAL A 239 13.43 3.30 -27.14
CA VAL A 239 11.98 3.46 -26.94
C VAL A 239 11.22 3.34 -28.27
N SER A 240 10.28 2.40 -28.34
CA SER A 240 9.34 2.29 -29.45
C SER A 240 7.93 2.21 -28.91
N ALA A 241 7.00 2.88 -29.59
CA ALA A 241 5.61 3.00 -29.14
C ALA A 241 4.59 2.72 -30.24
N THR A 242 3.44 2.19 -29.82
CA THR A 242 2.24 2.11 -30.63
C THR A 242 1.13 2.84 -29.89
N CYS A 243 0.58 3.88 -30.49
CA CYS A 243 -0.42 4.72 -29.84
C CYS A 243 -1.79 4.52 -30.48
N VAL A 244 -2.73 4.02 -29.68
CA VAL A 244 -4.06 3.65 -30.17
C VAL A 244 -5.13 4.43 -29.40
N ARG A 245 -6.10 4.99 -30.13
CA ARG A 245 -7.29 5.62 -29.52
C ARG A 245 -8.39 4.60 -29.30
N ILE A 246 -8.98 4.61 -28.12
CA ILE A 246 -10.10 3.72 -27.79
C ILE A 246 -11.29 4.55 -27.25
N PRO A 247 -12.49 3.96 -27.17
CA PRO A 247 -13.69 4.68 -26.72
C PRO A 247 -13.73 4.96 -25.21
N VAL A 248 -12.81 5.79 -24.75
CA VAL A 248 -12.71 6.21 -23.35
C VAL A 248 -12.69 7.72 -23.42
N LEU A 249 -13.48 8.40 -22.58
CA LEU A 249 -13.52 9.85 -22.60
C LEU A 249 -12.29 10.46 -21.92
N SER A 250 -11.92 9.93 -20.75
CA SER A 250 -10.82 10.47 -19.95
C SER A 250 -9.95 9.39 -19.35
N ALA A 251 -8.66 9.70 -19.28
CA ALA A 251 -7.60 8.85 -18.71
C ALA A 251 -7.00 7.89 -19.72
N HIS A 252 -5.68 8.00 -19.93
CA HIS A 252 -4.90 7.07 -20.75
C HIS A 252 -4.40 5.91 -19.94
N SER A 253 -4.35 4.75 -20.56
CA SER A 253 -3.78 3.55 -19.99
C SER A 253 -2.66 3.09 -20.88
N GLU A 254 -1.66 2.43 -20.31
CA GLU A 254 -0.48 2.04 -21.05
C GLU A 254 0.00 0.67 -20.62
N SER A 255 0.16 -0.22 -21.59
CA SER A 255 0.88 -1.46 -21.40
C SER A 255 2.37 -1.20 -21.67
N VAL A 256 3.17 -1.24 -20.60
CA VAL A 256 4.58 -0.89 -20.67
C VAL A 256 5.49 -2.10 -20.38
N TYR A 257 6.39 -2.34 -21.32
CA TYR A 257 7.44 -3.33 -21.15
C TYR A 257 8.78 -2.61 -21.03
N ILE A 258 9.56 -2.94 -20.00
CA ILE A 258 10.94 -2.48 -19.90
C ILE A 258 11.94 -3.64 -19.80
N GLU A 259 13.19 -3.32 -20.06
CA GLU A 259 14.31 -4.15 -19.63
C GLU A 259 15.24 -3.22 -18.85
N THR A 260 15.52 -3.59 -17.60
CA THR A 260 16.40 -2.84 -16.73
C THR A 260 17.85 -3.21 -17.01
N LYS A 261 18.78 -2.44 -16.45
CA LYS A 261 20.21 -2.73 -16.60
C LYS A 261 20.68 -3.81 -15.61
N GLU A 262 19.93 -3.92 -14.53
CA GLU A 262 20.20 -4.84 -13.43
C GLU A 262 18.88 -5.51 -13.07
N VAL A 263 18.94 -6.80 -12.73
CA VAL A 263 17.72 -7.53 -12.37
C VAL A 263 17.04 -6.86 -11.18
N ALA A 264 15.78 -6.52 -11.35
CA ALA A 264 15.03 -5.78 -10.35
C ALA A 264 13.96 -6.72 -9.77
N PRO A 265 14.14 -7.17 -8.52
CA PRO A 265 13.14 -8.07 -7.92
C PRO A 265 11.79 -7.38 -7.89
N ILE A 266 10.73 -8.09 -8.28
CA ILE A 266 9.41 -7.49 -8.44
C ILE A 266 8.87 -6.89 -7.13
N GLU A 267 9.20 -7.50 -5.99
CA GLU A 267 8.73 -6.99 -4.70
C GLU A 267 9.37 -5.63 -4.42
N GLU A 268 10.62 -5.48 -4.84
CA GLU A 268 11.36 -4.23 -4.65
C GLU A 268 10.90 -3.15 -5.64
N VAL A 269 10.53 -3.57 -6.85
CA VAL A 269 10.01 -2.65 -7.87
C VAL A 269 8.68 -2.09 -7.38
N LYS A 270 7.80 -2.97 -6.90
CA LYS A 270 6.54 -2.57 -6.27
C LYS A 270 6.73 -1.56 -5.14
N ALA A 271 7.69 -1.83 -4.25
CA ALA A 271 7.95 -0.94 -3.11
C ALA A 271 8.52 0.41 -3.54
N ALA A 272 9.36 0.40 -4.57
CA ALA A 272 9.99 1.61 -5.08
C ALA A 272 8.96 2.55 -5.74
N ILE A 273 8.07 1.97 -6.53
CA ILE A 273 7.00 2.75 -7.16
C ILE A 273 6.03 3.30 -6.10
N ALA A 274 5.70 2.48 -5.11
CA ALA A 274 4.83 2.92 -4.01
C ALA A 274 5.43 4.09 -3.23
N ALA A 275 6.75 4.10 -3.05
CA ALA A 275 7.43 5.18 -2.32
C ALA A 275 7.67 6.45 -3.16
N PHE A 276 7.52 6.36 -4.48
CA PHE A 276 7.86 7.47 -5.36
C PHE A 276 6.77 8.55 -5.39
N PRO A 277 7.15 9.82 -5.23
CA PRO A 277 6.17 10.92 -5.27
C PRO A 277 5.34 10.95 -6.56
N GLY A 278 4.02 11.07 -6.42
CA GLY A 278 3.14 11.16 -7.56
C GLY A 278 2.69 9.84 -8.15
N ALA A 279 3.26 8.74 -7.67
CA ALA A 279 2.88 7.41 -8.12
C ALA A 279 2.14 6.66 -7.01
N VAL A 280 1.14 5.90 -7.38
CA VAL A 280 0.35 5.10 -6.47
C VAL A 280 0.35 3.64 -6.94
N LEU A 281 0.83 2.75 -6.09
CA LEU A 281 0.78 1.32 -6.33
C LEU A 281 -0.64 0.78 -6.16
N GLU A 282 -1.20 0.34 -7.27
CA GLU A 282 -2.48 -0.35 -7.31
C GLU A 282 -2.19 -1.73 -7.90
N ASP A 283 -1.74 -2.65 -7.04
CA ASP A 283 -1.31 -3.97 -7.48
C ASP A 283 -1.58 -5.01 -6.39
N ASP A 284 -2.68 -5.74 -6.56
CA ASP A 284 -3.02 -6.85 -5.70
C ASP A 284 -3.96 -7.75 -6.49
N VAL A 285 -3.38 -8.62 -7.32
CA VAL A 285 -4.17 -9.41 -8.26
C VAL A 285 -5.04 -10.47 -7.57
N ALA A 286 -4.69 -10.81 -6.33
CA ALA A 286 -5.48 -11.71 -5.49
C ALA A 286 -6.88 -11.15 -5.22
N HIS A 287 -6.99 -9.82 -5.23
CA HIS A 287 -8.26 -9.13 -5.08
C HIS A 287 -8.61 -8.27 -6.30
N GLN A 288 -8.02 -8.62 -7.45
CA GLN A 288 -8.28 -7.97 -8.73
C GLN A 288 -8.07 -6.46 -8.67
N ILE A 289 -6.98 -6.06 -8.02
CA ILE A 289 -6.61 -4.64 -7.93
C ILE A 289 -5.54 -4.32 -8.97
N TYR A 290 -5.90 -3.42 -9.87
CA TYR A 290 -5.01 -2.89 -10.90
C TYR A 290 -5.54 -1.51 -11.28
N PRO A 291 -4.71 -0.68 -11.92
CA PRO A 291 -5.17 0.63 -12.39
C PRO A 291 -6.32 0.54 -13.41
N GLN A 292 -7.29 1.43 -13.29
CA GLN A 292 -8.39 1.54 -14.24
C GLN A 292 -8.63 3.00 -14.62
N ALA A 293 -8.81 3.25 -15.91
CA ALA A 293 -9.11 4.58 -16.43
C ALA A 293 -10.22 5.27 -15.64
N ILE A 294 -11.33 4.59 -15.47
CA ILE A 294 -12.50 5.22 -14.83
C ILE A 294 -12.22 5.60 -13.38
N ASN A 295 -11.30 4.89 -12.72
CA ASN A 295 -10.90 5.21 -11.35
C ASN A 295 -9.86 6.34 -11.25
N ALA A 296 -9.09 6.54 -12.32
CA ALA A 296 -8.06 7.58 -12.34
C ALA A 296 -8.58 8.98 -12.63
N VAL A 297 -9.73 9.08 -13.30
CA VAL A 297 -10.31 10.38 -13.64
C VAL A 297 -10.53 11.22 -12.39
N GLY A 298 -9.99 12.44 -12.40
CA GLY A 298 -10.15 13.37 -11.29
C GLY A 298 -8.99 13.41 -10.31
N SER A 299 -8.06 12.46 -10.40
CA SER A 299 -6.90 12.41 -9.51
C SER A 299 -5.62 12.87 -10.22
N ARG A 300 -4.73 13.51 -9.45
CA ARG A 300 -3.41 13.93 -9.94
C ARG A 300 -2.38 12.80 -10.02
N ASP A 301 -2.71 11.65 -9.44
CA ASP A 301 -1.80 10.52 -9.31
C ASP A 301 -1.64 9.73 -10.60
N THR A 302 -0.50 9.04 -10.70
CA THR A 302 -0.28 8.04 -11.73
C THR A 302 -0.34 6.67 -11.06
N PHE A 303 -1.22 5.81 -11.54
CA PHE A 303 -1.46 4.51 -10.93
C PHE A 303 -0.74 3.40 -11.68
N VAL A 304 -0.01 2.55 -10.95
CA VAL A 304 0.76 1.45 -11.56
C VAL A 304 0.38 0.10 -10.95
N GLY A 305 0.20 -0.90 -11.82
CA GLY A 305 -0.08 -2.27 -11.43
C GLY A 305 0.23 -3.25 -12.55
N ARG A 306 -0.35 -4.45 -12.44
CA ARG A 306 -0.01 -5.59 -13.30
C ARG A 306 1.53 -5.77 -13.43
N ILE A 307 2.26 -5.43 -12.37
CA ILE A 307 3.72 -5.51 -12.43
C ILE A 307 4.14 -6.97 -12.32
N ARG A 308 4.93 -7.41 -13.29
CA ARG A 308 5.39 -8.77 -13.32
C ARG A 308 6.56 -8.95 -14.25
N LYS A 309 7.41 -9.90 -13.88
CA LYS A 309 8.57 -10.30 -14.65
C LYS A 309 8.15 -10.85 -16.01
N ASP A 310 8.97 -10.61 -17.02
CA ASP A 310 8.79 -11.24 -18.31
C ASP A 310 8.98 -12.75 -18.13
N LEU A 311 8.32 -13.53 -18.96
CA LEU A 311 8.40 -14.99 -18.87
C LEU A 311 9.73 -15.57 -19.34
N ASP A 312 10.59 -14.77 -19.98
CA ASP A 312 11.83 -15.26 -20.59
C ASP A 312 13.05 -14.36 -20.42
N ALA A 313 12.89 -13.07 -20.73
CA ALA A 313 13.96 -12.09 -20.56
C ALA A 313 14.18 -11.80 -19.07
N GLU A 314 15.37 -12.13 -18.56
CA GLU A 314 15.61 -12.04 -17.12
C GLU A 314 15.44 -10.63 -16.53
N LYS A 315 15.67 -9.60 -17.34
CA LYS A 315 15.56 -8.20 -16.90
C LYS A 315 14.32 -7.51 -17.46
N GLY A 316 13.43 -8.26 -18.08
CA GLY A 316 12.17 -7.75 -18.59
C GLY A 316 11.11 -7.65 -17.51
N ILE A 317 10.35 -6.54 -17.55
CA ILE A 317 9.21 -6.30 -16.66
C ILE A 317 8.06 -5.71 -17.48
N HIS A 318 6.86 -6.19 -17.23
CA HIS A 318 5.63 -5.61 -17.79
C HIS A 318 4.84 -4.94 -16.69
N MET A 319 4.09 -3.89 -17.05
CA MET A 319 3.21 -3.21 -16.11
C MET A 319 2.09 -2.47 -16.84
N TRP A 320 1.18 -1.92 -16.06
CA TRP A 320 -0.02 -1.24 -16.57
C TRP A 320 -0.05 0.10 -15.86
N VAL A 321 -0.05 1.18 -16.65
CA VAL A 321 0.07 2.54 -16.13
C VAL A 321 -1.11 3.37 -16.60
N VAL A 322 -1.79 4.03 -15.66
CA VAL A 322 -2.96 4.84 -15.93
C VAL A 322 -2.88 6.20 -15.23
N SER A 323 -3.26 7.27 -15.93
CA SER A 323 -3.47 8.58 -15.31
C SER A 323 -4.44 9.46 -16.11
N ASP A 324 -5.06 10.42 -15.43
CA ASP A 324 -5.96 11.37 -16.06
C ASP A 324 -5.13 12.26 -16.98
N ASN A 325 -5.37 12.15 -18.29
CA ASN A 325 -4.61 12.91 -19.30
C ASN A 325 -4.80 14.43 -19.27
N LEU A 326 -5.88 14.90 -18.67
CA LEU A 326 -6.11 16.34 -18.53
C LEU A 326 -5.44 16.94 -17.28
N LEU A 327 -5.09 16.08 -16.31
CA LEU A 327 -4.50 16.53 -15.05
C LEU A 327 -2.98 16.29 -15.05
N LYS A 328 -2.51 15.15 -14.55
CA LYS A 328 -1.05 14.90 -14.63
C LYS A 328 -0.55 14.94 -16.07
N GLY A 329 -1.39 14.55 -17.02
CA GLY A 329 -1.02 14.55 -18.42
C GLY A 329 -0.90 15.94 -19.05
N ALA A 330 -1.39 16.95 -18.36
CA ALA A 330 -1.39 18.31 -18.87
C ALA A 330 -1.44 19.35 -17.75
N ALA A 331 -2.64 19.78 -17.36
CA ALA A 331 -2.82 20.96 -16.52
C ALA A 331 -2.13 20.87 -15.16
N TRP A 332 -2.25 19.73 -14.48
CA TRP A 332 -1.54 19.53 -13.21
C TRP A 332 0.00 19.47 -13.39
N ASN A 333 0.52 18.82 -14.43
CA ASN A 333 1.97 18.85 -14.64
C ASN A 333 2.47 20.29 -14.79
N SER A 334 1.74 21.11 -15.55
CA SER A 334 2.07 22.52 -15.77
C SER A 334 2.05 23.36 -14.48
N VAL A 335 1.01 23.22 -13.67
CA VAL A 335 0.91 23.95 -12.40
C VAL A 335 2.00 23.45 -11.45
N GLN A 336 2.26 22.14 -11.47
CA GLN A 336 3.31 21.54 -10.66
C GLN A 336 4.69 22.08 -11.05
N ILE A 337 4.92 22.31 -12.33
CA ILE A 337 6.15 22.95 -12.80
C ILE A 337 6.28 24.37 -12.23
N ALA A 338 5.18 25.13 -12.27
CA ALA A 338 5.16 26.47 -11.69
C ALA A 338 5.46 26.44 -10.18
N GLU A 339 4.85 25.50 -9.47
CA GLU A 339 5.10 25.33 -8.03
C GLU A 339 6.55 24.98 -7.76
N THR A 340 7.15 24.17 -8.64
CA THR A 340 8.51 23.70 -8.46
C THR A 340 9.51 24.79 -8.80
N LEU A 341 9.19 25.60 -9.82
CA LEU A 341 9.98 26.80 -10.11
C LEU A 341 10.04 27.69 -8.88
N HIS A 342 8.89 27.89 -8.23
CA HIS A 342 8.83 28.69 -7.00
C HIS A 342 9.61 28.04 -5.85
N GLU A 343 9.42 26.73 -5.70
CA GLU A 343 10.06 25.93 -4.65
C GLU A 343 11.58 26.09 -4.66
N ARG A 344 12.14 26.15 -5.87
CA ARG A 344 13.58 26.17 -6.09
C ARG A 344 14.13 27.59 -6.29
N GLY A 345 13.26 28.60 -6.23
CA GLY A 345 13.70 29.99 -6.28
C GLY A 345 14.06 30.46 -7.68
N LEU A 346 13.31 29.95 -8.67
CA LEU A 346 13.67 30.06 -10.07
C LEU A 346 12.71 30.97 -10.89
N VAL A 347 11.74 31.60 -10.24
CA VAL A 347 10.87 32.55 -10.93
C VAL A 347 11.57 33.90 -11.02
N ARG A 348 12.14 34.16 -12.19
CA ARG A 348 13.00 35.31 -12.42
C ARG A 348 12.94 35.69 -13.90
N PRO A 349 13.11 36.97 -14.23
CA PRO A 349 13.28 37.36 -15.64
C PRO A 349 14.57 36.78 -16.21
N THR A 350 14.56 36.43 -17.49
CA THR A 350 15.74 35.96 -18.20
C THR A 350 16.38 37.14 -18.91
N ALA A 351 17.66 37.40 -18.62
CA ALA A 351 18.38 38.50 -19.25
C ALA A 351 18.51 38.35 -20.77
N GLU A 352 19.02 37.21 -21.22
CA GLU A 352 19.29 37.00 -22.64
C GLU A 352 18.13 36.26 -23.32
N LEU A 353 17.50 36.90 -24.31
CA LEU A 353 16.43 36.26 -25.07
C LEU A 353 17.01 35.31 -26.12
N LYS A 354 16.62 34.04 -26.04
CA LYS A 354 17.15 33.00 -26.92
C LYS A 354 16.11 32.48 -27.92
N PHE A 355 14.93 33.08 -27.94
CA PHE A 355 13.85 32.65 -28.81
C PHE A 355 13.48 33.76 -29.77
N GLU A 356 13.31 33.42 -31.04
CA GLU A 356 13.02 34.41 -32.08
C GLU A 356 11.61 34.98 -31.90
N LEU A 357 11.50 36.29 -32.09
CA LEU A 357 10.22 36.99 -31.98
C LEU A 357 9.45 36.89 -33.29
N GLY B 2 -22.24 -37.94 -48.73
CA GLY B 2 -21.91 -36.73 -47.91
C GLY B 2 -21.97 -37.01 -46.42
N TYR B 3 -21.60 -36.00 -45.62
CA TYR B 3 -21.42 -36.12 -44.18
C TYR B 3 -22.66 -35.78 -43.36
N THR B 4 -22.82 -36.46 -42.24
CA THR B 4 -23.70 -36.02 -41.18
C THR B 4 -22.87 -35.18 -40.19
N VAL B 5 -23.19 -33.89 -40.09
CA VAL B 5 -22.51 -32.96 -39.19
C VAL B 5 -23.43 -32.55 -38.03
N ALA B 6 -22.97 -32.76 -36.81
CA ALA B 6 -23.67 -32.29 -35.61
C ALA B 6 -23.02 -31.04 -35.04
N VAL B 7 -23.84 -30.11 -34.58
CA VAL B 7 -23.42 -28.95 -33.81
C VAL B 7 -23.93 -29.11 -32.37
N VAL B 8 -23.01 -29.32 -31.44
CA VAL B 8 -23.33 -29.45 -30.01
C VAL B 8 -23.25 -28.08 -29.36
N GLY B 9 -24.36 -27.63 -28.78
CA GLY B 9 -24.47 -26.27 -28.27
C GLY B 9 -24.96 -25.34 -29.36
N ALA B 10 -25.92 -25.81 -30.15
CA ALA B 10 -26.42 -25.07 -31.30
C ALA B 10 -27.12 -23.77 -30.89
N THR B 11 -27.77 -23.79 -29.72
CA THR B 11 -28.34 -22.58 -29.13
C THR B 11 -27.23 -21.64 -28.67
N GLY B 15 -22.41 -20.60 -31.10
CA GLY B 15 -23.33 -21.57 -31.67
C GLY B 15 -24.02 -21.07 -32.94
N ALA B 16 -24.50 -19.83 -32.90
CA ALA B 16 -25.14 -19.19 -34.05
C ALA B 16 -24.16 -18.97 -35.21
N GLN B 17 -22.95 -18.52 -34.89
CA GLN B 17 -21.92 -18.30 -35.92
C GLN B 17 -21.43 -19.63 -36.51
N MET B 18 -21.41 -20.67 -35.68
CA MET B 18 -21.08 -22.02 -36.14
C MET B 18 -22.03 -22.44 -37.27
N ILE B 19 -23.32 -22.20 -37.06
CA ILE B 19 -24.37 -22.51 -38.04
C ILE B 19 -24.19 -21.71 -39.33
N LYS B 20 -23.91 -20.42 -39.22
CA LYS B 20 -23.76 -19.57 -40.40
C LYS B 20 -22.57 -19.97 -41.27
N MET B 21 -21.45 -20.26 -40.63
CA MET B 21 -20.25 -20.72 -41.35
C MET B 21 -20.51 -22.08 -42.01
N LEU B 22 -21.34 -22.90 -41.38
CA LEU B 22 -21.67 -24.23 -41.92
C LEU B 22 -22.62 -24.14 -43.11
N GLU B 23 -23.46 -23.11 -43.14
CA GLU B 23 -24.38 -22.88 -44.25
C GLU B 23 -23.65 -22.44 -45.52
N GLU B 24 -22.47 -21.84 -45.37
CA GLU B 24 -21.69 -21.36 -46.50
C GLU B 24 -20.45 -22.23 -46.77
N SER B 25 -20.32 -23.34 -46.03
CA SER B 25 -19.16 -24.23 -46.16
C SER B 25 -19.15 -24.99 -47.49
N THR B 26 -17.96 -25.37 -47.93
CA THR B 26 -17.80 -26.26 -49.09
C THR B 26 -17.86 -27.73 -48.70
N LEU B 27 -17.94 -28.00 -47.40
CA LEU B 27 -18.19 -29.36 -46.88
C LEU B 27 -19.45 -29.96 -47.52
N PRO B 28 -19.36 -31.19 -48.05
CA PRO B 28 -20.53 -31.87 -48.58
C PRO B 28 -21.39 -32.42 -47.45
N ILE B 29 -22.52 -31.80 -47.16
CA ILE B 29 -23.35 -32.17 -46.03
C ILE B 29 -24.71 -32.76 -46.46
N ASP B 30 -24.93 -34.02 -46.13
CA ASP B 30 -26.22 -34.66 -46.35
C ASP B 30 -27.21 -34.32 -45.24
N LYS B 31 -26.75 -34.31 -43.98
CA LYS B 31 -27.64 -34.14 -42.83
C LYS B 31 -27.01 -33.27 -41.73
N ILE B 32 -27.78 -32.31 -41.24
CA ILE B 32 -27.39 -31.46 -40.13
C ILE B 32 -28.19 -31.90 -38.92
N ARG B 33 -27.53 -31.94 -37.76
CA ARG B 33 -28.19 -32.26 -36.50
C ARG B 33 -27.73 -31.30 -35.41
N TYR B 34 -28.69 -30.66 -34.75
CA TYR B 34 -28.40 -29.79 -33.62
C TYR B 34 -28.69 -30.54 -32.32
N LEU B 35 -27.71 -30.59 -31.42
CA LEU B 35 -27.86 -31.27 -30.15
C LEU B 35 -27.95 -30.28 -28.99
N ASP B 49 -32.53 -22.63 -44.62
CA ASP B 49 -33.90 -22.21 -44.40
C ASP B 49 -34.83 -23.40 -44.13
N GLN B 50 -34.36 -24.35 -43.33
CA GLN B 50 -35.15 -25.52 -42.94
C GLN B 50 -35.13 -25.73 -41.42
N ASP B 51 -36.31 -26.01 -40.85
CA ASP B 51 -36.45 -26.23 -39.40
C ASP B 51 -35.80 -27.55 -39.00
N ILE B 52 -34.97 -27.50 -37.96
CA ILE B 52 -34.27 -28.68 -37.43
C ILE B 52 -34.60 -28.83 -35.95
N THR B 53 -35.10 -30.02 -35.57
CA THR B 53 -35.41 -30.32 -34.18
C THR B 53 -34.13 -30.54 -33.37
N ILE B 54 -34.09 -29.96 -32.17
CA ILE B 54 -32.94 -30.11 -31.28
C ILE B 54 -33.06 -31.40 -30.46
N GLU B 55 -32.11 -32.31 -30.65
CA GLU B 55 -32.02 -33.55 -29.86
C GLU B 55 -31.15 -33.34 -28.62
N GLU B 56 -31.42 -34.11 -27.57
CA GLU B 56 -30.64 -34.03 -26.34
C GLU B 56 -29.25 -34.59 -26.56
N THR B 57 -28.25 -33.93 -25.99
CA THR B 57 -26.88 -34.43 -26.04
C THR B 57 -26.74 -35.57 -25.03
N THR B 58 -26.54 -36.79 -25.53
CA THR B 58 -26.36 -37.98 -24.69
C THR B 58 -25.18 -38.82 -25.17
N GLU B 59 -24.92 -39.91 -24.45
CA GLU B 59 -23.78 -40.79 -24.73
C GLU B 59 -24.01 -41.69 -25.96
N THR B 60 -25.26 -41.82 -26.38
CA THR B 60 -25.62 -42.64 -27.54
C THR B 60 -26.12 -41.80 -28.71
N ALA B 61 -26.07 -40.48 -28.58
CA ALA B 61 -26.63 -39.57 -29.59
C ALA B 61 -25.74 -39.35 -30.81
N PHE B 62 -24.51 -39.87 -30.79
CA PHE B 62 -23.54 -39.58 -31.86
C PHE B 62 -23.38 -40.72 -32.90
N GLU B 63 -24.33 -41.65 -32.93
CA GLU B 63 -24.28 -42.75 -33.90
C GLU B 63 -24.60 -42.24 -35.30
N GLY B 64 -23.72 -42.55 -36.27
CA GLY B 64 -23.89 -42.12 -37.65
C GLY B 64 -23.39 -40.73 -37.96
N VAL B 65 -22.94 -39.98 -36.96
CA VAL B 65 -22.37 -38.65 -37.16
C VAL B 65 -20.93 -38.81 -37.65
N ASP B 66 -20.56 -38.05 -38.68
CA ASP B 66 -19.19 -38.04 -39.21
C ASP B 66 -18.30 -36.98 -38.58
N ILE B 67 -18.87 -35.78 -38.37
CA ILE B 67 -18.16 -34.64 -37.77
C ILE B 67 -19.06 -33.97 -36.74
N ALA B 68 -18.51 -33.69 -35.55
CA ALA B 68 -19.21 -32.91 -34.53
C ALA B 68 -18.41 -31.65 -34.16
N LEU B 69 -19.05 -30.49 -34.31
CA LEU B 69 -18.49 -29.22 -33.84
C LEU B 69 -19.09 -28.90 -32.48
N PHE B 70 -18.26 -28.88 -31.45
CA PHE B 70 -18.69 -28.54 -30.09
C PHE B 70 -18.57 -27.03 -29.90
N SER B 71 -19.64 -26.41 -29.39
CA SER B 71 -19.69 -24.98 -29.12
C SER B 71 -20.47 -24.72 -27.83
N ALA B 72 -20.35 -25.66 -26.89
CA ALA B 72 -20.91 -25.52 -25.57
C ALA B 72 -19.77 -25.10 -24.64
N GLY B 73 -19.84 -25.44 -23.37
CA GLY B 73 -18.74 -25.16 -22.45
C GLY B 73 -17.79 -26.35 -22.37
N SER B 74 -16.72 -26.19 -21.60
CA SER B 74 -15.72 -27.24 -21.42
C SER B 74 -16.30 -28.48 -20.73
N SER B 75 -17.33 -28.27 -19.90
CA SER B 75 -18.01 -29.38 -19.22
C SER B 75 -18.70 -30.36 -20.19
N THR B 76 -19.34 -29.82 -21.22
CA THR B 76 -19.99 -30.62 -22.26
C THR B 76 -18.97 -31.38 -23.11
N SER B 77 -17.86 -30.71 -23.45
CA SER B 77 -16.81 -31.34 -24.24
C SER B 77 -16.13 -32.50 -23.50
N ALA B 78 -15.77 -32.26 -22.25
CA ALA B 78 -15.09 -33.26 -21.41
C ALA B 78 -15.89 -34.58 -21.25
N LYS B 79 -17.19 -34.47 -21.01
CA LYS B 79 -18.05 -35.63 -20.81
C LYS B 79 -18.39 -36.37 -22.12
N TYR B 80 -18.81 -35.62 -23.13
CA TYR B 80 -19.41 -36.21 -24.34
C TYR B 80 -18.49 -36.39 -25.54
N ALA B 81 -17.45 -35.57 -25.66
CA ALA B 81 -16.51 -35.70 -26.78
C ALA B 81 -15.84 -37.08 -26.86
N PRO B 82 -15.46 -37.68 -25.73
CA PRO B 82 -14.91 -39.04 -25.74
C PRO B 82 -15.90 -40.09 -26.23
N TYR B 83 -17.20 -39.86 -26.00
CA TYR B 83 -18.25 -40.76 -26.51
C TYR B 83 -18.50 -40.58 -28.00
N ALA B 84 -18.32 -39.36 -28.51
CA ALA B 84 -18.41 -39.13 -29.95
C ALA B 84 -17.31 -39.91 -30.66
N VAL B 85 -16.10 -39.90 -30.11
CA VAL B 85 -14.96 -40.58 -30.72
C VAL B 85 -15.20 -42.09 -30.72
N LYS B 86 -15.78 -42.59 -29.62
CA LYS B 86 -16.14 -44.00 -29.49
C LYS B 86 -17.11 -44.41 -30.60
N ALA B 87 -18.05 -43.52 -30.91
CA ALA B 87 -19.10 -43.77 -31.89
C ALA B 87 -18.63 -43.62 -33.34
N GLY B 88 -17.43 -43.10 -33.54
CA GLY B 88 -16.83 -42.98 -34.86
C GLY B 88 -16.72 -41.56 -35.40
N VAL B 89 -17.06 -40.58 -34.59
CA VAL B 89 -17.08 -39.18 -35.02
C VAL B 89 -15.66 -38.59 -34.98
N VAL B 90 -15.44 -37.55 -35.79
CA VAL B 90 -14.29 -36.65 -35.64
C VAL B 90 -14.80 -35.35 -35.00
N VAL B 91 -14.28 -35.05 -33.82
CA VAL B 91 -14.71 -33.90 -33.05
C VAL B 91 -13.79 -32.70 -33.30
N VAL B 92 -14.40 -31.55 -33.54
CA VAL B 92 -13.71 -30.26 -33.50
C VAL B 92 -14.25 -29.53 -32.27
N ASP B 93 -13.41 -29.38 -31.25
CA ASP B 93 -13.82 -28.78 -29.98
C ASP B 93 -13.47 -27.30 -29.91
N ASN B 94 -14.44 -26.47 -29.57
CA ASN B 94 -14.22 -25.03 -29.43
C ASN B 94 -13.48 -24.64 -28.15
N THR B 95 -13.68 -25.42 -27.07
CA THR B 95 -13.26 -25.03 -25.72
C THR B 95 -11.77 -25.21 -25.48
N SER B 96 -11.37 -24.87 -24.25
CA SER B 96 -9.99 -24.96 -23.79
C SER B 96 -9.63 -26.32 -23.18
N TYR B 97 -10.62 -27.19 -22.99
CA TYR B 97 -10.44 -28.42 -22.21
C TYR B 97 -9.37 -29.38 -22.74
N PHE B 98 -9.31 -29.55 -24.06
CA PHE B 98 -8.38 -30.51 -24.70
C PHE B 98 -7.13 -29.85 -25.33
N ARG B 99 -7.02 -28.52 -25.26
CA ARG B 99 -5.96 -27.81 -25.98
C ARG B 99 -4.51 -28.20 -25.63
N GLN B 100 -4.28 -28.61 -24.39
CA GLN B 100 -2.93 -28.93 -23.92
C GLN B 100 -2.76 -30.44 -23.66
N ASN B 101 -3.69 -31.22 -24.18
CA ASN B 101 -3.61 -32.67 -24.19
C ASN B 101 -2.71 -33.04 -25.37
N PRO B 102 -1.64 -33.79 -25.13
CA PRO B 102 -0.68 -34.10 -26.22
C PRO B 102 -1.24 -35.04 -27.30
N ASP B 103 -2.35 -35.73 -27.04
CA ASP B 103 -3.04 -36.55 -28.05
C ASP B 103 -4.07 -35.78 -28.91
N VAL B 104 -4.13 -34.47 -28.72
CA VAL B 104 -5.09 -33.61 -29.41
C VAL B 104 -4.33 -32.52 -30.17
N PRO B 105 -4.42 -32.50 -31.50
CA PRO B 105 -3.85 -31.39 -32.29
C PRO B 105 -4.58 -30.07 -32.03
N LEU B 106 -3.81 -29.00 -31.88
CA LEU B 106 -4.30 -27.64 -31.65
C LEU B 106 -4.01 -26.84 -32.90
N VAL B 107 -5.03 -26.56 -33.70
CA VAL B 107 -4.84 -26.24 -35.12
C VAL B 107 -5.45 -24.92 -35.61
N VAL B 108 -4.61 -24.17 -36.31
CA VAL B 108 -5.02 -23.08 -37.20
C VAL B 108 -4.66 -23.58 -38.60
N PRO B 109 -5.65 -23.89 -39.44
CA PRO B 109 -5.41 -24.58 -40.72
C PRO B 109 -4.31 -24.02 -41.63
N GLU B 110 -4.13 -22.69 -41.63
CA GLU B 110 -3.12 -22.05 -42.46
C GLU B 110 -1.70 -22.24 -41.94
N VAL B 111 -1.57 -22.51 -40.64
CA VAL B 111 -0.27 -22.58 -39.98
C VAL B 111 0.23 -24.01 -39.83
N ASN B 112 -0.59 -24.90 -39.28
CA ASN B 112 -0.16 -26.25 -38.92
C ASN B 112 -1.19 -27.33 -39.28
N ALA B 113 -1.66 -27.31 -40.54
CA ALA B 113 -2.59 -28.34 -41.02
C ALA B 113 -2.04 -29.77 -40.90
N HIS B 114 -0.71 -29.92 -40.98
CA HIS B 114 -0.05 -31.23 -40.92
C HIS B 114 -0.28 -31.96 -39.60
N ALA B 115 -0.51 -31.20 -38.52
CA ALA B 115 -0.79 -31.77 -37.20
C ALA B 115 -2.12 -32.52 -37.15
N LEU B 116 -2.99 -32.27 -38.13
CA LEU B 116 -4.26 -33.00 -38.24
C LEU B 116 -4.06 -34.48 -38.59
N ASP B 117 -3.00 -34.80 -39.33
CA ASP B 117 -2.78 -36.17 -39.80
C ASP B 117 -2.74 -37.22 -38.70
N ALA B 118 -2.26 -36.83 -37.53
CA ALA B 118 -2.04 -37.77 -36.43
C ALA B 118 -3.15 -37.72 -35.38
N HIS B 119 -4.31 -37.16 -35.73
CA HIS B 119 -5.39 -36.97 -34.75
C HIS B 119 -5.95 -38.30 -34.25
N ASN B 120 -6.52 -38.23 -33.06
CA ASN B 120 -7.12 -39.36 -32.35
C ASN B 120 -8.62 -39.11 -32.09
N GLY B 121 -9.23 -38.25 -32.91
CA GLY B 121 -10.67 -38.07 -32.89
C GLY B 121 -11.08 -36.71 -32.37
N ILE B 122 -10.16 -35.99 -31.72
CA ILE B 122 -10.43 -34.64 -31.27
C ILE B 122 -9.36 -33.68 -31.83
N ILE B 123 -9.83 -32.61 -32.46
CA ILE B 123 -8.99 -31.49 -32.84
C ILE B 123 -9.50 -30.28 -32.05
N ALA B 124 -8.60 -29.63 -31.32
CA ALA B 124 -8.94 -28.44 -30.54
C ALA B 124 -8.79 -27.17 -31.39
N CYS B 125 -9.79 -26.30 -31.30
CA CYS B 125 -9.70 -24.96 -31.86
C CYS B 125 -8.95 -24.11 -30.85
N PRO B 126 -7.95 -23.33 -31.27
CA PRO B 126 -7.23 -22.50 -30.30
C PRO B 126 -8.00 -21.27 -29.82
N ASN B 127 -7.46 -20.62 -28.80
CA ASN B 127 -7.99 -19.38 -28.24
C ASN B 127 -8.07 -18.27 -29.30
N CYS B 128 -9.11 -17.44 -29.24
CA CYS B 128 -9.38 -16.45 -30.29
C CYS B 128 -8.22 -15.46 -30.56
N SER B 129 -7.68 -14.87 -29.50
CA SER B 129 -6.59 -13.91 -29.64
C SER B 129 -5.33 -14.57 -30.21
N THR B 130 -5.13 -15.85 -29.90
CA THR B 130 -3.98 -16.60 -30.39
C THR B 130 -4.09 -16.84 -31.89
N ILE B 131 -5.29 -17.21 -32.35
CA ILE B 131 -5.47 -17.60 -33.75
C ILE B 131 -5.04 -16.48 -34.71
N GLN B 132 -5.59 -15.27 -34.51
CA GLN B 132 -5.29 -14.17 -35.43
C GLN B 132 -3.81 -13.79 -35.43
N MET B 133 -3.18 -13.83 -34.26
CA MET B 133 -1.73 -13.58 -34.15
C MET B 133 -0.92 -14.62 -34.93
N MET B 134 -1.36 -15.88 -34.89
CA MET B 134 -0.68 -16.94 -35.62
C MET B 134 -0.81 -16.77 -37.13
N VAL B 135 -1.96 -16.28 -37.59
CA VAL B 135 -2.17 -16.08 -39.02
C VAL B 135 -1.23 -14.98 -39.53
N ALA B 136 -1.05 -13.95 -38.72
CA ALA B 136 -0.20 -12.80 -39.06
C ALA B 136 1.28 -13.13 -39.03
N LEU B 137 1.69 -13.96 -38.07
CA LEU B 137 3.11 -14.17 -37.76
C LEU B 137 3.73 -15.35 -38.49
N GLU B 138 2.94 -16.34 -38.87
CA GLU B 138 3.46 -17.54 -39.53
C GLU B 138 4.19 -17.25 -40.86
N PRO B 139 3.63 -16.43 -41.74
CA PRO B 139 4.33 -16.05 -42.98
C PRO B 139 5.67 -15.37 -42.74
N VAL B 140 5.79 -14.66 -41.62
CA VAL B 140 7.06 -14.06 -41.22
C VAL B 140 8.02 -15.12 -40.67
N ARG B 141 7.51 -16.04 -39.85
CA ARG B 141 8.32 -17.11 -39.25
C ARG B 141 8.96 -18.02 -40.30
N GLN B 142 8.22 -18.35 -41.35
CA GLN B 142 8.69 -19.33 -42.32
C GLN B 142 9.78 -18.76 -43.25
N LYS B 143 9.88 -17.42 -43.34
CA LYS B 143 10.95 -16.79 -44.13
C LYS B 143 12.13 -16.29 -43.27
N TRP B 144 11.87 -15.80 -42.06
CA TRP B 144 12.92 -15.18 -41.23
C TRP B 144 13.00 -15.67 -39.78
N GLY B 145 12.16 -16.63 -39.40
CA GLY B 145 12.20 -17.20 -38.07
C GLY B 145 11.53 -16.30 -37.04
N LEU B 146 11.42 -16.83 -35.82
CA LEU B 146 10.75 -16.15 -34.73
C LEU B 146 11.44 -16.52 -33.42
N ASP B 147 11.93 -15.51 -32.71
CA ASP B 147 12.59 -15.71 -31.43
C ASP B 147 11.73 -15.27 -30.25
N ARG B 148 11.08 -14.13 -30.35
CA ARG B 148 10.21 -13.66 -29.28
C ARG B 148 8.99 -12.88 -29.78
N ILE B 149 7.96 -12.89 -28.93
CA ILE B 149 6.73 -12.13 -29.15
C ILE B 149 6.37 -11.42 -27.87
N ILE B 150 6.05 -10.14 -27.99
CA ILE B 150 5.38 -9.40 -26.93
C ILE B 150 4.11 -8.84 -27.51
N VAL B 151 2.98 -9.15 -26.89
CA VAL B 151 1.70 -8.68 -27.41
C VAL B 151 0.88 -8.01 -26.31
N SER B 152 0.23 -6.91 -26.68
CA SER B 152 -0.77 -6.25 -25.84
C SER B 152 -2.06 -6.25 -26.64
N THR B 153 -3.13 -6.79 -26.06
CA THR B 153 -4.39 -6.95 -26.80
C THR B 153 -5.42 -5.92 -26.40
N TYR B 154 -6.38 -5.77 -27.31
CA TYR B 154 -7.46 -4.80 -27.23
C TYR B 154 -8.68 -5.64 -27.61
N GLN B 155 -9.24 -6.35 -26.64
CA GLN B 155 -10.20 -7.41 -26.94
C GLN B 155 -11.65 -6.97 -26.71
N ALA B 156 -12.52 -7.41 -27.61
CA ALA B 156 -13.94 -7.15 -27.56
C ALA B 156 -14.66 -8.01 -26.52
N VAL B 157 -15.81 -7.50 -26.06
CA VAL B 157 -16.55 -8.12 -24.97
C VAL B 157 -17.29 -9.40 -25.36
N SER B 158 -17.58 -9.57 -26.65
CA SER B 158 -18.26 -10.78 -27.13
C SER B 158 -17.42 -12.04 -26.92
N GLY B 159 -16.12 -11.88 -26.69
CA GLY B 159 -15.27 -12.96 -26.23
C GLY B 159 -15.73 -13.55 -24.91
N ALA B 160 -16.22 -12.69 -24.02
CA ALA B 160 -16.81 -13.13 -22.73
C ALA B 160 -18.28 -13.57 -22.82
N GLY B 161 -18.85 -13.59 -24.03
CA GLY B 161 -20.17 -14.14 -24.26
C GLY B 161 -21.28 -13.10 -24.34
N MET B 162 -22.50 -13.56 -24.61
CA MET B 162 -23.64 -12.66 -24.82
C MET B 162 -23.95 -11.78 -23.61
N GLY B 163 -23.90 -12.35 -22.41
CA GLY B 163 -24.13 -11.59 -21.19
C GLY B 163 -23.24 -10.36 -21.08
N ALA B 164 -21.98 -10.51 -21.46
CA ALA B 164 -21.01 -9.42 -21.43
C ALA B 164 -21.39 -8.33 -22.43
N ILE B 165 -21.78 -8.74 -23.63
CA ILE B 165 -22.23 -7.80 -24.66
C ILE B 165 -23.40 -6.95 -24.13
N LEU B 166 -24.37 -7.62 -23.51
CA LEU B 166 -25.59 -6.94 -23.08
C LEU B 166 -25.27 -5.98 -21.93
N GLU B 167 -24.37 -6.40 -21.03
CA GLU B 167 -23.90 -5.57 -19.92
C GLU B 167 -23.21 -4.31 -20.41
N THR B 168 -22.39 -4.44 -21.45
CA THR B 168 -21.62 -3.32 -22.00
C THR B 168 -22.56 -2.26 -22.54
N GLN B 169 -23.56 -2.69 -23.30
CA GLN B 169 -24.57 -1.80 -23.87
C GLN B 169 -25.41 -1.14 -22.80
N ARG B 170 -25.75 -1.89 -21.75
CA ARG B 170 -26.53 -1.35 -20.63
C ARG B 170 -25.78 -0.23 -19.90
N GLU B 171 -24.51 -0.49 -19.63
CA GLU B 171 -23.63 0.47 -18.96
C GLU B 171 -23.47 1.75 -19.78
N LEU B 172 -23.24 1.60 -21.08
CA LEU B 172 -23.04 2.75 -21.97
C LEU B 172 -24.31 3.59 -22.04
N ARG B 173 -25.47 2.94 -22.16
CA ARG B 173 -26.75 3.67 -22.14
C ARG B 173 -26.97 4.42 -20.82
N GLU B 174 -26.60 3.82 -19.71
CA GLU B 174 -26.73 4.46 -18.39
C GLU B 174 -25.92 5.75 -18.33
N VAL B 175 -24.67 5.68 -18.80
CA VAL B 175 -23.79 6.86 -18.82
C VAL B 175 -24.36 7.94 -19.75
N LEU B 176 -24.69 7.53 -20.97
CA LEU B 176 -25.06 8.47 -22.02
C LEU B 176 -26.47 9.06 -21.89
N ASN B 177 -27.44 8.28 -21.42
CA ASN B 177 -28.82 8.73 -21.34
C ASN B 177 -29.25 9.16 -19.93
N ASP B 178 -28.66 8.53 -18.91
CA ASP B 178 -29.08 8.73 -17.52
C ASP B 178 -28.06 9.52 -16.68
N GLY B 179 -26.92 9.84 -17.28
CA GLY B 179 -25.93 10.70 -16.63
C GLY B 179 -25.14 10.07 -15.50
N VAL B 180 -25.04 8.74 -15.50
CA VAL B 180 -24.29 8.02 -14.47
C VAL B 180 -22.79 8.10 -14.80
N LYS B 181 -21.96 8.43 -13.81
CA LYS B 181 -20.51 8.42 -14.00
C LYS B 181 -20.04 6.97 -14.14
N PRO B 182 -19.13 6.71 -15.09
CA PRO B 182 -18.63 5.34 -15.30
C PRO B 182 -18.22 4.62 -14.02
N CYS B 183 -17.52 5.31 -13.11
CA CYS B 183 -17.04 4.68 -11.87
C CYS B 183 -18.16 4.28 -10.90
N ASP B 184 -19.35 4.85 -11.05
CA ASP B 184 -20.54 4.49 -10.24
C ASP B 184 -21.42 3.38 -10.82
N LEU B 185 -21.07 2.86 -12.00
CA LEU B 185 -21.88 1.82 -12.65
C LEU B 185 -21.82 0.50 -11.88
N HIS B 186 -22.95 -0.19 -11.80
CA HIS B 186 -22.99 -1.55 -11.26
C HIS B 186 -22.69 -2.54 -12.39
N ALA B 187 -21.80 -3.48 -12.14
CA ALA B 187 -21.46 -4.53 -13.10
C ALA B 187 -21.58 -5.88 -12.42
N GLU B 188 -21.89 -6.90 -13.20
CA GLU B 188 -22.06 -8.26 -12.67
C GLU B 188 -21.26 -9.36 -13.39
N ILE B 189 -20.69 -9.08 -14.58
CA ILE B 189 -20.01 -10.10 -15.37
C ILE B 189 -18.52 -9.77 -15.59
N LEU B 190 -18.24 -8.68 -16.29
CA LEU B 190 -16.85 -8.31 -16.58
C LEU B 190 -16.10 -7.89 -15.30
N PRO B 191 -14.78 -8.08 -15.22
CA PRO B 191 -13.95 -8.66 -16.30
C PRO B 191 -14.11 -10.16 -16.52
N SER B 192 -14.57 -10.90 -15.51
CA SER B 192 -14.75 -12.36 -15.60
C SER B 192 -15.91 -12.88 -14.76
N GLY B 193 -16.78 -13.67 -15.38
CA GLY B 193 -17.89 -14.32 -14.70
C GLY B 193 -17.49 -15.40 -13.71
N GLY B 194 -16.25 -15.86 -13.78
CA GLY B 194 -15.69 -16.79 -12.81
C GLY B 194 -14.81 -16.17 -11.73
N ASP B 195 -14.84 -14.85 -11.58
CA ASP B 195 -14.10 -14.19 -10.50
C ASP B 195 -15.01 -13.41 -9.55
N LYS B 196 -14.46 -13.00 -8.41
CA LYS B 196 -15.24 -12.48 -7.29
C LYS B 196 -15.74 -11.07 -7.47
N LYS B 197 -14.98 -10.25 -8.18
CA LYS B 197 -15.29 -8.84 -8.28
C LYS B 197 -15.55 -8.46 -9.73
N HIS B 198 -16.46 -7.51 -9.92
CA HIS B 198 -16.86 -7.07 -11.24
C HIS B 198 -16.76 -5.56 -11.35
N TYR B 199 -16.28 -5.10 -12.50
CA TYR B 199 -16.04 -3.70 -12.76
C TYR B 199 -16.69 -3.27 -14.06
N PRO B 200 -17.07 -2.00 -14.18
CA PRO B 200 -17.58 -1.49 -15.46
C PRO B 200 -16.54 -1.57 -16.59
N ILE B 201 -17.02 -1.82 -17.80
CA ILE B 201 -16.22 -1.71 -19.01
C ILE B 201 -16.48 -0.40 -19.76
N ALA B 202 -17.65 0.21 -19.56
CA ALA B 202 -18.00 1.45 -20.25
C ALA B 202 -16.93 2.50 -20.02
N PHE B 203 -16.43 3.06 -21.13
CA PHE B 203 -15.40 4.11 -21.09
C PHE B 203 -14.18 3.72 -20.25
N ASN B 204 -13.84 2.43 -20.28
CA ASN B 204 -12.78 1.86 -19.46
C ASN B 204 -11.90 0.89 -20.25
N ALA B 205 -10.75 0.56 -19.68
CA ALA B 205 -9.90 -0.51 -20.19
C ALA B 205 -9.51 -1.40 -19.01
N LEU B 206 -10.00 -2.64 -19.00
CA LEU B 206 -9.74 -3.54 -17.89
C LEU B 206 -8.61 -4.50 -18.25
N PRO B 207 -7.47 -4.40 -17.58
CA PRO B 207 -6.33 -5.28 -17.85
C PRO B 207 -6.50 -6.66 -17.19
N GLN B 208 -7.66 -7.30 -17.39
CA GLN B 208 -7.92 -8.66 -16.92
C GLN B 208 -8.88 -9.35 -17.87
N ILE B 209 -8.41 -10.46 -18.45
CA ILE B 209 -9.27 -11.39 -19.16
C ILE B 209 -9.03 -12.77 -18.56
N ASP B 210 -10.11 -13.46 -18.23
CA ASP B 210 -10.07 -14.70 -17.46
C ASP B 210 -9.54 -14.39 -16.05
N VAL B 211 -9.23 -15.41 -15.28
CA VAL B 211 -8.75 -15.22 -13.91
C VAL B 211 -7.23 -15.33 -13.85
N PHE B 212 -6.66 -14.94 -12.72
CA PHE B 212 -5.21 -14.95 -12.54
C PHE B 212 -4.71 -16.35 -12.20
N THR B 213 -3.48 -16.63 -12.64
CA THR B 213 -2.76 -17.83 -12.28
C THR B 213 -1.78 -17.42 -11.18
N ASP B 214 -1.01 -18.38 -10.68
CA ASP B 214 -0.10 -18.11 -9.57
C ASP B 214 1.21 -17.39 -9.96
N ASN B 215 1.45 -17.16 -11.25
CA ASN B 215 2.58 -16.34 -11.72
C ASN B 215 2.21 -14.87 -12.06
N ASP B 216 0.99 -14.47 -11.72
CA ASP B 216 0.47 -13.10 -11.87
C ASP B 216 0.12 -12.66 -13.31
N TYR B 217 0.25 -13.59 -14.26
CA TYR B 217 -0.41 -13.48 -15.55
C TYR B 217 -1.78 -14.16 -15.46
N THR B 218 -2.74 -13.68 -16.24
CA THR B 218 -4.04 -14.33 -16.31
C THR B 218 -3.97 -15.56 -17.20
N TYR B 219 -5.03 -16.36 -17.16
CA TYR B 219 -5.11 -17.56 -17.98
C TYR B 219 -5.14 -17.23 -19.46
N GLU B 220 -5.72 -16.08 -19.82
CA GLU B 220 -5.76 -15.66 -21.22
C GLU B 220 -4.35 -15.40 -21.75
N GLU B 221 -3.57 -14.66 -20.96
CA GLU B 221 -2.19 -14.34 -21.28
C GLU B 221 -1.35 -15.60 -21.40
N MET B 222 -1.50 -16.51 -20.44
CA MET B 222 -0.75 -17.76 -20.45
C MET B 222 -1.18 -18.68 -21.59
N LYS B 223 -2.45 -18.61 -22.00
CA LYS B 223 -2.92 -19.34 -23.17
C LYS B 223 -2.21 -18.85 -24.44
N MET B 224 -2.04 -17.54 -24.59
CA MET B 224 -1.32 -17.02 -25.76
C MET B 224 0.13 -17.54 -25.79
N THR B 225 0.74 -17.69 -24.62
CA THR B 225 2.09 -18.21 -24.48
C THR B 225 2.14 -19.69 -24.87
N LYS B 226 1.35 -20.49 -24.14
CA LYS B 226 1.37 -21.96 -24.27
C LYS B 226 0.84 -22.43 -25.63
N GLU B 227 -0.21 -21.78 -26.14
CA GLU B 227 -0.83 -22.21 -27.39
C GLU B 227 0.02 -21.86 -28.62
N THR B 228 0.68 -20.70 -28.58
CA THR B 228 1.63 -20.31 -29.63
C THR B 228 2.71 -21.38 -29.76
N LYS B 229 3.30 -21.77 -28.64
CA LYS B 229 4.37 -22.76 -28.64
C LYS B 229 3.94 -24.09 -29.24
N LYS B 230 2.72 -24.53 -28.93
CA LYS B 230 2.20 -25.79 -29.47
C LYS B 230 1.87 -25.71 -30.96
N ILE B 231 1.22 -24.62 -31.38
CA ILE B 231 0.79 -24.42 -32.76
C ILE B 231 1.99 -24.35 -33.71
N MET B 232 3.00 -23.55 -33.35
CA MET B 232 4.23 -23.45 -34.14
C MET B 232 5.26 -24.54 -33.78
N GLU B 233 4.92 -25.43 -32.84
CA GLU B 233 5.74 -26.58 -32.47
C GLU B 233 7.17 -26.19 -32.10
N ASP B 234 7.28 -25.18 -31.24
CA ASP B 234 8.59 -24.65 -30.86
C ASP B 234 8.51 -24.02 -29.47
N ASP B 235 8.92 -24.77 -28.46
CA ASP B 235 8.96 -24.32 -27.07
C ASP B 235 9.97 -23.18 -26.84
N SER B 236 10.90 -23.01 -27.78
CA SER B 236 11.93 -21.96 -27.66
C SER B 236 11.45 -20.53 -27.99
N ILE B 237 10.28 -20.39 -28.60
CA ILE B 237 9.73 -19.05 -28.86
C ILE B 237 9.25 -18.44 -27.55
N ALA B 238 9.87 -17.33 -27.17
CA ALA B 238 9.50 -16.58 -25.97
C ALA B 238 8.22 -15.79 -26.25
N VAL B 239 7.23 -15.95 -25.39
CA VAL B 239 5.94 -15.26 -25.55
C VAL B 239 5.44 -14.71 -24.21
N SER B 240 5.18 -13.41 -24.18
CA SER B 240 4.62 -12.75 -23.02
C SER B 240 3.55 -11.78 -23.47
N ALA B 241 2.39 -11.82 -22.81
CA ALA B 241 1.22 -11.10 -23.26
C ALA B 241 0.58 -10.29 -22.14
N THR B 242 -0.02 -9.16 -22.52
CA THR B 242 -0.91 -8.38 -21.66
C THR B 242 -2.26 -8.38 -22.37
N CYS B 243 -3.30 -8.90 -21.72
CA CYS B 243 -4.60 -9.01 -22.36
C CYS B 243 -5.57 -8.04 -21.70
N VAL B 244 -6.11 -7.14 -22.51
CA VAL B 244 -6.95 -6.04 -22.01
C VAL B 244 -8.31 -6.02 -22.71
N ARG B 245 -9.36 -5.89 -21.92
CA ARG B 245 -10.70 -5.71 -22.44
C ARG B 245 -10.99 -4.22 -22.66
N ILE B 246 -11.51 -3.88 -23.83
CA ILE B 246 -11.91 -2.51 -24.14
C ILE B 246 -13.38 -2.47 -24.57
N PRO B 247 -13.99 -1.29 -24.65
CA PRO B 247 -15.41 -1.15 -25.02
C PRO B 247 -15.73 -1.31 -26.53
N VAL B 248 -15.48 -2.52 -27.03
CA VAL B 248 -15.78 -2.92 -28.40
C VAL B 248 -16.62 -4.19 -28.27
N LEU B 249 -17.68 -4.32 -29.05
CA LEU B 249 -18.53 -5.51 -28.97
C LEU B 249 -17.93 -6.68 -29.72
N SER B 250 -17.42 -6.44 -30.93
CA SER B 250 -16.86 -7.49 -31.79
C SER B 250 -15.54 -7.06 -32.44
N ALA B 251 -14.64 -8.05 -32.57
CA ALA B 251 -13.34 -7.96 -33.25
C ALA B 251 -12.21 -7.61 -32.27
N HIS B 252 -11.23 -8.51 -32.17
CA HIS B 252 -10.04 -8.28 -31.36
C HIS B 252 -8.96 -7.56 -32.15
N SER B 253 -8.31 -6.59 -31.52
CA SER B 253 -7.13 -5.93 -32.06
C SER B 253 -5.92 -6.21 -31.17
N GLU B 254 -4.74 -6.28 -31.76
CA GLU B 254 -3.52 -6.64 -31.04
C GLU B 254 -2.32 -5.84 -31.52
N SER B 255 -1.63 -5.20 -30.58
CA SER B 255 -0.34 -4.59 -30.84
C SER B 255 0.72 -5.67 -30.63
N VAL B 256 1.36 -6.09 -31.71
CA VAL B 256 2.24 -7.25 -31.69
C VAL B 256 3.66 -6.82 -31.97
N TYR B 257 4.58 -7.23 -31.11
CA TYR B 257 6.00 -7.01 -31.33
C TYR B 257 6.69 -8.35 -31.46
N ILE B 258 7.54 -8.49 -32.45
CA ILE B 258 8.35 -9.71 -32.63
C ILE B 258 9.80 -9.37 -32.84
N GLU B 259 10.69 -10.28 -32.50
CA GLU B 259 12.05 -10.24 -33.01
C GLU B 259 12.24 -11.53 -33.79
N THR B 260 12.72 -11.39 -35.03
CA THR B 260 12.96 -12.53 -35.90
C THR B 260 14.34 -13.11 -35.64
N LYS B 261 14.63 -14.27 -36.22
CA LYS B 261 15.96 -14.87 -36.14
C LYS B 261 16.95 -14.18 -37.07
N GLU B 262 16.48 -13.79 -38.26
CA GLU B 262 17.26 -13.03 -39.23
C GLU B 262 16.48 -11.75 -39.59
N VAL B 263 17.20 -10.74 -40.07
CA VAL B 263 16.58 -9.46 -40.40
C VAL B 263 15.62 -9.60 -41.59
N ALA B 264 14.37 -9.23 -41.37
CA ALA B 264 13.32 -9.33 -42.37
C ALA B 264 13.00 -7.95 -42.93
N PRO B 265 13.37 -7.67 -44.17
CA PRO B 265 13.05 -6.37 -44.77
C PRO B 265 11.54 -6.09 -44.73
N ILE B 266 11.14 -4.89 -44.32
CA ILE B 266 9.72 -4.56 -44.12
C ILE B 266 8.91 -4.70 -45.40
N GLU B 267 9.48 -4.33 -46.54
CA GLU B 267 8.81 -4.52 -47.82
C GLU B 267 8.49 -5.99 -48.07
N GLU B 268 9.44 -6.87 -47.75
CA GLU B 268 9.27 -8.30 -47.93
C GLU B 268 8.31 -8.89 -46.87
N VAL B 269 8.25 -8.29 -45.69
CA VAL B 269 7.33 -8.74 -44.64
C VAL B 269 5.89 -8.45 -45.10
N LYS B 270 5.67 -7.26 -45.64
CA LYS B 270 4.37 -6.86 -46.18
C LYS B 270 3.93 -7.78 -47.32
N ALA B 271 4.85 -8.10 -48.22
CA ALA B 271 4.55 -8.98 -49.36
C ALA B 271 4.20 -10.39 -48.92
N ALA B 272 4.91 -10.88 -47.90
CA ALA B 272 4.69 -12.24 -47.37
C ALA B 272 3.33 -12.37 -46.70
N ILE B 273 2.95 -11.35 -45.94
CA ILE B 273 1.66 -11.34 -45.26
C ILE B 273 0.53 -11.23 -46.29
N ALA B 274 0.74 -10.41 -47.32
CA ALA B 274 -0.27 -10.20 -48.36
C ALA B 274 -0.58 -11.48 -49.13
N ALA B 275 0.45 -12.30 -49.34
CA ALA B 275 0.30 -13.57 -50.07
C ALA B 275 -0.21 -14.73 -49.19
N PHE B 276 -0.14 -14.57 -47.87
CA PHE B 276 -0.49 -15.66 -46.96
C PHE B 276 -2.00 -15.88 -46.88
N PRO B 277 -2.45 -17.12 -47.09
CA PRO B 277 -3.89 -17.42 -47.03
C PRO B 277 -4.50 -16.99 -45.71
N GLY B 278 -5.67 -16.35 -45.74
CA GLY B 278 -6.38 -15.97 -44.53
C GLY B 278 -6.00 -14.62 -43.96
N ALA B 279 -4.95 -14.01 -44.51
CA ALA B 279 -4.47 -12.70 -44.07
C ALA B 279 -4.67 -11.67 -45.19
N VAL B 280 -5.05 -10.45 -44.80
CA VAL B 280 -5.16 -9.33 -45.72
C VAL B 280 -4.30 -8.19 -45.20
N LEU B 281 -3.33 -7.78 -46.00
CA LEU B 281 -2.53 -6.59 -45.75
C LEU B 281 -3.40 -5.35 -45.97
N GLU B 282 -3.67 -4.63 -44.88
CA GLU B 282 -4.32 -3.33 -44.92
C GLU B 282 -3.33 -2.36 -44.31
N ASP B 283 -2.42 -1.87 -45.14
CA ASP B 283 -1.27 -1.11 -44.67
C ASP B 283 -0.87 -0.09 -45.72
N ASP B 284 -1.40 1.12 -45.57
CA ASP B 284 -1.10 2.22 -46.47
C ASP B 284 -1.28 3.52 -45.69
N VAL B 285 -0.27 3.86 -44.89
CA VAL B 285 -0.36 4.98 -43.97
C VAL B 285 -0.45 6.35 -44.64
N ALA B 286 0.02 6.45 -45.89
CA ALA B 286 -0.16 7.67 -46.70
C ALA B 286 -1.65 7.98 -46.93
N HIS B 287 -2.48 6.95 -46.90
CA HIS B 287 -3.94 7.11 -46.98
C HIS B 287 -4.66 6.65 -45.70
N GLN B 288 -3.94 6.65 -44.58
CA GLN B 288 -4.46 6.21 -43.27
C GLN B 288 -5.21 4.88 -43.33
N ILE B 289 -4.60 3.89 -43.97
CA ILE B 289 -5.15 2.56 -44.07
C ILE B 289 -4.42 1.66 -43.07
N TYR B 290 -5.21 1.13 -42.13
CA TYR B 290 -4.77 0.15 -41.16
C TYR B 290 -5.99 -0.69 -40.75
N PRO B 291 -5.78 -1.89 -40.23
CA PRO B 291 -6.91 -2.68 -39.69
C PRO B 291 -7.70 -1.93 -38.61
N GLN B 292 -9.02 -2.09 -38.66
CA GLN B 292 -9.92 -1.55 -37.66
C GLN B 292 -10.97 -2.60 -37.29
N ALA B 293 -11.28 -2.67 -36.01
CA ALA B 293 -12.27 -3.58 -35.47
C ALA B 293 -13.59 -3.53 -36.25
N ILE B 294 -14.10 -2.31 -36.45
CA ILE B 294 -15.42 -2.14 -37.07
C ILE B 294 -15.46 -2.65 -38.51
N ASN B 295 -14.33 -2.54 -39.20
CA ASN B 295 -14.18 -3.04 -40.57
C ASN B 295 -14.02 -4.57 -40.68
N ALA B 296 -13.49 -5.19 -39.62
CA ALA B 296 -13.23 -6.63 -39.63
C ALA B 296 -14.47 -7.46 -39.27
N VAL B 297 -15.49 -6.83 -38.68
CA VAL B 297 -16.70 -7.54 -38.28
C VAL B 297 -17.39 -8.12 -39.51
N GLY B 298 -17.74 -9.41 -39.45
CA GLY B 298 -18.43 -10.09 -40.53
C GLY B 298 -17.52 -10.79 -41.52
N SER B 299 -16.21 -10.53 -41.43
CA SER B 299 -15.24 -11.10 -42.36
C SER B 299 -14.43 -12.23 -41.70
N ARG B 300 -14.12 -13.24 -42.50
CA ARG B 300 -13.29 -14.38 -42.09
C ARG B 300 -11.79 -14.07 -42.05
N ASP B 301 -11.38 -12.97 -42.65
CA ASP B 301 -9.96 -12.63 -42.77
C ASP B 301 -9.35 -12.09 -41.49
N THR B 302 -8.02 -12.12 -41.47
CA THR B 302 -7.23 -11.51 -40.42
C THR B 302 -6.48 -10.34 -41.05
N PHE B 303 -6.71 -9.15 -40.53
CA PHE B 303 -6.19 -7.94 -41.15
C PHE B 303 -4.95 -7.44 -40.41
N VAL B 304 -3.89 -7.16 -41.16
CA VAL B 304 -2.59 -6.82 -40.60
C VAL B 304 -2.06 -5.52 -41.21
N GLY B 305 -1.50 -4.67 -40.35
CA GLY B 305 -0.98 -3.39 -40.78
C GLY B 305 -0.10 -2.73 -39.74
N ARG B 306 0.11 -1.43 -39.90
CA ARG B 306 1.04 -0.66 -39.07
C ARG B 306 2.40 -1.36 -38.99
N ILE B 307 2.78 -2.10 -40.02
CA ILE B 307 4.02 -2.86 -40.01
C ILE B 307 5.21 -1.90 -40.17
N ARG B 308 6.17 -2.03 -39.27
CA ARG B 308 7.35 -1.17 -39.26
C ARG B 308 8.44 -1.73 -38.33
N LYS B 309 9.68 -1.37 -38.62
CA LYS B 309 10.82 -1.80 -37.85
C LYS B 309 10.84 -1.11 -36.49
N ASP B 310 11.36 -1.81 -35.49
CA ASP B 310 11.64 -1.22 -34.18
C ASP B 310 12.71 -0.18 -34.41
N LEU B 311 12.69 0.89 -33.62
CA LEU B 311 13.63 1.99 -33.81
C LEU B 311 15.08 1.65 -33.40
N ASP B 312 15.27 0.58 -32.63
CA ASP B 312 16.61 0.24 -32.09
C ASP B 312 17.07 -1.19 -32.34
N ALA B 313 16.19 -2.16 -32.08
CA ALA B 313 16.51 -3.57 -32.29
C ALA B 313 16.40 -3.92 -33.76
N GLU B 314 17.50 -4.38 -34.35
CA GLU B 314 17.60 -4.59 -35.78
C GLU B 314 16.60 -5.61 -36.31
N LYS B 315 16.27 -6.60 -35.48
CA LYS B 315 15.39 -7.70 -35.86
C LYS B 315 13.96 -7.55 -35.32
N GLY B 316 13.69 -6.48 -34.58
CA GLY B 316 12.37 -6.20 -34.07
C GLY B 316 11.43 -5.61 -35.11
N ILE B 317 10.17 -6.04 -35.05
CA ILE B 317 9.11 -5.54 -35.92
C ILE B 317 7.82 -5.36 -35.13
N HIS B 318 7.15 -4.21 -35.28
CA HIS B 318 5.84 -3.98 -34.70
C HIS B 318 4.76 -4.09 -35.75
N MET B 319 3.56 -4.42 -35.32
CA MET B 319 2.39 -4.49 -36.19
C MET B 319 1.07 -4.45 -35.42
N TRP B 320 -0.01 -4.32 -36.17
CA TRP B 320 -1.37 -4.21 -35.63
C TRP B 320 -2.26 -5.25 -36.31
N VAL B 321 -2.86 -6.15 -35.53
CA VAL B 321 -3.57 -7.30 -36.08
C VAL B 321 -5.02 -7.33 -35.58
N VAL B 322 -5.96 -7.47 -36.50
CA VAL B 322 -7.39 -7.41 -36.19
C VAL B 322 -8.17 -8.52 -36.89
N SER B 323 -9.10 -9.12 -36.18
CA SER B 323 -10.00 -10.12 -36.76
C SER B 323 -11.28 -10.27 -35.94
N ASP B 324 -12.33 -10.75 -36.60
CA ASP B 324 -13.60 -11.01 -35.94
C ASP B 324 -13.37 -12.20 -34.99
N ASN B 325 -13.48 -11.94 -33.70
CA ASN B 325 -13.23 -12.94 -32.66
C ASN B 325 -14.20 -14.12 -32.62
N LEU B 326 -15.37 -13.94 -33.23
CA LEU B 326 -16.35 -15.01 -33.31
C LEU B 326 -16.25 -15.82 -34.61
N LEU B 327 -15.67 -15.23 -35.66
CA LEU B 327 -15.44 -15.95 -36.91
C LEU B 327 -14.08 -16.64 -36.89
N LYS B 328 -13.03 -16.02 -37.44
CA LYS B 328 -11.71 -16.66 -37.43
C LYS B 328 -11.25 -17.00 -36.01
N GLY B 329 -11.66 -16.19 -35.04
CA GLY B 329 -11.35 -16.43 -33.65
C GLY B 329 -12.08 -17.60 -33.01
N ALA B 330 -13.17 -18.05 -33.61
CA ALA B 330 -13.89 -19.22 -33.12
C ALA B 330 -14.58 -20.05 -34.23
N ALA B 331 -15.76 -19.63 -34.64
CA ALA B 331 -16.65 -20.45 -35.46
C ALA B 331 -16.08 -20.80 -36.83
N TRP B 332 -15.53 -19.81 -37.51
CA TRP B 332 -14.90 -20.03 -38.81
C TRP B 332 -13.67 -20.93 -38.67
N ASN B 333 -12.85 -20.74 -37.65
CA ASN B 333 -11.67 -21.59 -37.49
C ASN B 333 -12.07 -23.04 -37.28
N SER B 334 -13.17 -23.28 -36.57
CA SER B 334 -13.66 -24.64 -36.32
C SER B 334 -14.19 -25.29 -37.60
N VAL B 335 -14.94 -24.52 -38.38
CA VAL B 335 -15.51 -25.05 -39.62
C VAL B 335 -14.40 -25.25 -40.66
N GLN B 336 -13.42 -24.35 -40.70
CA GLN B 336 -12.29 -24.46 -41.63
C GLN B 336 -11.45 -25.70 -41.30
N ILE B 337 -11.33 -26.03 -40.02
CA ILE B 337 -10.67 -27.26 -39.60
C ILE B 337 -11.41 -28.47 -40.17
N ALA B 338 -12.74 -28.45 -40.07
CA ALA B 338 -13.58 -29.51 -40.62
C ALA B 338 -13.40 -29.64 -42.14
N GLU B 339 -13.29 -28.50 -42.83
CA GLU B 339 -13.07 -28.48 -44.27
C GLU B 339 -11.69 -29.06 -44.61
N THR B 340 -10.71 -28.76 -43.77
CA THR B 340 -9.34 -29.23 -43.97
C THR B 340 -9.23 -30.73 -43.72
N LEU B 341 -9.87 -31.19 -42.63
CA LEU B 341 -10.04 -32.61 -42.36
C LEU B 341 -10.60 -33.32 -43.59
N HIS B 342 -11.63 -32.76 -44.20
CA HIS B 342 -12.23 -33.35 -45.40
C HIS B 342 -11.25 -33.34 -46.58
N GLU B 343 -10.55 -32.23 -46.77
CA GLU B 343 -9.59 -32.09 -47.87
C GLU B 343 -8.41 -33.08 -47.74
N ARG B 344 -8.04 -33.40 -46.51
CA ARG B 344 -6.86 -34.23 -46.25
C ARG B 344 -7.20 -35.72 -46.08
N GLY B 345 -8.47 -36.08 -46.23
CA GLY B 345 -8.91 -37.47 -46.13
C GLY B 345 -8.91 -37.98 -44.70
N LEU B 346 -9.18 -37.08 -43.76
CA LEU B 346 -9.04 -37.38 -42.34
C LEU B 346 -10.38 -37.50 -41.61
N VAL B 347 -11.49 -37.45 -42.34
CA VAL B 347 -12.81 -37.64 -41.74
C VAL B 347 -13.16 -39.12 -41.71
N ARG B 348 -12.80 -39.77 -40.61
CA ARG B 348 -13.06 -41.18 -40.43
C ARG B 348 -12.94 -41.59 -38.96
N PRO B 349 -13.50 -42.75 -38.60
CA PRO B 349 -13.35 -43.30 -37.25
C PRO B 349 -11.90 -43.48 -36.80
N THR B 350 -11.66 -43.24 -35.52
CA THR B 350 -10.37 -43.49 -34.89
C THR B 350 -10.34 -44.92 -34.36
N ALA B 351 -9.19 -45.57 -34.48
CA ALA B 351 -9.04 -46.95 -34.01
C ALA B 351 -8.97 -47.01 -32.49
N GLU B 352 -7.93 -46.39 -31.92
CA GLU B 352 -7.64 -46.50 -30.49
C GLU B 352 -8.24 -45.32 -29.73
N LEU B 353 -9.00 -45.63 -28.67
CA LEU B 353 -9.63 -44.63 -27.84
C LEU B 353 -8.68 -44.18 -26.73
N LYS B 354 -8.33 -42.89 -26.73
CA LYS B 354 -7.37 -42.32 -25.79
C LYS B 354 -8.02 -41.35 -24.80
N PHE B 355 -9.35 -41.36 -24.75
CA PHE B 355 -10.10 -40.47 -23.86
C PHE B 355 -11.13 -41.28 -23.06
N GLU B 356 -11.21 -41.03 -21.76
CA GLU B 356 -12.11 -41.81 -20.90
C GLU B 356 -13.50 -41.18 -20.87
N GLY C 2 18.58 33.65 -2.81
CA GLY C 2 18.22 32.58 -1.86
C GLY C 2 18.12 33.12 -0.45
N TYR C 3 17.98 32.22 0.53
CA TYR C 3 17.82 32.61 1.93
C TYR C 3 19.10 32.44 2.73
N THR C 4 19.20 33.20 3.82
CA THR C 4 20.13 32.89 4.89
C THR C 4 19.37 32.14 5.98
N VAL C 5 19.73 30.88 6.19
CA VAL C 5 19.12 30.05 7.22
C VAL C 5 20.12 29.87 8.35
N ALA C 6 19.70 30.16 9.58
CA ALA C 6 20.53 29.92 10.75
C ALA C 6 19.96 28.76 11.55
N VAL C 7 20.83 27.94 12.11
CA VAL C 7 20.44 26.86 13.01
C VAL C 7 20.95 27.17 14.41
N VAL C 8 20.05 27.60 15.30
CA VAL C 8 20.40 27.93 16.69
C VAL C 8 20.40 26.68 17.55
N GLY C 9 21.54 26.39 18.18
CA GLY C 9 21.73 25.16 18.92
C GLY C 9 22.15 24.02 18.00
N ALA C 10 23.09 24.29 17.11
CA ALA C 10 23.50 23.33 16.07
C ALA C 10 24.32 22.12 16.56
N THR C 11 24.61 22.01 17.86
CA THR C 11 25.42 20.89 18.38
C THR C 11 24.62 19.78 19.07
N GLY C 12 23.33 20.01 19.32
CA GLY C 12 22.52 19.04 20.05
C GLY C 12 22.01 17.88 19.22
N ALA C 13 21.21 17.02 19.85
CA ALA C 13 20.70 15.80 19.21
C ALA C 13 19.79 16.16 18.04
N VAL C 14 18.81 17.00 18.32
CA VAL C 14 17.93 17.55 17.28
C VAL C 14 18.73 18.43 16.31
N GLY C 15 19.76 19.10 16.80
CA GLY C 15 20.54 20.04 16.02
C GLY C 15 21.30 19.41 14.87
N ALA C 16 21.89 18.24 15.12
CA ALA C 16 22.61 17.52 14.08
C ALA C 16 21.63 16.98 13.04
N GLN C 17 20.45 16.56 13.49
CA GLN C 17 19.40 16.11 12.56
C GLN C 17 18.82 17.28 11.78
N MET C 18 18.84 18.46 12.37
CA MET C 18 18.39 19.69 11.72
C MET C 18 19.28 19.98 10.53
N ILE C 19 20.60 19.80 10.73
CA ILE C 19 21.57 19.97 9.66
C ILE C 19 21.29 18.97 8.55
N LYS C 20 21.15 17.69 8.90
CA LYS C 20 20.91 16.64 7.90
C LYS C 20 19.66 16.91 7.06
N MET C 21 18.58 17.35 7.70
CA MET C 21 17.33 17.60 6.99
C MET C 21 17.45 18.83 6.10
N LEU C 22 18.23 19.82 6.55
CA LEU C 22 18.48 21.03 5.76
C LEU C 22 19.35 20.71 4.55
N GLU C 23 20.30 19.80 4.73
CA GLU C 23 21.20 19.37 3.66
C GLU C 23 20.42 18.70 2.52
N GLU C 24 19.27 18.11 2.85
CA GLU C 24 18.45 17.41 1.86
C GLU C 24 17.20 18.21 1.48
N SER C 25 17.15 19.47 1.88
CA SER C 25 15.96 20.29 1.70
C SER C 25 15.93 20.94 0.31
N THR C 26 14.72 21.25 -0.16
CA THR C 26 14.51 21.96 -1.42
C THR C 26 14.66 23.49 -1.29
N LEU C 27 14.76 23.98 -0.06
CA LEU C 27 14.84 25.41 0.21
C LEU C 27 15.96 26.06 -0.61
N PRO C 28 15.69 27.20 -1.27
CA PRO C 28 16.77 27.93 -1.96
C PRO C 28 17.64 28.63 -0.94
N ILE C 29 18.77 28.01 -0.59
CA ILE C 29 19.64 28.53 0.46
C ILE C 29 20.96 29.03 -0.11
N ASP C 30 21.26 30.31 0.15
CA ASP C 30 22.52 30.93 -0.25
C ASP C 30 23.58 30.87 0.86
N LYS C 31 23.13 30.92 2.11
CA LYS C 31 24.05 30.98 3.25
C LYS C 31 23.52 30.19 4.45
N ILE C 32 24.40 29.37 5.03
CA ILE C 32 24.12 28.65 6.25
C ILE C 32 24.93 29.28 7.39
N ARG C 33 24.31 29.38 8.56
CA ARG C 33 24.97 29.90 9.76
C ARG C 33 24.61 29.03 10.96
N TYR C 34 25.59 28.72 11.80
CA TYR C 34 25.36 27.96 13.02
C TYR C 34 25.56 28.88 14.22
N LEU C 35 24.63 28.82 15.17
CA LEU C 35 24.69 29.62 16.40
C LEU C 35 24.70 28.69 17.60
N GLY C 42 32.14 28.26 19.15
CA GLY C 42 32.89 28.99 18.12
C GLY C 42 33.89 28.15 17.33
N LYS C 43 33.67 26.83 17.30
CA LYS C 43 34.51 25.91 16.53
C LYS C 43 33.85 25.78 15.14
N SER C 44 33.73 24.56 14.59
CA SER C 44 33.08 24.40 13.28
C SER C 44 32.39 23.05 13.09
N LEU C 45 31.25 23.09 12.39
CA LEU C 45 30.52 21.91 11.94
C LEU C 45 30.32 21.95 10.42
N LYS C 46 30.05 20.80 9.82
CA LYS C 46 29.87 20.69 8.38
C LYS C 46 28.44 21.02 7.93
N PHE C 47 28.29 21.43 6.66
CA PHE C 47 27.00 21.49 5.99
C PHE C 47 27.07 20.69 4.69
N ASP C 49 29.82 19.46 2.49
CA ASP C 49 31.28 19.35 2.58
C ASP C 49 31.92 20.61 3.16
N GLN C 50 31.12 21.68 3.26
CA GLN C 50 31.62 22.99 3.67
C GLN C 50 31.76 23.07 5.20
N ASP C 51 32.91 23.52 5.69
CA ASP C 51 33.04 23.89 7.10
C ASP C 51 32.30 25.21 7.35
N ILE C 52 31.60 25.29 8.47
CA ILE C 52 30.85 26.50 8.85
C ILE C 52 31.36 26.99 10.21
N THR C 53 31.69 28.27 10.31
CA THR C 53 32.15 28.83 11.58
C THR C 53 30.98 29.09 12.53
N ILE C 54 30.96 28.38 13.65
CA ILE C 54 29.97 28.60 14.71
C ILE C 54 30.12 30.02 15.28
N GLU C 55 28.99 30.62 15.61
CA GLU C 55 28.93 31.96 16.19
C GLU C 55 28.10 31.91 17.46
N GLU C 56 28.36 32.83 18.39
CA GLU C 56 27.59 32.89 19.63
C GLU C 56 26.21 33.51 19.40
N THR C 57 25.21 32.92 20.04
CA THR C 57 23.84 33.41 19.98
C THR C 57 23.72 34.66 20.85
N THR C 58 23.47 35.80 20.21
CA THR C 58 23.25 37.07 20.93
C THR C 58 21.96 37.75 20.43
N GLU C 59 21.75 38.98 20.89
CA GLU C 59 20.58 39.78 20.58
C GLU C 59 20.70 40.38 19.19
N THR C 60 21.94 40.67 18.79
CA THR C 60 22.23 41.29 17.50
C THR C 60 22.78 40.30 16.46
N ALA C 61 22.64 39.01 16.71
CA ALA C 61 23.24 37.98 15.87
C ALA C 61 22.35 37.52 14.71
N PHE C 62 21.17 38.12 14.57
CA PHE C 62 20.17 37.65 13.62
C PHE C 62 19.96 38.59 12.43
N GLU C 63 20.75 39.66 12.35
CA GLU C 63 20.69 40.58 11.22
C GLU C 63 20.99 39.84 9.90
N GLY C 64 20.13 40.04 8.90
CA GLY C 64 20.31 39.42 7.59
C GLY C 64 19.67 38.04 7.42
N VAL C 65 19.31 37.41 8.53
CA VAL C 65 18.77 36.05 8.52
C VAL C 65 17.30 36.08 8.10
N ASP C 66 16.93 35.15 7.22
CA ASP C 66 15.56 35.05 6.74
C ASP C 66 14.76 34.05 7.58
N ILE C 67 15.35 32.89 7.81
CA ILE C 67 14.72 31.83 8.59
C ILE C 67 15.69 31.34 9.66
N ALA C 68 15.21 31.22 10.88
CA ALA C 68 16.00 30.62 11.96
C ALA C 68 15.27 29.39 12.48
N LEU C 69 15.97 28.26 12.51
CA LEU C 69 15.45 27.04 13.13
C LEU C 69 16.10 26.92 14.50
N PHE C 70 15.32 27.15 15.55
CA PHE C 70 15.83 27.00 16.90
C PHE C 70 15.86 25.52 17.27
N SER C 71 16.90 25.12 17.98
CA SER C 71 17.14 23.72 18.32
C SER C 71 17.94 23.58 19.62
N ALA C 72 17.84 24.59 20.48
CA ALA C 72 18.47 24.57 21.77
C ALA C 72 17.33 24.39 22.79
N GLY C 73 17.50 24.90 24.00
CA GLY C 73 16.49 24.76 25.03
C GLY C 73 15.46 25.87 25.02
N SER C 74 14.47 25.75 25.91
CA SER C 74 13.38 26.70 25.99
C SER C 74 13.86 28.10 26.44
N SER C 75 14.83 28.15 27.36
CA SER C 75 15.38 29.43 27.81
C SER C 75 16.03 30.21 26.65
N THR C 76 16.69 29.51 25.74
CA THR C 76 17.28 30.11 24.54
C THR C 76 16.22 30.70 23.60
N SER C 77 15.11 29.97 23.42
CA SER C 77 14.03 30.44 22.57
C SER C 77 13.34 31.66 23.17
N ALA C 78 13.01 31.59 24.46
CA ALA C 78 12.37 32.71 25.17
C ALA C 78 13.21 33.98 25.09
N LYS C 79 14.52 33.82 25.25
CA LYS C 79 15.45 34.95 25.32
C LYS C 79 15.77 35.53 23.93
N TYR C 80 15.92 34.67 22.93
CA TYR C 80 16.51 35.10 21.66
C TYR C 80 15.57 35.11 20.44
N ALA C 81 14.53 34.28 20.45
CA ALA C 81 13.59 34.27 19.30
C ALA C 81 12.90 35.62 19.08
N PRO C 82 12.42 36.28 20.14
CA PRO C 82 11.83 37.62 20.01
C PRO C 82 12.76 38.64 19.32
N TYR C 83 14.05 38.62 19.63
CA TYR C 83 15.02 39.48 18.97
C TYR C 83 15.24 39.09 17.50
N ALA C 84 15.15 37.80 17.18
CA ALA C 84 15.23 37.37 15.80
C ALA C 84 14.02 37.93 15.03
N VAL C 85 12.84 37.87 15.64
CA VAL C 85 11.62 38.40 15.02
C VAL C 85 11.76 39.90 14.78
N LYS C 86 12.37 40.60 15.74
CA LYS C 86 12.60 42.05 15.63
C LYS C 86 13.52 42.40 14.47
N ALA C 87 14.50 41.54 14.20
CA ALA C 87 15.50 41.79 13.14
C ALA C 87 15.03 41.33 11.76
N GLY C 88 13.81 40.82 11.66
CA GLY C 88 13.20 40.48 10.39
C GLY C 88 13.14 38.99 10.06
N VAL C 89 13.46 38.13 11.04
CA VAL C 89 13.51 36.68 10.81
C VAL C 89 12.13 36.04 10.99
N VAL C 90 11.90 34.93 10.30
CA VAL C 90 10.81 34.02 10.63
C VAL C 90 11.43 32.85 11.38
N VAL C 91 10.98 32.66 12.62
CA VAL C 91 11.54 31.63 13.49
C VAL C 91 10.65 30.40 13.49
N VAL C 92 11.28 29.25 13.28
CA VAL C 92 10.65 27.96 13.56
C VAL C 92 11.28 27.44 14.85
N ASP C 93 10.46 27.37 15.90
CA ASP C 93 10.93 27.02 17.23
C ASP C 93 10.63 25.57 17.59
N ASN C 94 11.66 24.87 18.04
CA ASN C 94 11.59 23.47 18.41
C ASN C 94 10.99 23.19 19.79
N THR C 95 11.10 24.15 20.70
CA THR C 95 10.78 23.93 22.12
C THR C 95 9.29 24.06 22.40
N SER C 96 8.93 23.85 23.65
CA SER C 96 7.54 23.99 24.09
C SER C 96 7.15 25.42 24.46
N TYR C 97 8.09 26.36 24.41
CA TYR C 97 7.90 27.66 25.05
C TYR C 97 6.75 28.49 24.48
N PHE C 98 6.65 28.49 23.15
CA PHE C 98 5.67 29.30 22.42
C PHE C 98 4.45 28.50 21.95
N ARG C 99 4.40 27.21 22.27
CA ARG C 99 3.39 26.33 21.68
C ARG C 99 1.94 26.73 21.98
N GLN C 100 1.68 27.15 23.21
CA GLN C 100 0.35 27.55 23.64
C GLN C 100 0.12 29.07 23.64
N ASN C 101 1.00 29.81 22.98
CA ASN C 101 0.80 31.24 22.77
C ASN C 101 -0.20 31.43 21.61
N PRO C 102 -1.27 32.20 21.83
CA PRO C 102 -2.35 32.33 20.83
C PRO C 102 -1.93 32.94 19.49
N ASP C 103 -0.88 33.77 19.48
CA ASP C 103 -0.34 34.35 18.24
C ASP C 103 0.71 33.48 17.54
N VAL C 104 0.86 32.24 17.99
CA VAL C 104 1.87 31.35 17.44
C VAL C 104 1.17 30.10 16.90
N PRO C 105 1.20 29.91 15.59
CA PRO C 105 0.72 28.66 14.99
C PRO C 105 1.55 27.47 15.46
N LEU C 106 0.87 26.37 15.80
CA LEU C 106 1.46 25.12 16.22
C LEU C 106 1.15 24.15 15.10
N VAL C 107 2.16 23.81 14.29
CA VAL C 107 1.91 23.26 12.97
C VAL C 107 2.55 21.90 12.68
N VAL C 108 1.71 21.02 12.14
CA VAL C 108 2.14 19.84 11.41
C VAL C 108 1.68 20.11 9.99
N PRO C 109 2.59 20.38 9.06
CA PRO C 109 2.23 20.83 7.70
C PRO C 109 1.15 20.02 6.94
N GLU C 110 1.06 18.71 7.17
CA GLU C 110 0.04 17.87 6.51
C GLU C 110 -1.36 18.06 7.09
N VAL C 111 -1.44 18.63 8.29
CA VAL C 111 -2.70 18.76 9.01
C VAL C 111 -3.26 20.18 8.98
N ASN C 112 -2.43 21.15 9.39
CA ASN C 112 -2.89 22.54 9.56
C ASN C 112 -1.94 23.60 8.99
N ALA C 113 -1.47 23.37 7.76
CA ALA C 113 -0.62 24.34 7.06
C ALA C 113 -1.27 25.72 6.93
N HIS C 114 -2.59 25.75 6.78
CA HIS C 114 -3.35 27.00 6.69
C HIS C 114 -3.08 27.94 7.87
N ALA C 115 -2.84 27.38 9.06
CA ALA C 115 -2.55 28.18 10.27
C ALA C 115 -1.25 28.98 10.18
N LEU C 116 -0.33 28.59 9.29
CA LEU C 116 0.88 29.36 9.02
C LEU C 116 0.62 30.77 8.47
N ASP C 117 -0.50 30.95 7.77
CA ASP C 117 -0.79 32.20 7.06
C ASP C 117 -0.83 33.41 7.98
N ALA C 118 -1.30 33.24 9.20
CA ALA C 118 -1.48 34.35 10.14
C ALA C 118 -0.33 34.47 11.13
N HIS C 119 0.84 33.92 10.82
CA HIS C 119 1.94 33.93 11.77
C HIS C 119 2.45 35.34 12.02
N ASN C 120 3.08 35.49 13.18
CA ASN C 120 3.61 36.77 13.66
C ASN C 120 5.13 36.70 13.87
N GLY C 121 5.77 35.74 13.19
CA GLY C 121 7.22 35.65 13.15
C GLY C 121 7.77 34.39 13.81
N ILE C 122 6.93 33.71 14.59
CA ILE C 122 7.30 32.46 15.24
C ILE C 122 6.27 31.36 14.92
N ILE C 123 6.75 30.21 14.48
CA ILE C 123 5.93 29.02 14.32
C ILE C 123 6.55 27.95 15.21
N ALA C 124 5.69 27.30 16.00
CA ALA C 124 6.14 26.26 16.92
C ALA C 124 5.96 24.90 16.28
N CYS C 125 7.03 24.11 16.35
CA CYS C 125 6.99 22.69 16.08
C CYS C 125 6.38 22.00 17.30
N PRO C 126 5.38 21.13 17.12
CA PRO C 126 4.78 20.46 18.28
C PRO C 126 5.69 19.39 18.92
N ASN C 127 5.20 18.81 20.00
CA ASN C 127 5.86 17.70 20.70
C ASN C 127 5.91 16.47 19.79
N CYS C 128 7.02 15.73 19.86
CA CYS C 128 7.28 14.60 18.94
C CYS C 128 6.20 13.53 18.97
N SER C 129 5.77 13.14 20.17
CA SER C 129 4.71 12.14 20.34
C SER C 129 3.37 12.64 19.82
N THR C 130 3.17 13.96 19.84
CA THR C 130 1.94 14.55 19.30
C THR C 130 1.95 14.55 17.77
N ILE C 131 3.08 14.95 17.17
CA ILE C 131 3.17 15.07 15.73
C ILE C 131 2.77 13.77 15.02
N GLN C 132 3.40 12.65 15.38
CA GLN C 132 3.12 11.37 14.71
C GLN C 132 1.66 10.94 14.85
N MET C 133 1.05 11.22 16.01
CA MET C 133 -0.37 10.91 16.23
C MET C 133 -1.27 11.74 15.32
N MET C 134 -0.91 12.99 15.08
CA MET C 134 -1.72 13.89 14.28
C MET C 134 -1.71 13.50 12.82
N VAL C 135 -0.58 13.00 12.36
CA VAL C 135 -0.43 12.53 10.97
C VAL C 135 -1.27 11.28 10.76
N ALA C 136 -1.35 10.43 11.79
CA ALA C 136 -2.11 9.19 11.72
C ALA C 136 -3.62 9.44 11.78
N LEU C 137 -4.03 10.44 12.54
CA LEU C 137 -5.43 10.61 12.91
C LEU C 137 -6.20 11.63 12.07
N GLU C 138 -5.49 12.58 11.46
CA GLU C 138 -6.12 13.61 10.62
C GLU C 138 -6.90 13.02 9.42
N PRO C 139 -6.33 12.06 8.68
CA PRO C 139 -7.09 11.43 7.59
C PRO C 139 -8.39 10.79 8.08
N VAL C 140 -8.37 10.24 9.29
CA VAL C 140 -9.56 9.62 9.85
C VAL C 140 -10.57 10.68 10.30
N ARG C 141 -10.07 11.76 10.89
CA ARG C 141 -10.90 12.86 11.39
C ARG C 141 -11.61 13.60 10.25
N GLN C 142 -10.93 13.71 9.12
CA GLN C 142 -11.45 14.39 7.93
C GLN C 142 -12.73 13.75 7.41
N LYS C 143 -12.81 12.42 7.48
CA LYS C 143 -13.93 11.67 6.92
C LYS C 143 -14.99 11.25 7.95
N TRP C 144 -14.57 10.86 9.14
CA TRP C 144 -15.49 10.32 10.14
C TRP C 144 -15.50 11.05 11.49
N GLY C 145 -14.74 12.14 11.61
CA GLY C 145 -14.67 12.91 12.84
C GLY C 145 -13.89 12.21 13.95
N LEU C 146 -13.55 12.98 14.99
CA LEU C 146 -12.90 12.44 16.18
C LEU C 146 -13.57 13.02 17.42
N ASP C 147 -13.99 12.12 18.30
CA ASP C 147 -14.60 12.48 19.55
C ASP C 147 -13.66 12.35 20.74
N ARG C 148 -12.89 11.27 20.79
CA ARG C 148 -11.89 11.11 21.85
C ARG C 148 -10.67 10.30 21.43
N ILE C 149 -9.58 10.53 22.14
CA ILE C 149 -8.35 9.76 22.00
C ILE C 149 -7.88 9.31 23.37
N ILE C 150 -7.52 8.03 23.49
CA ILE C 150 -6.69 7.56 24.60
C ILE C 150 -5.39 7.01 24.03
N VAL C 151 -4.26 7.48 24.53
CA VAL C 151 -2.97 7.05 23.99
C VAL C 151 -2.01 6.61 25.09
N SER C 152 -1.28 5.53 24.82
CA SER C 152 -0.21 5.06 25.68
C SER C 152 1.06 5.01 24.83
N THR C 153 2.09 5.75 25.23
CA THR C 153 3.28 5.86 24.40
C THR C 153 4.40 4.93 24.85
N TYR C 154 5.31 4.70 23.93
CA TYR C 154 6.45 3.82 24.12
C TYR C 154 7.63 4.61 23.57
N GLN C 155 8.19 5.49 24.39
CA GLN C 155 9.09 6.53 23.90
C GLN C 155 10.58 6.20 24.06
N ALA C 156 11.33 6.50 23.01
CA ALA C 156 12.78 6.36 22.94
C ALA C 156 13.50 7.43 23.76
N VAL C 157 14.69 7.10 24.22
CA VAL C 157 15.48 7.97 25.09
C VAL C 157 16.15 9.16 24.40
N SER C 158 16.33 9.13 23.08
CA SER C 158 16.95 10.24 22.35
C SER C 158 16.11 11.52 22.41
N GLY C 159 14.83 11.39 22.78
CA GLY C 159 13.98 12.52 23.08
C GLY C 159 14.46 13.32 24.29
N ALA C 160 15.18 12.68 25.21
CA ALA C 160 15.77 13.35 26.37
C ALA C 160 17.21 13.86 26.14
N GLY C 161 17.76 13.65 24.94
CA GLY C 161 19.06 14.20 24.57
C GLY C 161 20.20 13.18 24.56
N MET C 162 21.39 13.65 24.16
CA MET C 162 22.58 12.81 24.02
C MET C 162 22.97 12.15 25.34
N GLY C 163 22.95 12.93 26.43
CA GLY C 163 23.22 12.40 27.76
C GLY C 163 22.40 11.16 28.07
N ALA C 164 21.09 11.22 27.80
CA ALA C 164 20.19 10.09 28.07
C ALA C 164 20.51 8.87 27.18
N ILE C 165 20.90 9.12 25.94
CA ILE C 165 21.36 8.06 25.04
C ILE C 165 22.57 7.37 25.68
N LEU C 166 23.56 8.17 26.08
CA LEU C 166 24.79 7.64 26.67
C LEU C 166 24.55 6.91 28.00
N GLU C 167 23.60 7.40 28.78
CA GLU C 167 23.24 6.79 30.06
C GLU C 167 22.60 5.42 29.83
N THR C 168 21.72 5.35 28.85
CA THR C 168 20.99 4.13 28.51
C THR C 168 21.95 3.01 28.08
N GLN C 169 22.88 3.35 27.19
CA GLN C 169 23.88 2.40 26.70
C GLN C 169 24.81 1.94 27.82
N ARG C 170 25.22 2.89 28.66
CA ARG C 170 26.06 2.61 29.81
C ARG C 170 25.40 1.65 30.80
N GLU C 171 24.13 1.89 31.09
CA GLU C 171 23.36 1.02 31.98
C GLU C 171 23.20 -0.39 31.40
N LEU C 172 22.83 -0.49 30.13
CA LEU C 172 22.64 -1.79 29.50
C LEU C 172 23.92 -2.61 29.54
N ARG C 173 25.05 -1.95 29.28
CA ARG C 173 26.36 -2.60 29.29
C ARG C 173 26.76 -3.07 30.68
N GLU C 174 26.46 -2.28 31.70
CA GLU C 174 26.69 -2.71 33.09
C GLU C 174 25.94 -3.98 33.45
N VAL C 175 24.68 -4.09 33.01
CA VAL C 175 23.84 -5.24 33.32
C VAL C 175 24.34 -6.47 32.56
N LEU C 176 24.50 -6.33 31.25
CA LEU C 176 24.87 -7.43 30.37
C LEU C 176 26.32 -7.91 30.45
N ASN C 177 27.24 -7.00 30.75
CA ASN C 177 28.66 -7.36 30.78
C ASN C 177 29.24 -7.49 32.17
N ASP C 178 28.73 -6.73 33.13
CA ASP C 178 29.30 -6.71 34.48
C ASP C 178 28.40 -7.38 35.54
N GLY C 179 27.26 -7.93 35.12
CA GLY C 179 26.38 -8.64 36.04
C GLY C 179 25.63 -7.80 37.07
N VAL C 180 25.53 -6.49 36.83
CA VAL C 180 24.80 -5.60 37.73
C VAL C 180 23.29 -5.79 37.55
N LYS C 181 22.56 -5.96 38.66
CA LYS C 181 21.09 -6.05 38.63
C LYS C 181 20.53 -4.69 38.23
N PRO C 182 19.55 -4.66 37.32
CA PRO C 182 19.04 -3.37 36.83
C PRO C 182 18.60 -2.42 37.96
N CYS C 183 17.98 -2.97 39.00
CA CYS C 183 17.50 -2.17 40.13
C CYS C 183 18.62 -1.51 40.93
N ASP C 184 19.84 -2.05 40.84
CA ASP C 184 21.02 -1.47 41.50
C ASP C 184 21.81 -0.45 40.69
N LEU C 185 21.39 -0.14 39.46
CA LEU C 185 22.13 0.79 38.61
C LEU C 185 22.05 2.23 39.15
N HIS C 186 23.11 3.01 38.94
CA HIS C 186 23.07 4.46 39.23
C HIS C 186 22.65 5.20 37.96
N ALA C 187 21.76 6.17 38.13
CA ALA C 187 21.24 6.98 37.03
C ALA C 187 21.27 8.46 37.42
N GLU C 188 21.53 9.32 36.44
CA GLU C 188 21.71 10.77 36.66
C GLU C 188 20.74 11.65 35.86
N ILE C 189 20.12 11.11 34.82
CA ILE C 189 19.32 11.89 33.88
C ILE C 189 17.84 11.43 33.81
N LEU C 190 17.58 10.21 33.39
CA LEU C 190 16.20 9.73 33.24
C LEU C 190 15.60 9.47 34.61
N PRO C 191 14.28 9.56 34.76
CA PRO C 191 13.34 9.87 33.67
C PRO C 191 13.36 11.33 33.18
N SER C 192 13.73 12.25 34.06
CA SER C 192 13.70 13.68 33.76
C SER C 192 14.90 14.39 34.37
N GLY C 193 15.72 14.99 33.50
CA GLY C 193 16.95 15.66 33.88
C GLY C 193 16.78 16.74 34.95
N GLY C 194 15.71 17.51 34.84
CA GLY C 194 15.42 18.57 35.80
C GLY C 194 14.81 18.15 37.13
N ASP C 195 14.23 16.94 37.20
CA ASP C 195 13.54 16.46 38.41
C ASP C 195 14.53 15.99 39.48
N LYS C 196 14.00 15.70 40.67
CA LYS C 196 14.82 15.53 41.87
C LYS C 196 15.45 14.15 41.96
N LYS C 197 14.82 13.15 41.35
CA LYS C 197 15.23 11.75 41.45
C LYS C 197 15.37 11.13 40.08
N HIS C 198 16.33 10.22 39.96
CA HIS C 198 16.63 9.58 38.70
C HIS C 198 16.65 8.06 38.87
N TYR C 199 16.14 7.37 37.86
CA TYR C 199 15.97 5.93 37.89
C TYR C 199 16.59 5.29 36.63
N PRO C 200 17.01 4.03 36.74
CA PRO C 200 17.52 3.29 35.57
C PRO C 200 16.43 3.10 34.52
N ILE C 201 16.81 3.16 33.24
CA ILE C 201 15.91 2.83 32.15
C ILE C 201 16.15 1.43 31.61
N ALA C 202 17.36 0.90 31.79
CA ALA C 202 17.70 -0.43 31.29
C ALA C 202 16.76 -1.52 31.84
N PHE C 203 16.15 -2.26 30.93
CA PHE C 203 15.24 -3.37 31.27
C PHE C 203 14.07 -2.89 32.13
N ASN C 204 13.66 -1.66 31.89
CA ASN C 204 12.64 -0.98 32.68
C ASN C 204 11.63 -0.29 31.78
N ALA C 205 10.49 0.07 32.34
CA ALA C 205 9.57 0.97 31.67
C ALA C 205 9.19 2.04 32.67
N LEU C 206 9.56 3.29 32.36
CA LEU C 206 9.40 4.41 33.29
C LEU C 206 8.20 5.27 32.87
N PRO C 207 7.13 5.21 33.64
CA PRO C 207 5.90 5.95 33.33
C PRO C 207 5.99 7.42 33.75
N GLN C 208 7.08 8.06 33.35
CA GLN C 208 7.29 9.49 33.59
C GLN C 208 8.17 10.05 32.49
N ILE C 209 7.61 11.01 31.79
CA ILE C 209 8.35 11.82 30.84
C ILE C 209 8.03 13.28 31.22
N ASP C 210 9.07 14.08 31.41
CA ASP C 210 8.95 15.44 31.94
C ASP C 210 8.52 15.37 33.42
N VAL C 211 8.20 16.50 34.03
CA VAL C 211 7.84 16.54 35.45
C VAL C 211 6.32 16.46 35.62
N PHE C 212 5.90 16.24 36.85
CA PHE C 212 4.48 16.13 37.14
C PHE C 212 3.82 17.50 37.28
N THR C 213 2.56 17.51 36.86
CA THR C 213 1.72 18.69 36.83
C THR C 213 0.79 18.55 38.03
N ASP C 214 0.04 19.61 38.35
CA ASP C 214 -0.86 19.65 39.51
C ASP C 214 -2.02 18.63 39.46
N ASN C 215 -2.42 18.19 38.26
CA ASN C 215 -3.49 17.19 38.11
C ASN C 215 -3.00 15.73 38.05
N ASP C 216 -1.73 15.50 38.38
CA ASP C 216 -1.11 14.16 38.44
C ASP C 216 -0.77 13.52 37.08
N TYR C 217 -1.02 14.24 35.99
CA TYR C 217 -0.51 13.87 34.68
C TYR C 217 0.82 14.60 34.54
N THR C 218 1.73 14.08 33.72
CA THR C 218 2.98 14.81 33.45
C THR C 218 2.78 15.90 32.41
N TYR C 219 3.72 16.83 32.33
CA TYR C 219 3.68 17.84 31.26
C TYR C 219 3.66 17.20 29.87
N GLU C 220 4.35 16.07 29.70
CA GLU C 220 4.36 15.35 28.42
C GLU C 220 2.96 14.89 28.04
N GLU C 221 2.25 14.29 29.01
CA GLU C 221 0.90 13.83 28.78
C GLU C 221 -0.05 15.00 28.49
N MET C 222 0.12 16.10 29.22
CA MET C 222 -0.73 17.28 29.04
C MET C 222 -0.41 18.03 27.74
N LYS C 223 0.83 17.92 27.24
CA LYS C 223 1.17 18.45 25.93
C LYS C 223 0.39 17.71 24.85
N MET C 224 0.30 16.39 24.98
CA MET C 224 -0.43 15.61 23.98
C MET C 224 -1.90 16.05 23.95
N THR C 225 -2.47 16.30 25.11
CA THR C 225 -3.85 16.75 25.22
C THR C 225 -4.04 18.13 24.59
N LYS C 226 -3.25 19.09 25.03
CA LYS C 226 -3.45 20.51 24.69
C LYS C 226 -2.99 20.83 23.27
N GLU C 227 -1.89 20.24 22.85
CA GLU C 227 -1.36 20.48 21.50
C GLU C 227 -2.28 19.87 20.43
N THR C 228 -2.88 18.71 20.74
CA THR C 228 -3.86 18.09 19.85
C THR C 228 -5.04 19.02 19.60
N LYS C 229 -5.56 19.62 20.68
CA LYS C 229 -6.72 20.51 20.57
C LYS C 229 -6.41 21.74 19.71
N LYS C 230 -5.20 22.27 19.84
CA LYS C 230 -4.77 23.44 19.05
C LYS C 230 -4.53 23.09 17.58
N ILE C 231 -3.86 21.96 17.31
CA ILE C 231 -3.49 21.58 15.95
C ILE C 231 -4.74 21.28 15.12
N MET C 232 -5.68 20.56 15.72
CA MET C 232 -6.92 20.18 15.06
C MET C 232 -8.03 21.23 15.26
N GLU C 233 -7.71 22.32 15.97
CA GLU C 233 -8.61 23.46 16.14
C GLU C 233 -9.99 23.02 16.65
N ASP C 234 -9.97 22.16 17.67
CA ASP C 234 -11.18 21.57 18.24
C ASP C 234 -10.93 21.21 19.72
N ASP C 235 -11.33 22.10 20.63
CA ASP C 235 -11.19 21.87 22.07
C ASP C 235 -12.15 20.78 22.57
N SER C 236 -13.15 20.40 21.77
CA SER C 236 -14.10 19.37 22.17
C SER C 236 -13.54 17.94 22.04
N ILE C 237 -12.39 17.78 21.40
CA ILE C 237 -11.74 16.48 21.31
C ILE C 237 -11.19 16.10 22.70
N ALA C 238 -11.76 15.07 23.31
CA ALA C 238 -11.25 14.55 24.57
C ALA C 238 -9.95 13.78 24.33
N VAL C 239 -8.90 14.13 25.07
CA VAL C 239 -7.59 13.51 24.95
C VAL C 239 -6.98 13.26 26.32
N SER C 240 -6.67 11.99 26.60
CA SER C 240 -5.93 11.57 27.81
C SER C 240 -4.82 10.61 27.44
N ALA C 241 -3.64 10.84 28.01
CA ALA C 241 -2.42 10.13 27.65
C ALA C 241 -1.66 9.60 28.85
N THR C 242 -0.98 8.46 28.64
CA THR C 242 0.06 7.95 29.55
C THR C 242 1.34 7.89 28.75
N CYS C 243 2.37 8.59 29.21
CA CYS C 243 3.63 8.66 28.49
C CYS C 243 4.73 7.89 29.22
N VAL C 244 5.32 6.93 28.53
CA VAL C 244 6.21 5.96 29.15
C VAL C 244 7.50 5.88 28.36
N ARG C 245 8.63 5.93 29.06
CA ARG C 245 9.94 5.74 28.45
C ARG C 245 10.32 4.25 28.50
N ILE C 246 10.78 3.72 27.38
CA ILE C 246 11.25 2.33 27.31
C ILE C 246 12.66 2.31 26.78
N PRO C 247 13.37 1.19 26.88
CA PRO C 247 14.76 1.11 26.42
C PRO C 247 14.94 0.96 24.89
N VAL C 248 14.54 2.01 24.19
CA VAL C 248 14.75 2.15 22.75
C VAL C 248 15.55 3.44 22.60
N LEU C 249 16.54 3.47 21.70
CA LEU C 249 17.30 4.70 21.50
C LEU C 249 16.58 5.68 20.58
N SER C 250 15.94 5.17 19.53
CA SER C 250 15.26 6.02 18.57
C SER C 250 13.95 5.44 18.07
N ALA C 251 13.01 6.35 17.84
CA ALA C 251 11.67 6.10 17.33
C ALA C 251 10.67 5.87 18.47
N HIS C 252 9.62 6.70 18.51
CA HIS C 252 8.51 6.52 19.43
C HIS C 252 7.45 5.64 18.80
N SER C 253 6.83 4.81 19.62
CA SER C 253 5.68 4.01 19.25
C SER C 253 4.50 4.38 20.15
N GLU C 254 3.28 4.25 19.64
CA GLU C 254 2.08 4.68 20.38
C GLU C 254 0.93 3.72 20.15
N SER C 255 0.35 3.23 21.25
CA SER C 255 -0.95 2.55 21.20
C SER C 255 -2.06 3.59 21.26
N VAL C 256 -2.79 3.74 20.16
CA VAL C 256 -3.75 4.82 20.03
C VAL C 256 -5.16 4.24 19.94
N TYR C 257 -6.04 4.75 20.78
CA TYR C 257 -7.46 4.41 20.72
C TYR C 257 -8.22 5.68 20.39
N ILE C 258 -9.10 5.61 19.39
CA ILE C 258 -10.00 6.71 19.09
C ILE C 258 -11.45 6.26 19.07
N GLU C 259 -12.35 7.19 19.35
CA GLU C 259 -13.75 7.02 19.00
C GLU C 259 -14.10 8.10 18.00
N THR C 260 -14.51 7.68 16.81
CA THR C 260 -15.00 8.60 15.76
C THR C 260 -16.42 9.08 16.06
N LYS C 261 -16.88 10.07 15.31
CA LYS C 261 -18.26 10.59 15.42
C LYS C 261 -19.23 9.74 14.61
N GLU C 262 -18.74 9.22 13.49
CA GLU C 262 -19.48 8.29 12.63
C GLU C 262 -18.66 7.01 12.48
N VAL C 263 -19.33 5.87 12.38
CA VAL C 263 -18.68 4.57 12.23
C VAL C 263 -17.78 4.63 10.98
N ALA C 264 -16.53 4.19 11.15
CA ALA C 264 -15.54 4.26 10.09
C ALA C 264 -15.11 2.83 9.73
N PRO C 265 -15.63 2.29 8.60
CA PRO C 265 -15.24 0.96 8.16
C PRO C 265 -13.72 0.85 8.07
N ILE C 266 -13.18 -0.25 8.58
CA ILE C 266 -11.74 -0.40 8.77
C ILE C 266 -10.96 -0.41 7.46
N GLU C 267 -11.49 -1.03 6.41
CA GLU C 267 -10.81 -1.02 5.12
C GLU C 267 -10.75 0.39 4.51
N GLU C 268 -11.76 1.21 4.79
CA GLU C 268 -11.75 2.61 4.39
C GLU C 268 -10.79 3.45 5.24
N VAL C 269 -10.66 3.11 6.52
CA VAL C 269 -9.72 3.78 7.40
C VAL C 269 -8.30 3.50 6.89
N LYS C 270 -8.02 2.25 6.58
CA LYS C 270 -6.72 1.83 6.07
C LYS C 270 -6.37 2.61 4.80
N ALA C 271 -7.33 2.70 3.88
CA ALA C 271 -7.12 3.41 2.61
C ALA C 271 -6.88 4.91 2.81
N ALA C 272 -7.65 5.52 3.71
CA ALA C 272 -7.53 6.95 3.99
C ALA C 272 -6.15 7.30 4.58
N ILE C 273 -5.67 6.48 5.52
CA ILE C 273 -4.34 6.67 6.09
C ILE C 273 -3.25 6.50 5.03
N ALA C 274 -3.38 5.49 4.17
CA ALA C 274 -2.40 5.23 3.11
C ALA C 274 -2.30 6.37 2.09
N ALA C 275 -3.43 7.01 1.80
CA ALA C 275 -3.48 8.13 0.86
C ALA C 275 -3.05 9.46 1.47
N PHE C 276 -2.86 9.50 2.79
CA PHE C 276 -2.53 10.75 3.47
C PHE C 276 -1.03 11.03 3.39
N PRO C 277 -0.64 12.25 3.04
CA PRO C 277 0.78 12.60 2.92
C PRO C 277 1.50 12.51 4.28
N GLY C 278 2.73 12.01 4.24
CA GLY C 278 3.48 11.75 5.45
C GLY C 278 3.17 10.44 6.18
N ALA C 279 2.07 9.77 5.81
CA ALA C 279 1.68 8.50 6.44
C ALA C 279 1.93 7.32 5.53
N VAL C 280 2.37 6.21 6.11
CA VAL C 280 2.61 4.97 5.39
C VAL C 280 1.91 3.86 6.14
N LEU C 281 1.00 3.17 5.47
CA LEU C 281 0.29 2.05 6.04
C LEU C 281 1.20 0.83 6.05
N GLU C 282 1.51 0.32 7.25
CA GLU C 282 2.20 -0.97 7.38
C GLU C 282 1.27 -1.88 8.16
N ASP C 283 0.45 -2.61 7.44
CA ASP C 283 -0.67 -3.33 8.06
C ASP C 283 -1.09 -4.52 7.22
N ASP C 284 -0.48 -5.66 7.51
CA ASP C 284 -0.79 -6.92 6.85
C ASP C 284 -0.47 -8.02 7.87
N VAL C 285 -1.40 -8.25 8.78
CA VAL C 285 -1.18 -9.16 9.91
C VAL C 285 -0.98 -10.62 9.49
N ALA C 286 -1.50 -10.99 8.31
CA ALA C 286 -1.27 -12.31 7.71
C ALA C 286 0.21 -12.58 7.44
N HIS C 287 0.99 -11.52 7.22
CA HIS C 287 2.44 -11.60 7.05
C HIS C 287 3.20 -10.87 8.16
N GLN C 288 2.56 -10.73 9.33
CA GLN C 288 3.14 -10.05 10.50
C GLN C 288 3.78 -8.71 10.15
N ILE C 289 3.05 -7.90 9.38
CA ILE C 289 3.52 -6.56 9.01
C ILE C 289 2.81 -5.54 9.89
N TYR C 290 3.60 -4.81 10.66
CA TYR C 290 3.12 -3.71 11.49
C TYR C 290 4.29 -2.74 11.68
N PRO C 291 4.02 -1.50 12.07
CA PRO C 291 5.10 -0.54 12.34
C PRO C 291 6.01 -1.03 13.46
N GLN C 292 7.30 -0.77 13.30
CA GLN C 292 8.31 -1.14 14.28
C GLN C 292 9.33 -0.03 14.42
N ALA C 293 9.66 0.31 15.66
CA ALA C 293 10.64 1.36 15.97
C ALA C 293 11.92 1.22 15.15
N ILE C 294 12.52 0.02 15.13
CA ILE C 294 13.82 -0.15 14.45
C ILE C 294 13.72 0.06 12.93
N ASN C 295 12.55 -0.21 12.36
CA ASN C 295 12.30 0.04 10.93
C ASN C 295 12.06 1.51 10.58
N ALA C 296 11.59 2.29 11.56
CA ALA C 296 11.26 3.69 11.39
C ALA C 296 12.46 4.61 11.46
N VAL C 297 13.52 4.18 12.15
CA VAL C 297 14.70 5.02 12.33
C VAL C 297 15.26 5.39 10.97
N GLY C 298 15.51 6.69 10.78
CA GLY C 298 16.12 7.21 9.56
C GLY C 298 15.13 7.67 8.51
N SER C 299 13.84 7.51 8.75
CA SER C 299 12.81 7.83 7.77
C SER C 299 11.93 8.99 8.25
N ARG C 300 11.45 9.79 7.31
CA ARG C 300 10.56 10.92 7.60
C ARG C 300 9.09 10.51 7.79
N ASP C 301 8.75 9.29 7.41
CA ASP C 301 7.37 8.85 7.44
C ASP C 301 6.89 8.52 8.85
N THR C 302 5.57 8.53 8.99
CA THR C 302 4.86 8.05 10.15
C THR C 302 4.17 6.77 9.73
N PHE C 303 4.45 5.69 10.44
CA PHE C 303 4.01 4.36 10.05
C PHE C 303 2.87 3.93 10.95
N VAL C 304 1.79 3.44 10.33
CA VAL C 304 0.55 3.09 11.03
C VAL C 304 0.13 1.67 10.73
N GLY C 305 -0.17 0.89 11.76
CA GLY C 305 -0.72 -0.45 11.60
C GLY C 305 -1.52 -0.90 12.80
N ARG C 306 -1.65 -2.22 12.94
CA ARG C 306 -2.53 -2.86 13.91
C ARG C 306 -3.91 -2.19 13.96
N ILE C 307 -4.41 -1.75 12.83
CA ILE C 307 -5.69 -1.05 12.78
C ILE C 307 -6.83 -2.06 12.90
N ARG C 308 -7.71 -1.83 13.87
CA ARG C 308 -8.84 -2.73 14.11
C ARG C 308 -9.93 -2.06 14.96
N LYS C 309 -11.15 -2.53 14.79
CA LYS C 309 -12.31 -2.05 15.54
C LYS C 309 -12.19 -2.46 17.00
N ASP C 310 -12.68 -1.62 17.91
CA ASP C 310 -12.87 -2.01 19.30
C ASP C 310 -13.83 -3.19 19.32
N LEU C 311 -13.70 -4.04 20.33
CA LEU C 311 -14.54 -5.23 20.44
C LEU C 311 -15.96 -4.93 20.90
N ASP C 312 -16.21 -3.72 21.41
CA ASP C 312 -17.52 -3.37 22.00
C ASP C 312 -18.04 -2.00 21.59
N ALA C 313 -17.21 -0.97 21.61
CA ALA C 313 -17.62 0.37 21.19
C ALA C 313 -17.69 0.41 19.66
N GLU C 314 -18.86 0.72 19.11
CA GLU C 314 -19.07 0.62 17.66
C GLU C 314 -18.25 1.64 16.86
N LYS C 315 -17.93 2.77 17.47
CA LYS C 315 -17.18 3.83 16.82
C LYS C 315 -15.72 3.83 17.27
N GLY C 316 -15.32 2.82 18.05
CA GLY C 316 -13.98 2.71 18.58
C GLY C 316 -13.02 2.01 17.62
N ILE C 317 -11.78 2.49 17.59
CA ILE C 317 -10.72 1.92 16.76
C ILE C 317 -9.38 2.00 17.50
N HIS C 318 -8.58 0.95 17.39
CA HIS C 318 -7.24 0.91 17.93
C HIS C 318 -6.25 0.86 16.80
N MET C 319 -5.03 1.36 17.05
CA MET C 319 -3.96 1.31 16.07
C MET C 319 -2.59 1.47 16.75
N TRP C 320 -1.54 1.39 15.94
CA TRP C 320 -0.15 1.41 16.40
C TRP C 320 0.59 2.38 15.48
N VAL C 321 1.18 3.42 16.05
CA VAL C 321 1.79 4.50 15.30
C VAL C 321 3.27 4.64 15.71
N VAL C 322 4.16 4.63 14.72
CA VAL C 322 5.60 4.71 14.95
C VAL C 322 6.24 5.74 14.01
N SER C 323 7.17 6.53 14.54
CA SER C 323 7.99 7.45 13.74
C SER C 323 9.28 7.80 14.47
N ASP C 324 10.30 8.14 13.70
CA ASP C 324 11.57 8.61 14.21
C ASP C 324 11.32 9.93 14.95
N ASN C 325 11.57 9.94 16.25
CA ASN C 325 11.29 11.11 17.11
C ASN C 325 12.20 12.31 16.87
N LEU C 326 13.36 12.09 16.28
CA LEU C 326 14.25 13.19 15.94
C LEU C 326 14.02 13.73 14.53
N LEU C 327 13.29 12.99 13.70
CA LEU C 327 12.99 13.45 12.33
C LEU C 327 11.59 14.06 12.27
N LYS C 328 10.56 13.28 11.94
CA LYS C 328 9.21 13.85 11.93
C LYS C 328 8.82 14.38 13.31
N GLY C 329 9.31 13.76 14.37
CA GLY C 329 9.04 14.22 15.72
C GLY C 329 9.73 15.52 16.10
N ALA C 330 10.70 15.96 15.29
CA ALA C 330 11.38 17.23 15.55
C ALA C 330 11.97 17.87 14.29
N ALA C 331 13.18 17.46 13.92
CA ALA C 331 13.98 18.14 12.91
C ALA C 331 13.33 18.23 11.53
N TRP C 332 12.86 17.10 11.00
CA TRP C 332 12.12 17.13 9.73
C TRP C 332 10.83 17.97 9.80
N ASN C 333 10.06 17.87 10.87
CA ASN C 333 8.84 18.68 10.98
C ASN C 333 9.18 20.17 10.92
N SER C 334 10.28 20.56 11.56
CA SER C 334 10.74 21.96 11.56
C SER C 334 11.18 22.42 10.17
N VAL C 335 11.99 21.62 9.50
CA VAL C 335 12.47 21.96 8.17
C VAL C 335 11.29 21.95 7.20
N GLN C 336 10.35 21.05 7.42
CA GLN C 336 9.15 20.96 6.58
C GLN C 336 8.27 22.19 6.77
N ILE C 337 8.27 22.74 7.99
CA ILE C 337 7.59 24.00 8.26
C ILE C 337 8.26 25.11 7.46
N ALA C 338 9.59 25.19 7.52
CA ALA C 338 10.34 26.20 6.76
C ALA C 338 10.09 26.09 5.24
N GLU C 339 10.05 24.87 4.72
CA GLU C 339 9.73 24.63 3.31
C GLU C 339 8.28 25.03 2.99
N THR C 340 7.38 24.82 3.93
CA THR C 340 5.97 25.15 3.74
C THR C 340 5.74 26.67 3.78
N LEU C 341 6.41 27.35 4.70
CA LEU C 341 6.41 28.80 4.76
C LEU C 341 6.87 29.35 3.43
N HIS C 342 7.98 28.84 2.92
CA HIS C 342 8.47 29.28 1.64
C HIS C 342 7.44 29.05 0.52
N GLU C 343 6.94 27.81 0.47
CA GLU C 343 5.92 27.36 -0.50
C GLU C 343 4.70 28.30 -0.60
N ARG C 344 4.20 28.76 0.54
CA ARG C 344 2.98 29.57 0.59
C ARG C 344 3.28 31.07 0.52
N GLY C 345 4.57 31.43 0.39
CA GLY C 345 4.97 32.83 0.30
C GLY C 345 4.92 33.62 1.61
N LEU C 346 5.28 32.96 2.71
CA LEU C 346 5.17 33.54 4.05
C LEU C 346 6.52 33.83 4.71
N VAL C 347 7.62 33.69 3.99
CA VAL C 347 8.91 34.08 4.54
C VAL C 347 9.10 35.58 4.35
N ARG C 348 8.78 36.32 5.41
CA ARG C 348 8.76 37.79 5.42
C ARG C 348 9.03 38.31 6.84
N PRO C 349 9.54 39.54 6.98
CA PRO C 349 9.58 40.20 8.29
C PRO C 349 8.16 40.48 8.76
N THR C 350 7.92 40.46 10.06
CA THR C 350 6.65 40.91 10.61
C THR C 350 6.85 42.31 11.14
N ALA C 351 5.94 43.21 10.78
CA ALA C 351 6.05 44.60 11.16
C ALA C 351 5.86 44.81 12.67
N GLU C 352 4.96 44.05 13.27
CA GLU C 352 4.58 44.25 14.67
C GLU C 352 5.10 43.12 15.56
N LEU C 353 6.02 43.45 16.45
CA LEU C 353 6.53 42.51 17.44
C LEU C 353 5.44 42.21 18.47
N LYS C 354 5.20 40.93 18.74
CA LYS C 354 4.14 40.48 19.63
C LYS C 354 4.69 39.60 20.77
N PHE C 355 5.99 39.70 21.01
CA PHE C 355 6.70 38.85 21.96
C PHE C 355 7.62 39.68 22.83
N GLU C 356 7.71 39.30 24.11
CA GLU C 356 8.48 40.04 25.10
C GLU C 356 9.98 39.97 24.81
N LEU C 357 10.62 41.13 24.79
CA LEU C 357 12.07 41.23 24.74
C LEU C 357 12.64 41.18 26.15
N LYS C 358 13.25 40.05 26.48
CA LYS C 358 13.98 39.88 27.73
C LYS C 358 15.40 40.40 27.51
N TYR D 3 1.85 -34.03 50.78
CA TYR D 3 1.41 -34.36 49.40
C TYR D 3 2.59 -34.81 48.57
N THR D 4 2.31 -35.64 47.56
CA THR D 4 3.23 -35.87 46.45
C THR D 4 2.93 -34.85 45.38
N VAL D 5 3.88 -33.94 45.14
CA VAL D 5 3.69 -32.89 44.16
C VAL D 5 4.62 -33.20 42.96
N ALA D 6 4.04 -33.11 41.75
CA ALA D 6 4.81 -33.16 40.50
C ALA D 6 4.81 -31.78 39.82
N VAL D 7 5.97 -31.40 39.27
CA VAL D 7 6.10 -30.22 38.43
C VAL D 7 6.43 -30.70 37.03
N VAL D 8 5.49 -30.56 36.10
CA VAL D 8 5.71 -30.91 34.70
C VAL D 8 6.27 -29.70 33.98
N GLY D 9 7.35 -29.89 33.23
CA GLY D 9 8.08 -28.80 32.62
C GLY D 9 8.89 -28.04 33.66
N ALA D 10 9.58 -28.79 34.53
CA ALA D 10 10.34 -28.23 35.65
C ALA D 10 11.62 -27.53 35.20
N THR D 11 12.09 -27.87 34.01
CA THR D 11 13.34 -27.35 33.46
C THR D 11 13.25 -25.89 32.97
N GLY D 12 12.05 -25.43 32.61
CA GLY D 12 11.88 -24.15 31.94
C GLY D 12 11.99 -22.93 32.82
N ALA D 13 11.60 -21.79 32.26
CA ALA D 13 11.71 -20.51 32.96
C ALA D 13 10.73 -20.45 34.12
N VAL D 14 9.46 -20.73 33.87
CA VAL D 14 8.47 -20.67 34.95
C VAL D 14 8.60 -21.94 35.80
N GLY D 15 9.07 -23.03 35.20
CA GLY D 15 9.38 -24.25 35.93
C GLY D 15 10.36 -24.01 37.07
N ALA D 16 11.43 -23.26 36.78
CA ALA D 16 12.44 -22.97 37.79
C ALA D 16 11.86 -22.10 38.92
N GLN D 17 10.97 -21.18 38.55
CA GLN D 17 10.28 -20.36 39.54
C GLN D 17 9.25 -21.17 40.33
N MET D 18 8.63 -22.14 39.68
CA MET D 18 7.67 -23.03 40.35
C MET D 18 8.38 -23.80 41.46
N ILE D 19 9.61 -24.22 41.19
CA ILE D 19 10.44 -24.88 42.19
C ILE D 19 10.69 -23.95 43.39
N LYS D 20 11.07 -22.71 43.11
CA LYS D 20 11.39 -21.76 44.18
C LYS D 20 10.21 -21.37 45.06
N MET D 21 9.04 -21.23 44.46
CA MET D 21 7.83 -20.90 45.20
C MET D 21 7.39 -22.07 46.09
N LEU D 22 7.63 -23.29 45.62
CA LEU D 22 7.35 -24.49 46.41
C LEU D 22 8.29 -24.63 47.59
N GLU D 23 9.55 -24.21 47.42
CA GLU D 23 10.54 -24.25 48.50
C GLU D 23 10.16 -23.36 49.67
N GLU D 24 9.44 -22.26 49.40
CA GLU D 24 9.03 -21.29 50.41
C GLU D 24 7.55 -21.43 50.77
N SER D 25 6.90 -22.47 50.27
CA SER D 25 5.47 -22.68 50.41
C SER D 25 5.07 -23.22 51.79
N THR D 26 3.80 -23.02 52.13
CA THR D 26 3.19 -23.58 53.35
C THR D 26 2.49 -24.90 53.02
N LEU D 27 2.51 -25.30 51.76
CA LEU D 27 1.95 -26.58 51.34
C LEU D 27 2.74 -27.69 52.02
N PRO D 28 2.07 -28.69 52.61
CA PRO D 28 2.77 -29.82 53.24
C PRO D 28 3.25 -30.82 52.19
N ILE D 29 4.56 -30.85 51.95
CA ILE D 29 5.13 -31.68 50.90
C ILE D 29 5.98 -32.81 51.50
N ASP D 30 5.53 -34.05 51.30
CA ASP D 30 6.30 -35.23 51.68
C ASP D 30 7.31 -35.64 50.60
N LYS D 31 6.90 -35.54 49.34
CA LYS D 31 7.74 -35.90 48.20
C LYS D 31 7.52 -34.97 47.01
N ILE D 32 8.52 -34.86 46.15
CA ILE D 32 8.43 -34.02 44.95
C ILE D 32 9.02 -34.74 43.73
N ARG D 33 8.35 -34.60 42.59
CA ARG D 33 8.82 -35.18 41.32
C ARG D 33 8.89 -34.11 40.23
N TYR D 34 9.87 -34.26 39.35
CA TYR D 34 10.03 -33.39 38.18
C TYR D 34 9.85 -34.19 36.91
N LEU D 35 9.09 -33.65 35.97
CA LEU D 35 8.86 -34.29 34.68
C LEU D 35 9.02 -33.30 33.53
N GLY D 42 15.81 -37.37 32.56
CA GLY D 42 17.12 -38.02 32.57
C GLY D 42 18.14 -37.31 33.45
N LYS D 43 18.04 -35.95 33.44
CA LYS D 43 18.95 -35.10 34.22
C LYS D 43 18.48 -35.01 35.68
N SER D 44 19.04 -34.05 36.43
CA SER D 44 18.58 -33.76 37.79
C SER D 44 18.53 -32.25 38.12
N LEU D 45 17.56 -31.87 38.93
CA LEU D 45 17.48 -30.52 39.51
C LEU D 45 17.24 -30.61 41.01
N LYS D 46 17.50 -29.51 41.71
CA LYS D 46 17.40 -29.50 43.18
C LYS D 46 16.02 -29.11 43.71
N PHE D 47 15.74 -29.56 44.93
CA PHE D 47 14.60 -29.10 45.73
C PHE D 47 15.10 -29.04 47.15
N LYS D 48 15.38 -27.83 47.63
CA LYS D 48 16.21 -27.62 48.82
C LYS D 48 17.56 -28.33 48.60
N ASP D 49 17.78 -29.46 49.27
CA ASP D 49 19.05 -30.20 49.16
C ASP D 49 18.90 -31.51 48.39
N GLN D 50 17.66 -31.86 48.07
CA GLN D 50 17.34 -33.11 47.39
C GLN D 50 17.49 -32.97 45.87
N ASP D 51 18.52 -33.61 45.32
CA ASP D 51 18.65 -33.72 43.88
C ASP D 51 17.60 -34.71 43.37
N ILE D 52 16.54 -34.18 42.75
CA ILE D 52 15.47 -34.98 42.18
C ILE D 52 15.87 -35.41 40.79
N THR D 53 15.38 -36.57 40.35
CA THR D 53 15.64 -37.06 39.00
C THR D 53 14.44 -36.84 38.09
N ILE D 54 14.69 -36.24 36.93
CA ILE D 54 13.61 -35.84 36.02
C ILE D 54 13.20 -37.03 35.16
N GLU D 55 11.89 -37.22 35.05
CA GLU D 55 11.31 -38.35 34.34
C GLU D 55 10.53 -37.89 33.11
N GLU D 56 10.33 -38.80 32.17
CA GLU D 56 9.56 -38.51 30.96
C GLU D 56 8.07 -38.45 31.30
N THR D 57 7.36 -37.53 30.66
CA THR D 57 5.93 -37.38 30.89
C THR D 57 5.16 -38.37 30.00
N THR D 58 4.39 -39.26 30.62
CA THR D 58 3.62 -40.27 29.91
C THR D 58 2.18 -40.37 30.42
N GLU D 59 1.41 -41.22 29.76
CA GLU D 59 0.02 -41.47 30.12
C GLU D 59 -0.11 -41.95 31.57
N THR D 60 0.76 -42.88 31.96
CA THR D 60 0.68 -43.55 33.26
C THR D 60 1.78 -43.08 34.25
N ALA D 61 2.21 -41.83 34.11
CA ALA D 61 3.26 -41.26 34.96
C ALA D 61 2.72 -40.52 36.19
N PHE D 62 1.40 -40.42 36.33
CA PHE D 62 0.81 -39.60 37.40
C PHE D 62 0.20 -40.41 38.55
N GLU D 63 0.51 -41.70 38.60
CA GLU D 63 0.08 -42.54 39.72
C GLU D 63 0.72 -42.02 41.01
N GLY D 64 -0.07 -42.03 42.10
CA GLY D 64 0.40 -41.59 43.40
C GLY D 64 0.46 -40.07 43.58
N VAL D 65 0.43 -39.32 42.49
CA VAL D 65 0.54 -37.86 42.55
C VAL D 65 -0.76 -37.27 43.11
N ASP D 66 -0.61 -36.34 44.06
CA ASP D 66 -1.75 -35.64 44.65
C ASP D 66 -1.97 -34.31 43.92
N ILE D 67 -0.89 -33.56 43.70
CA ILE D 67 -0.94 -32.29 42.98
C ILE D 67 0.10 -32.28 41.87
N ALA D 68 -0.31 -31.83 40.68
CA ALA D 68 0.59 -31.66 39.55
C ALA D 68 0.43 -30.26 38.96
N LEU D 69 1.50 -29.47 38.99
CA LEU D 69 1.58 -28.17 38.32
C LEU D 69 2.17 -28.28 36.92
N PHE D 70 1.36 -28.05 35.90
CA PHE D 70 1.80 -28.11 34.50
C PHE D 70 2.33 -26.77 33.99
N SER D 71 3.39 -26.81 33.19
CA SER D 71 3.90 -25.63 32.50
C SER D 71 4.92 -26.02 31.43
N ALA D 72 4.47 -26.82 30.46
CA ALA D 72 5.32 -27.33 29.39
C ALA D 72 4.65 -27.21 28.02
N GLY D 73 3.72 -26.27 27.88
CA GLY D 73 3.05 -26.01 26.62
C GLY D 73 1.67 -26.63 26.57
N SER D 74 0.80 -26.03 25.75
CA SER D 74 -0.58 -26.46 25.63
C SER D 74 -0.72 -27.86 25.04
N SER D 75 0.30 -28.30 24.29
CA SER D 75 0.33 -29.66 23.75
C SER D 75 0.55 -30.70 24.85
N THR D 76 1.45 -30.41 25.79
CA THR D 76 1.73 -31.33 26.90
C THR D 76 0.57 -31.42 27.91
N SER D 77 -0.23 -30.37 28.03
CA SER D 77 -1.36 -30.36 28.95
C SER D 77 -2.59 -31.09 28.38
N ALA D 78 -2.92 -30.83 27.12
CA ALA D 78 -4.07 -31.45 26.47
C ALA D 78 -3.95 -32.96 26.45
N LYS D 79 -2.75 -33.44 26.15
CA LYS D 79 -2.47 -34.86 26.03
C LYS D 79 -2.36 -35.57 27.39
N TYR D 80 -1.77 -34.92 28.38
CA TYR D 80 -1.35 -35.60 29.62
C TYR D 80 -2.11 -35.24 30.90
N ALA D 81 -2.70 -34.04 30.97
CA ALA D 81 -3.46 -33.64 32.15
C ALA D 81 -4.71 -34.50 32.41
N PRO D 82 -5.48 -34.83 31.36
CA PRO D 82 -6.67 -35.69 31.54
C PRO D 82 -6.34 -37.11 32.03
N TYR D 83 -5.12 -37.57 31.74
CA TYR D 83 -4.68 -38.86 32.27
C TYR D 83 -4.21 -38.68 33.72
N ALA D 84 -3.68 -37.51 34.05
CA ALA D 84 -3.35 -37.19 35.43
C ALA D 84 -4.62 -37.20 36.28
N VAL D 85 -5.67 -36.57 35.76
CA VAL D 85 -6.95 -36.43 36.48
C VAL D 85 -7.60 -37.78 36.74
N LYS D 86 -7.44 -38.72 35.81
CA LYS D 86 -8.00 -40.06 35.96
C LYS D 86 -7.13 -40.92 36.90
N ALA D 87 -5.88 -40.49 37.11
CA ALA D 87 -4.99 -41.09 38.12
C ALA D 87 -5.18 -40.48 39.51
N GLY D 88 -6.28 -39.60 39.62
CA GLY D 88 -6.71 -39.09 40.91
C GLY D 88 -5.82 -37.97 41.37
N VAL D 89 -5.30 -37.19 40.41
CA VAL D 89 -4.54 -35.98 40.69
C VAL D 89 -5.52 -34.82 40.57
N VAL D 90 -5.17 -33.71 41.35
CA VAL D 90 -5.65 -32.36 41.07
C VAL D 90 -4.54 -31.60 40.35
N VAL D 91 -4.83 -31.11 39.15
CA VAL D 91 -3.86 -30.44 38.30
C VAL D 91 -4.06 -28.93 38.30
N VAL D 92 -2.98 -28.19 38.46
CA VAL D 92 -2.96 -26.75 38.25
C VAL D 92 -2.18 -26.49 36.97
N ASP D 93 -2.89 -26.18 35.88
CA ASP D 93 -2.27 -25.99 34.56
C ASP D 93 -2.00 -24.52 34.18
N ASN D 94 -0.76 -24.24 33.82
CA ASN D 94 -0.31 -22.88 33.54
C ASN D 94 -0.43 -22.46 32.07
N THR D 95 -1.01 -23.32 31.23
CA THR D 95 -1.10 -23.07 29.79
C THR D 95 -2.49 -22.55 29.43
N SER D 96 -2.67 -22.22 28.15
CA SER D 96 -3.93 -21.65 27.67
C SER D 96 -5.02 -22.70 27.33
N TYR D 97 -4.63 -23.96 27.21
CA TYR D 97 -5.53 -24.96 26.63
C TYR D 97 -6.86 -25.17 27.37
N PHE D 98 -6.81 -25.30 28.69
CA PHE D 98 -8.01 -25.59 29.49
C PHE D 98 -8.70 -24.35 30.08
N ARG D 99 -8.22 -23.15 29.75
CA ARG D 99 -8.73 -21.92 30.38
C ARG D 99 -10.18 -21.61 30.03
N GLN D 100 -10.59 -21.86 28.79
CA GLN D 100 -11.94 -21.53 28.33
C GLN D 100 -12.91 -22.71 28.38
N ASN D 101 -12.49 -23.81 29.01
CA ASN D 101 -13.38 -24.94 29.29
C ASN D 101 -14.32 -24.56 30.44
N PRO D 102 -15.64 -24.65 30.23
CA PRO D 102 -16.63 -24.45 31.31
C PRO D 102 -16.46 -25.35 32.54
N ASP D 103 -15.92 -26.57 32.36
CA ASP D 103 -15.68 -27.51 33.46
C ASP D 103 -14.37 -27.20 34.20
N VAL D 104 -13.74 -26.08 33.88
CA VAL D 104 -12.43 -25.75 34.45
C VAL D 104 -12.46 -24.35 35.07
N PRO D 105 -12.28 -24.25 36.39
CA PRO D 105 -12.11 -22.93 37.01
C PRO D 105 -10.82 -22.25 36.54
N LEU D 106 -10.91 -20.95 36.29
CA LEU D 106 -9.78 -20.13 35.88
C LEU D 106 -9.59 -19.12 36.98
N VAL D 107 -8.51 -19.26 37.76
CA VAL D 107 -8.46 -18.69 39.11
C VAL D 107 -7.25 -17.80 39.41
N VAL D 108 -7.56 -16.65 39.98
CA VAL D 108 -6.63 -15.83 40.72
C VAL D 108 -7.14 -15.86 42.15
N PRO D 109 -6.40 -16.45 43.09
CA PRO D 109 -6.93 -16.70 44.45
C PRO D 109 -7.52 -15.51 45.21
N GLU D 110 -7.02 -14.30 44.97
CA GLU D 110 -7.53 -13.10 45.66
C GLU D 110 -8.89 -12.65 45.12
N VAL D 111 -9.23 -13.13 43.93
CA VAL D 111 -10.38 -12.66 43.17
C VAL D 111 -11.53 -13.69 43.14
N ASN D 112 -11.25 -14.91 42.69
CA ASN D 112 -12.29 -15.93 42.54
C ASN D 112 -11.92 -17.31 43.11
N ALA D 113 -11.45 -17.31 44.35
CA ALA D 113 -11.15 -18.56 45.08
C ALA D 113 -12.36 -19.50 45.20
N HIS D 114 -13.57 -18.93 45.27
CA HIS D 114 -14.80 -19.74 45.38
C HIS D 114 -14.96 -20.70 44.18
N ALA D 115 -14.54 -20.26 43.00
CA ALA D 115 -14.60 -21.07 41.77
C ALA D 115 -13.84 -22.41 41.83
N LEU D 116 -12.86 -22.51 42.73
CA LEU D 116 -12.13 -23.76 42.98
C LEU D 116 -12.96 -24.90 43.56
N ASP D 117 -14.05 -24.56 44.25
CA ASP D 117 -14.92 -25.54 44.92
C ASP D 117 -15.64 -26.48 43.94
N ALA D 118 -15.88 -26.02 42.72
CA ALA D 118 -16.57 -26.80 41.70
C ALA D 118 -15.64 -27.50 40.72
N HIS D 119 -14.33 -27.54 41.02
CA HIS D 119 -13.37 -28.10 40.06
C HIS D 119 -13.62 -29.59 39.81
N ASN D 120 -13.14 -30.03 38.66
CA ASN D 120 -13.29 -31.39 38.19
C ASN D 120 -11.92 -32.00 37.91
N GLY D 121 -10.92 -31.56 38.67
CA GLY D 121 -9.60 -32.13 38.63
C GLY D 121 -8.57 -31.26 37.92
N ILE D 122 -9.01 -30.25 37.17
CA ILE D 122 -8.12 -29.28 36.54
C ILE D 122 -8.48 -27.84 36.91
N ILE D 123 -7.49 -27.07 37.33
CA ILE D 123 -7.63 -25.65 37.59
C ILE D 123 -6.59 -24.95 36.72
N ALA D 124 -7.03 -23.98 35.92
CA ALA D 124 -6.14 -23.23 35.06
C ALA D 124 -5.66 -21.95 35.74
N CYS D 125 -4.34 -21.75 35.72
CA CYS D 125 -3.72 -20.46 36.04
C CYS D 125 -3.84 -19.58 34.79
N PRO D 126 -4.39 -18.36 34.90
CA PRO D 126 -4.57 -17.51 33.72
C PRO D 126 -3.27 -16.94 33.13
N ASN D 127 -3.41 -16.17 32.06
CA ASN D 127 -2.27 -15.51 31.42
C ASN D 127 -1.66 -14.48 32.37
N CYS D 128 -0.33 -14.38 32.35
CA CYS D 128 0.39 -13.46 33.23
C CYS D 128 -0.13 -12.02 33.15
N SER D 129 -0.36 -11.52 31.94
CA SER D 129 -0.81 -10.14 31.77
C SER D 129 -2.20 -9.94 32.35
N THR D 130 -3.03 -10.97 32.27
CA THR D 130 -4.38 -10.91 32.83
C THR D 130 -4.34 -10.88 34.36
N ILE D 131 -3.55 -11.76 34.96
CA ILE D 131 -3.55 -11.96 36.41
C ILE D 131 -3.25 -10.67 37.15
N GLN D 132 -2.18 -9.99 36.75
CA GLN D 132 -1.77 -8.77 37.45
C GLN D 132 -2.85 -7.68 37.30
N MET D 133 -3.51 -7.65 36.15
CA MET D 133 -4.61 -6.72 35.93
C MET D 133 -5.83 -7.03 36.83
N MET D 134 -6.11 -8.32 37.05
CA MET D 134 -7.22 -8.71 37.91
C MET D 134 -6.96 -8.34 39.36
N VAL D 135 -5.72 -8.45 39.80
CA VAL D 135 -5.36 -8.12 41.19
C VAL D 135 -5.56 -6.62 41.44
N ALA D 136 -5.16 -5.81 40.46
CA ALA D 136 -5.30 -4.37 40.54
C ALA D 136 -6.76 -3.90 40.46
N LEU D 137 -7.55 -4.52 39.60
CA LEU D 137 -8.89 -4.04 39.30
C LEU D 137 -10.00 -4.64 40.17
N GLU D 138 -9.77 -5.81 40.75
CA GLU D 138 -10.80 -6.43 41.59
C GLU D 138 -11.26 -5.54 42.76
N PRO D 139 -10.35 -4.91 43.50
CA PRO D 139 -10.76 -4.04 44.61
C PRO D 139 -11.57 -2.83 44.14
N VAL D 140 -11.34 -2.40 42.91
CA VAL D 140 -12.14 -1.34 42.31
C VAL D 140 -13.53 -1.85 41.93
N ARG D 141 -13.58 -3.00 41.26
CA ARG D 141 -14.84 -3.61 40.81
C ARG D 141 -15.83 -3.83 41.95
N GLN D 142 -15.33 -4.32 43.08
CA GLN D 142 -16.22 -4.71 44.17
C GLN D 142 -16.84 -3.49 44.88
N LYS D 143 -16.25 -2.30 44.72
CA LYS D 143 -16.83 -1.09 45.33
C LYS D 143 -17.61 -0.20 44.34
N TRP D 144 -17.16 -0.15 43.08
CA TRP D 144 -17.73 0.76 42.08
C TRP D 144 -18.03 0.11 40.72
N GLY D 145 -17.88 -1.19 40.60
CA GLY D 145 -18.16 -1.90 39.36
C GLY D 145 -17.17 -1.62 38.23
N LEU D 146 -17.27 -2.41 37.16
CA LEU D 146 -16.43 -2.25 35.97
C LEU D 146 -17.29 -2.34 34.71
N ASP D 147 -17.34 -1.24 33.96
CA ASP D 147 -18.03 -1.17 32.68
C ASP D 147 -17.12 -1.60 31.53
N ARG D 148 -15.95 -0.97 31.42
CA ARG D 148 -14.99 -1.37 30.41
C ARG D 148 -13.54 -1.21 30.82
N ILE D 149 -12.68 -1.86 30.04
CA ILE D 149 -11.24 -1.80 30.21
C ILE D 149 -10.60 -1.61 28.84
N ILE D 150 -9.64 -0.68 28.74
CA ILE D 150 -8.72 -0.63 27.62
C ILE D 150 -7.33 -0.72 28.21
N VAL D 151 -6.54 -1.67 27.73
CA VAL D 151 -5.21 -1.90 28.27
C VAL D 151 -4.16 -2.01 27.16
N SER D 152 -3.04 -1.34 27.34
CA SER D 152 -1.88 -1.43 26.46
C SER D 152 -0.71 -1.97 27.29
N THR D 153 -0.13 -3.09 26.88
CA THR D 153 0.87 -3.77 27.71
C THR D 153 2.31 -3.53 27.25
N TYR D 154 3.22 -3.71 28.19
CA TYR D 154 4.65 -3.47 28.00
C TYR D 154 5.33 -4.72 28.57
N GLN D 155 5.40 -5.76 27.76
CA GLN D 155 5.64 -7.11 28.26
C GLN D 155 7.08 -7.56 28.09
N ALA D 156 7.58 -8.23 29.12
CA ALA D 156 8.90 -8.82 29.19
C ALA D 156 9.02 -10.11 28.39
N VAL D 157 10.23 -10.38 27.92
CA VAL D 157 10.50 -11.52 27.05
C VAL D 157 10.51 -12.88 27.75
N SER D 158 10.60 -12.90 29.08
CA SER D 158 10.64 -14.17 29.82
C SER D 158 9.29 -14.88 29.76
N GLY D 159 8.23 -14.13 29.47
CA GLY D 159 6.93 -14.71 29.18
C GLY D 159 6.90 -15.64 27.98
N ALA D 160 7.91 -15.57 27.12
CA ALA D 160 8.04 -16.45 25.96
C ALA D 160 9.09 -17.56 26.16
N GLY D 161 9.59 -17.73 27.38
CA GLY D 161 10.49 -18.82 27.71
C GLY D 161 11.99 -18.50 27.68
N MET D 162 12.81 -19.47 28.09
CA MET D 162 14.25 -19.27 28.25
C MET D 162 14.93 -18.88 26.93
N GLY D 163 14.54 -19.53 25.84
CA GLY D 163 15.05 -19.19 24.51
C GLY D 163 14.91 -17.71 24.20
N ALA D 164 13.75 -17.15 24.56
CA ALA D 164 13.49 -15.72 24.34
C ALA D 164 14.38 -14.80 25.18
N ILE D 165 14.64 -15.20 26.43
CA ILE D 165 15.57 -14.45 27.30
C ILE D 165 16.96 -14.41 26.67
N LEU D 166 17.48 -15.56 26.27
CA LEU D 166 18.82 -15.68 25.71
C LEU D 166 18.94 -14.95 24.38
N GLU D 167 17.87 -14.96 23.59
CA GLU D 167 17.83 -14.25 22.32
C GLU D 167 17.90 -12.74 22.55
N THR D 168 17.20 -12.25 23.56
CA THR D 168 17.20 -10.82 23.88
C THR D 168 18.59 -10.37 24.36
N GLN D 169 19.22 -11.19 25.19
CA GLN D 169 20.54 -10.89 25.72
C GLN D 169 21.61 -10.92 24.63
N ARG D 170 21.49 -11.89 23.73
CA ARG D 170 22.42 -12.03 22.62
C ARG D 170 22.35 -10.83 21.68
N GLU D 171 21.15 -10.45 21.30
CA GLU D 171 20.94 -9.33 20.39
C GLU D 171 21.46 -8.03 20.98
N LEU D 172 21.18 -7.79 22.25
CA LEU D 172 21.63 -6.59 22.95
C LEU D 172 23.17 -6.51 22.95
N ARG D 173 23.83 -7.65 23.20
CA ARG D 173 25.29 -7.73 23.20
C ARG D 173 25.88 -7.51 21.82
N GLU D 174 25.21 -8.02 20.79
CA GLU D 174 25.67 -7.85 19.41
C GLU D 174 25.64 -6.36 19.01
N VAL D 175 24.65 -5.61 19.51
CA VAL D 175 24.55 -4.19 19.22
C VAL D 175 25.59 -3.42 20.04
N LEU D 176 25.57 -3.63 21.36
CA LEU D 176 26.35 -2.82 22.31
C LEU D 176 27.83 -3.19 22.39
N ASN D 177 28.16 -4.47 22.19
CA ASN D 177 29.54 -4.94 22.24
C ASN D 177 30.22 -5.09 20.87
N ASP D 178 29.47 -5.52 19.85
CA ASP D 178 30.02 -5.78 18.52
C ASP D 178 29.60 -4.76 17.45
N GLY D 179 28.79 -3.78 17.82
CA GLY D 179 28.42 -2.70 16.92
C GLY D 179 27.47 -3.05 15.79
N VAL D 180 26.71 -4.14 15.93
CA VAL D 180 25.67 -4.50 14.98
C VAL D 180 24.48 -3.55 15.10
N LYS D 181 23.95 -3.12 13.96
CA LYS D 181 22.78 -2.24 13.93
C LYS D 181 21.55 -3.09 14.24
N PRO D 182 20.59 -2.56 15.00
CA PRO D 182 19.39 -3.33 15.34
C PRO D 182 18.65 -3.98 14.16
N CYS D 183 18.66 -3.33 13.00
CA CYS D 183 18.01 -3.84 11.80
C CYS D 183 18.70 -5.02 11.13
N ASP D 184 19.99 -5.20 11.41
CA ASP D 184 20.76 -6.32 10.85
C ASP D 184 20.75 -7.55 11.75
N LEU D 185 20.10 -7.46 12.91
CA LEU D 185 20.03 -8.61 13.81
C LEU D 185 19.21 -9.74 13.21
N HIS D 186 19.63 -10.97 13.50
CA HIS D 186 18.88 -12.17 13.13
C HIS D 186 18.15 -12.66 14.37
N ALA D 187 16.83 -12.83 14.25
CA ALA D 187 15.99 -13.35 15.31
C ALA D 187 15.43 -14.71 14.88
N GLU D 188 15.23 -15.60 15.85
CA GLU D 188 14.73 -16.94 15.61
C GLU D 188 13.45 -17.29 16.39
N ILE D 189 13.11 -16.49 17.40
CA ILE D 189 12.02 -16.79 18.32
C ILE D 189 10.96 -15.68 18.34
N LEU D 190 11.35 -14.49 18.78
CA LEU D 190 10.43 -13.37 18.91
C LEU D 190 10.01 -12.79 17.54
N PRO D 191 8.81 -12.24 17.42
CA PRO D 191 7.83 -12.08 18.52
C PRO D 191 7.13 -13.34 19.01
N SER D 192 7.10 -14.37 18.18
CA SER D 192 6.35 -15.60 18.52
C SER D 192 6.99 -16.82 17.88
N GLY D 193 7.47 -17.73 18.74
CA GLY D 193 8.18 -18.92 18.31
C GLY D 193 7.48 -19.79 17.29
N GLY D 194 6.15 -19.83 17.34
CA GLY D 194 5.37 -20.65 16.43
C GLY D 194 4.88 -19.96 15.15
N ASP D 195 5.20 -18.67 14.97
CA ASP D 195 4.78 -17.95 13.76
C ASP D 195 5.88 -18.03 12.71
N LYS D 196 5.58 -17.54 11.50
CA LYS D 196 6.43 -17.75 10.34
C LYS D 196 7.66 -16.84 10.33
N LYS D 197 7.49 -15.61 10.80
CA LYS D 197 8.53 -14.59 10.71
C LYS D 197 8.99 -14.12 12.07
N HIS D 198 10.26 -13.77 12.17
CA HIS D 198 10.90 -13.43 13.43
C HIS D 198 11.61 -12.09 13.30
N TYR D 199 11.46 -11.25 14.32
CA TYR D 199 12.02 -9.89 14.34
C TYR D 199 12.83 -9.61 15.60
N PRO D 200 13.82 -8.71 15.49
CA PRO D 200 14.60 -8.26 16.64
C PRO D 200 13.76 -7.58 17.72
N ILE D 201 14.08 -7.85 18.97
CA ILE D 201 13.49 -7.13 20.10
C ILE D 201 14.41 -6.03 20.62
N ALA D 202 15.72 -6.20 20.46
CA ALA D 202 16.70 -5.21 20.93
C ALA D 202 16.37 -3.82 20.38
N PHE D 203 16.23 -2.86 21.29
CA PHE D 203 15.92 -1.46 20.93
C PHE D 203 14.65 -1.32 20.10
N ASN D 204 13.68 -2.18 20.37
CA ASN D 204 12.47 -2.27 19.57
C ASN D 204 11.24 -2.48 20.45
N ALA D 205 10.07 -2.29 19.85
CA ALA D 205 8.80 -2.54 20.51
C ALA D 205 7.92 -3.29 19.52
N LEU D 206 7.68 -4.58 19.78
CA LEU D 206 6.95 -5.43 18.84
C LEU D 206 5.49 -5.57 19.26
N PRO D 207 4.56 -5.01 18.48
CA PRO D 207 3.13 -5.11 18.79
C PRO D 207 2.53 -6.45 18.36
N GLN D 208 3.13 -7.54 18.83
CA GLN D 208 2.65 -8.88 18.58
C GLN D 208 3.17 -9.82 19.68
N ILE D 209 2.24 -10.42 20.39
CA ILE D 209 2.51 -11.49 21.32
C ILE D 209 1.53 -12.60 21.00
N ASP D 210 2.05 -13.82 20.92
CA ASP D 210 1.33 -14.95 20.36
C ASP D 210 1.06 -14.70 18.88
N VAL D 211 0.23 -15.54 18.26
CA VAL D 211 -0.09 -15.41 16.85
C VAL D 211 -1.40 -14.65 16.69
N PHE D 212 -1.71 -14.25 15.47
CA PHE D 212 -2.95 -13.52 15.20
C PHE D 212 -4.16 -14.44 15.12
N THR D 213 -5.32 -13.94 15.58
CA THR D 213 -6.61 -14.60 15.39
C THR D 213 -7.32 -13.97 14.20
N ASP D 214 -8.52 -14.47 13.88
CA ASP D 214 -9.27 -14.03 12.70
C ASP D 214 -9.85 -12.61 12.78
N ASN D 215 -9.91 -12.01 13.98
CA ASN D 215 -10.42 -10.64 14.09
C ASN D 215 -9.32 -9.57 14.13
N ASP D 216 -8.09 -9.99 13.83
CA ASP D 216 -6.90 -9.12 13.79
C ASP D 216 -6.38 -8.66 15.16
N TYR D 217 -6.97 -9.15 16.24
CA TYR D 217 -6.34 -9.11 17.56
C TYR D 217 -5.51 -10.37 17.68
N THR D 218 -4.43 -10.33 18.45
CA THR D 218 -3.60 -11.51 18.68
C THR D 218 -4.25 -12.39 19.75
N TYR D 219 -3.79 -13.63 19.82
CA TYR D 219 -4.30 -14.57 20.82
C TYR D 219 -4.05 -14.01 22.21
N GLU D 220 -2.93 -13.31 22.39
CA GLU D 220 -2.61 -12.70 23.69
C GLU D 220 -3.66 -11.66 24.06
N GLU D 221 -4.04 -10.84 23.09
CA GLU D 221 -5.02 -9.77 23.33
C GLU D 221 -6.41 -10.35 23.64
N MET D 222 -6.83 -11.36 22.88
CA MET D 222 -8.11 -12.01 23.08
C MET D 222 -8.16 -12.82 24.38
N LYS D 223 -7.00 -13.30 24.83
CA LYS D 223 -6.90 -13.99 26.12
C LYS D 223 -7.17 -13.01 27.26
N MET D 224 -6.65 -11.78 27.18
CA MET D 224 -6.94 -10.78 28.21
C MET D 224 -8.44 -10.48 28.28
N THR D 225 -9.08 -10.43 27.12
CA THR D 225 -10.51 -10.13 27.01
C THR D 225 -11.36 -11.22 27.67
N LYS D 226 -11.17 -12.44 27.21
CA LYS D 226 -12.05 -13.55 27.56
C LYS D 226 -11.79 -14.08 28.96
N GLU D 227 -10.53 -14.03 29.38
CA GLU D 227 -10.15 -14.48 30.72
C GLU D 227 -10.67 -13.51 31.78
N THR D 228 -10.62 -12.22 31.51
CA THR D 228 -11.19 -11.20 32.39
C THR D 228 -12.67 -11.50 32.63
N LYS D 229 -13.38 -11.77 31.55
CA LYS D 229 -14.80 -12.06 31.62
C LYS D 229 -15.11 -13.30 32.47
N LYS D 230 -14.24 -14.31 32.41
CA LYS D 230 -14.47 -15.56 33.15
C LYS D 230 -14.05 -15.45 34.61
N ILE D 231 -12.92 -14.80 34.86
CA ILE D 231 -12.41 -14.68 36.22
C ILE D 231 -13.35 -13.84 37.07
N MET D 232 -13.81 -12.72 36.50
CA MET D 232 -14.73 -11.82 37.20
C MET D 232 -16.19 -12.24 37.04
N GLU D 233 -16.43 -13.27 36.21
CA GLU D 233 -17.74 -13.88 36.02
C GLU D 233 -18.79 -12.86 35.59
N ASP D 234 -18.46 -12.10 34.55
CA ASP D 234 -19.30 -11.04 34.02
C ASP D 234 -18.95 -10.78 32.55
N ASP D 235 -19.79 -11.28 31.65
CA ASP D 235 -19.63 -11.09 30.21
C ASP D 235 -19.92 -9.65 29.76
N SER D 236 -20.54 -8.85 30.62
CA SER D 236 -20.85 -7.46 30.32
C SER D 236 -19.63 -6.53 30.38
N ILE D 237 -18.49 -7.00 30.89
CA ILE D 237 -17.28 -6.20 30.95
C ILE D 237 -16.65 -6.15 29.56
N ALA D 238 -16.66 -4.97 28.96
CA ALA D 238 -15.96 -4.73 27.70
C ALA D 238 -14.46 -4.65 27.95
N VAL D 239 -13.69 -5.49 27.25
CA VAL D 239 -12.23 -5.46 27.35
C VAL D 239 -11.62 -5.51 25.96
N SER D 240 -10.82 -4.50 25.65
CA SER D 240 -9.99 -4.52 24.44
C SER D 240 -8.53 -4.25 24.82
N ALA D 241 -7.63 -4.97 24.17
CA ALA D 241 -6.22 -4.96 24.54
C ALA D 241 -5.28 -4.83 23.36
N THR D 242 -4.16 -4.16 23.59
CA THR D 242 -3.03 -4.08 22.67
C THR D 242 -1.81 -4.61 23.41
N CYS D 243 -1.26 -5.73 22.98
CA CYS D 243 -0.15 -6.38 23.69
C CYS D 243 1.17 -6.23 22.94
N VAL D 244 2.17 -5.67 23.62
CA VAL D 244 3.44 -5.26 23.01
C VAL D 244 4.61 -5.84 23.82
N ARG D 245 5.59 -6.43 23.12
CA ARG D 245 6.82 -6.90 23.74
C ARG D 245 7.87 -5.79 23.70
N ILE D 246 8.54 -5.55 24.82
CA ILE D 246 9.62 -4.55 24.88
C ILE D 246 10.87 -5.22 25.44
N PRO D 247 12.03 -4.56 25.33
CA PRO D 247 13.30 -5.13 25.81
C PRO D 247 13.47 -5.09 27.34
N VAL D 248 12.66 -5.92 28.01
CA VAL D 248 12.70 -6.12 29.45
C VAL D 248 12.77 -7.64 29.62
N LEU D 249 13.65 -8.15 30.48
CA LEU D 249 13.74 -9.61 30.67
C LEU D 249 12.61 -10.13 31.56
N SER D 250 12.35 -9.43 32.66
CA SER D 250 11.31 -9.84 33.60
C SER D 250 10.47 -8.64 34.10
N ALA D 251 9.20 -8.94 34.37
CA ALA D 251 8.18 -8.03 34.89
C ALA D 251 7.41 -7.30 33.77
N HIS D 252 6.10 -7.52 33.73
CA HIS D 252 5.20 -6.83 32.80
C HIS D 252 4.68 -5.53 33.38
N SER D 253 4.53 -4.55 32.52
CA SER D 253 3.93 -3.29 32.88
C SER D 253 2.71 -3.09 32.00
N GLU D 254 1.71 -2.39 32.53
CA GLU D 254 0.45 -2.22 31.82
C GLU D 254 -0.10 -0.84 32.05
N SER D 255 -0.41 -0.15 30.96
CA SER D 255 -1.24 1.05 31.02
C SER D 255 -2.69 0.62 30.90
N VAL D 256 -3.42 0.79 32.00
CA VAL D 256 -4.78 0.30 32.13
C VAL D 256 -5.75 1.46 32.26
N TYR D 257 -6.76 1.48 31.40
CA TYR D 257 -7.86 2.43 31.51
C TYR D 257 -9.13 1.67 31.83
N ILE D 258 -9.88 2.16 32.81
CA ILE D 258 -11.18 1.59 33.14
C ILE D 258 -12.25 2.66 33.17
N GLU D 259 -13.49 2.24 32.92
CA GLU D 259 -14.65 3.02 33.31
C GLU D 259 -15.41 2.15 34.28
N THR D 260 -15.69 2.71 35.45
CA THR D 260 -16.47 2.06 36.49
C THR D 260 -17.94 2.27 36.22
N LYS D 261 -18.79 1.56 36.94
CA LYS D 261 -20.23 1.74 36.84
C LYS D 261 -20.72 2.94 37.66
N GLU D 262 -20.03 3.23 38.76
CA GLU D 262 -20.30 4.40 39.59
C GLU D 262 -18.99 5.19 39.74
N VAL D 263 -19.08 6.51 39.94
CA VAL D 263 -17.89 7.34 40.09
C VAL D 263 -17.09 6.90 41.33
N ALA D 264 -15.81 6.62 41.12
CA ALA D 264 -14.93 6.12 42.17
C ALA D 264 -13.93 7.21 42.54
N PRO D 265 -14.10 7.84 43.70
CA PRO D 265 -13.14 8.88 44.13
C PRO D 265 -11.72 8.32 44.17
N ILE D 266 -10.75 9.06 43.63
CA ILE D 266 -9.39 8.57 43.47
C ILE D 266 -8.70 8.24 44.81
N GLU D 267 -8.91 9.07 45.82
CA GLU D 267 -8.40 8.81 47.17
C GLU D 267 -8.89 7.46 47.67
N GLU D 268 -10.17 7.16 47.42
CA GLU D 268 -10.78 5.92 47.86
C GLU D 268 -10.31 4.71 47.03
N VAL D 269 -10.03 4.92 45.74
CA VAL D 269 -9.50 3.86 44.88
C VAL D 269 -8.11 3.45 45.35
N LYS D 270 -7.27 4.45 45.66
CA LYS D 270 -5.93 4.20 46.18
C LYS D 270 -6.00 3.38 47.46
N ALA D 271 -6.91 3.76 48.36
CA ALA D 271 -7.07 3.09 49.65
C ALA D 271 -7.55 1.64 49.50
N ALA D 272 -8.50 1.41 48.60
CA ALA D 272 -9.00 0.06 48.32
C ALA D 272 -7.92 -0.84 47.73
N ILE D 273 -7.09 -0.30 46.85
CA ILE D 273 -6.01 -1.06 46.25
C ILE D 273 -4.98 -1.40 47.32
N ALA D 274 -4.68 -0.42 48.18
CA ALA D 274 -3.70 -0.60 49.25
C ALA D 274 -4.13 -1.68 50.22
N ALA D 275 -5.44 -1.76 50.49
CA ALA D 275 -5.99 -2.73 51.45
C ALA D 275 -6.17 -4.12 50.86
N PHE D 276 -6.07 -4.24 49.54
CA PHE D 276 -6.38 -5.48 48.86
C PHE D 276 -5.20 -6.47 48.91
N PRO D 277 -5.44 -7.72 49.30
CA PRO D 277 -4.38 -8.74 49.37
C PRO D 277 -3.70 -8.92 48.01
N GLY D 278 -2.36 -8.90 47.99
CA GLY D 278 -1.60 -9.17 46.78
C GLY D 278 -1.30 -7.93 45.95
N ALA D 279 -1.97 -6.82 46.25
CA ALA D 279 -1.72 -5.53 45.59
C ALA D 279 -1.02 -4.58 46.56
N VAL D 280 -0.06 -3.83 46.03
CA VAL D 280 0.71 -2.83 46.78
C VAL D 280 0.56 -1.50 46.06
N LEU D 281 0.05 -0.49 46.77
CA LEU D 281 -0.02 0.87 46.22
C LEU D 281 1.38 1.52 46.22
N GLU D 282 1.86 1.85 45.04
CA GLU D 282 3.11 2.58 44.84
C GLU D 282 2.76 3.85 44.07
N ASP D 283 2.33 4.88 44.78
CA ASP D 283 1.73 6.04 44.13
C ASP D 283 1.94 7.29 44.96
N ASP D 284 3.02 8.01 44.66
CA ASP D 284 3.32 9.28 45.30
C ASP D 284 4.15 10.11 44.31
N VAL D 285 3.43 10.76 43.40
CA VAL D 285 4.04 11.47 42.27
C VAL D 285 4.86 12.69 42.72
N ALA D 286 4.52 13.25 43.88
CA ALA D 286 5.32 14.31 44.48
C ALA D 286 6.76 13.87 44.76
N HIS D 287 6.96 12.59 45.03
CA HIS D 287 8.30 12.00 45.19
C HIS D 287 8.65 11.00 44.07
N GLN D 288 8.03 11.19 42.89
CA GLN D 288 8.22 10.33 41.72
C GLN D 288 8.12 8.84 42.02
N ILE D 289 7.11 8.47 42.81
CA ILE D 289 6.87 7.08 43.18
C ILE D 289 5.76 6.47 42.30
N TYR D 290 6.13 5.41 41.58
CA TYR D 290 5.22 4.65 40.74
C TYR D 290 5.83 3.25 40.53
N PRO D 291 5.02 2.26 40.16
CA PRO D 291 5.58 0.94 39.86
C PRO D 291 6.64 0.97 38.74
N GLN D 292 7.66 0.14 38.91
CA GLN D 292 8.71 -0.04 37.94
C GLN D 292 9.03 -1.52 37.83
N ALA D 293 9.12 -2.01 36.60
CA ALA D 293 9.48 -3.39 36.32
C ALA D 293 10.72 -3.86 37.09
N ILE D 294 11.76 -3.05 37.11
CA ILE D 294 13.02 -3.44 37.74
C ILE D 294 12.92 -3.59 39.27
N ASN D 295 11.97 -2.90 39.89
CA ASN D 295 11.70 -3.03 41.33
C ASN D 295 10.74 -4.17 41.68
N ALA D 296 9.89 -4.56 40.73
CA ALA D 296 8.92 -5.64 40.95
C ALA D 296 9.55 -7.03 40.85
N VAL D 297 10.64 -7.15 40.09
CA VAL D 297 11.28 -8.46 39.88
C VAL D 297 11.65 -9.08 41.22
N GLY D 298 11.29 -10.35 41.40
CA GLY D 298 11.58 -11.09 42.63
C GLY D 298 10.52 -10.98 43.71
N SER D 299 9.48 -10.19 43.47
CA SER D 299 8.37 -10.02 44.43
C SER D 299 7.08 -10.68 43.93
N ARG D 300 6.32 -11.23 44.87
CA ARG D 300 5.00 -11.84 44.60
C ARG D 300 3.90 -10.80 44.40
N ASP D 301 4.18 -9.56 44.79
CA ASP D 301 3.15 -8.52 44.81
C ASP D 301 2.88 -7.96 43.43
N THR D 302 1.74 -7.28 43.31
CA THR D 302 1.38 -6.56 42.11
C THR D 302 1.34 -5.10 42.51
N PHE D 303 2.03 -4.26 41.75
CA PHE D 303 2.25 -2.87 42.10
C PHE D 303 1.43 -1.96 41.20
N VAL D 304 0.70 -1.03 41.82
CA VAL D 304 -0.22 -0.15 41.13
C VAL D 304 0.06 1.31 41.50
N GLY D 305 0.13 2.16 40.48
CA GLY D 305 0.29 3.59 40.67
C GLY D 305 -0.16 4.36 39.45
N ARG D 306 0.31 5.60 39.34
CA ARG D 306 -0.17 6.56 38.33
C ARG D 306 -1.69 6.64 38.29
N ILE D 307 -2.35 6.44 39.42
CA ILE D 307 -3.81 6.41 39.46
C ILE D 307 -4.33 7.83 39.36
N ARG D 308 -5.17 8.07 38.36
CA ARG D 308 -5.75 9.38 38.13
C ARG D 308 -7.01 9.30 37.28
N LYS D 309 -7.85 10.32 37.41
CA LYS D 309 -9.09 10.42 36.68
C LYS D 309 -8.77 10.72 35.25
N ASP D 310 -9.62 10.25 34.36
CA ASP D 310 -9.59 10.65 32.95
C ASP D 310 -9.93 12.14 32.90
N LEU D 311 -9.41 12.84 31.90
CA LEU D 311 -9.61 14.29 31.79
C LEU D 311 -11.01 14.68 31.35
N ASP D 312 -11.77 13.74 30.78
CA ASP D 312 -13.13 14.01 30.28
C ASP D 312 -14.22 13.03 30.73
N ALA D 313 -13.92 11.74 30.69
CA ALA D 313 -14.89 10.72 31.09
C ALA D 313 -15.10 10.70 32.60
N GLU D 314 -16.34 10.98 33.00
CA GLU D 314 -16.77 11.00 34.40
C GLU D 314 -16.31 9.79 35.20
N LYS D 315 -16.48 8.60 34.64
CA LYS D 315 -16.20 7.36 35.35
C LYS D 315 -14.87 6.69 34.91
N GLY D 316 -14.09 7.42 34.12
CA GLY D 316 -12.82 6.91 33.63
C GLY D 316 -11.65 7.09 34.57
N ILE D 317 -10.83 6.06 34.68
CA ILE D 317 -9.64 6.07 35.53
C ILE D 317 -8.45 5.39 34.80
N HIS D 318 -7.29 6.02 34.84
CA HIS D 318 -6.04 5.47 34.29
C HIS D 318 -5.17 5.02 35.45
N MET D 319 -4.36 4.00 35.20
CA MET D 319 -3.37 3.51 36.17
C MET D 319 -2.25 2.75 35.47
N TRP D 320 -1.27 2.36 36.26
CA TRP D 320 -0.05 1.70 35.79
C TRP D 320 0.16 0.51 36.72
N VAL D 321 0.22 -0.69 36.13
CA VAL D 321 0.26 -1.94 36.88
C VAL D 321 1.48 -2.75 36.47
N VAL D 322 2.24 -3.19 37.47
CA VAL D 322 3.48 -3.91 37.25
C VAL D 322 3.55 -5.14 38.16
N SER D 323 3.97 -6.26 37.59
CA SER D 323 4.23 -7.47 38.38
C SER D 323 5.24 -8.37 37.69
N ASP D 324 5.98 -9.14 38.49
CA ASP D 324 6.90 -10.13 37.97
C ASP D 324 6.06 -11.20 37.25
N ASN D 325 6.24 -11.32 35.93
CA ASN D 325 5.44 -12.22 35.10
C ASN D 325 5.70 -13.72 35.30
N LEU D 326 6.85 -14.05 35.89
CA LEU D 326 7.14 -15.44 36.24
C LEU D 326 6.67 -15.79 37.66
N LEU D 327 6.41 -14.80 38.50
CA LEU D 327 5.94 -15.05 39.86
C LEU D 327 4.43 -14.95 39.92
N LYS D 328 3.86 -13.79 40.21
CA LYS D 328 2.39 -13.68 40.25
C LYS D 328 1.77 -13.99 38.88
N GLY D 329 2.49 -13.68 37.80
CA GLY D 329 2.04 -13.98 36.45
C GLY D 329 2.01 -15.47 36.10
N ALA D 330 2.77 -16.29 36.82
CA ALA D 330 2.84 -17.73 36.54
C ALA D 330 3.01 -18.57 37.81
N ALA D 331 4.26 -18.71 38.26
CA ALA D 331 4.62 -19.72 39.26
C ALA D 331 3.98 -19.50 40.63
N TRP D 332 4.01 -18.26 41.12
CA TRP D 332 3.38 -17.93 42.40
C TRP D 332 1.87 -18.08 42.36
N ASN D 333 1.22 -17.64 41.28
CA ASN D 333 -0.23 -17.82 41.18
C ASN D 333 -0.61 -19.30 41.17
N SER D 334 0.23 -20.13 40.56
CA SER D 334 -0.02 -21.57 40.49
C SER D 334 0.15 -22.24 41.84
N VAL D 335 1.23 -21.88 42.54
CA VAL D 335 1.53 -22.44 43.86
C VAL D 335 0.53 -21.91 44.89
N GLN D 336 0.06 -20.68 44.72
CA GLN D 336 -0.94 -20.09 45.60
C GLN D 336 -2.31 -20.77 45.41
N ILE D 337 -2.62 -21.11 44.16
CA ILE D 337 -3.81 -21.92 43.88
C ILE D 337 -3.70 -23.25 44.61
N ALA D 338 -2.51 -23.86 44.59
CA ALA D 338 -2.28 -25.14 45.24
C ALA D 338 -2.45 -25.03 46.75
N GLU D 339 -1.95 -23.94 47.33
CA GLU D 339 -2.08 -23.69 48.77
C GLU D 339 -3.55 -23.49 49.16
N THR D 340 -4.30 -22.86 48.26
CA THR D 340 -5.69 -22.50 48.50
C THR D 340 -6.56 -23.74 48.40
N LEU D 341 -6.26 -24.60 47.43
CA LEU D 341 -6.89 -25.91 47.32
C LEU D 341 -6.67 -26.66 48.63
N HIS D 342 -5.43 -26.70 49.11
CA HIS D 342 -5.13 -27.39 50.38
C HIS D 342 -5.92 -26.83 51.56
N GLU D 343 -5.95 -25.51 51.71
CA GLU D 343 -6.56 -24.86 52.87
C GLU D 343 -8.10 -25.00 52.87
N ARG D 344 -8.66 -25.21 51.68
CA ARG D 344 -10.11 -25.34 51.51
C ARG D 344 -10.55 -26.82 51.45
N GLY D 345 -9.61 -27.74 51.64
CA GLY D 345 -9.92 -29.16 51.67
C GLY D 345 -10.24 -29.77 50.32
N LEU D 346 -9.81 -29.12 49.25
CA LEU D 346 -10.16 -29.50 47.88
C LEU D 346 -9.08 -30.30 47.16
N VAL D 347 -8.06 -30.75 47.86
CA VAL D 347 -7.04 -31.60 47.26
C VAL D 347 -7.49 -33.06 47.41
N ARG D 348 -8.40 -33.45 46.54
CA ARG D 348 -8.94 -34.82 46.50
C ARG D 348 -9.18 -35.24 45.05
N PRO D 349 -9.15 -36.55 44.77
CA PRO D 349 -9.36 -37.06 43.41
C PRO D 349 -10.80 -36.88 42.89
N THR D 350 -10.92 -36.82 41.57
CA THR D 350 -12.19 -36.59 40.89
C THR D 350 -12.71 -37.89 40.29
#